data_1O9A
#
_entry.id   1O9A
#
_cell.length_a   1.000
_cell.length_b   1.000
_cell.length_c   1.000
_cell.angle_alpha   90.00
_cell.angle_beta   90.00
_cell.angle_gamma   90.00
#
_symmetry.space_group_name_H-M   'P 1'
#
loop_
_entity.id
_entity.type
_entity.pdbx_description
1 polymer FIBRONECTIN
2 polymer 'FIBRONECTIN BINDING PROTEIN'
#
loop_
_entity_poly.entity_id
_entity_poly.type
_entity_poly.pdbx_seq_one_letter_code
_entity_poly.pdbx_strand_id
1 'polypeptide(L)'
;SKPGCYDNGKHYQINQQWERTYLGNALVCTCYGGSRGFNCESKPEAEETCFDKYTGNTYRVGDTYERPKDSMIWDCTCIG
AGRGRISCTIANR
;
A
2 'polypeptide(L)' EESLPTEQGQSGSTTEVEDSKPKLSIHFDNEWPKED B
#
# COMPACT_ATOMS: atom_id res chain seq x y z
N SER A 1 -7.14 -31.09 -11.34
CA SER A 1 -6.19 -29.95 -11.19
C SER A 1 -5.76 -29.42 -12.55
N LYS A 2 -6.03 -28.14 -12.79
CA LYS A 2 -5.66 -27.50 -14.04
C LYS A 2 -4.61 -26.41 -13.82
N PRO A 3 -3.54 -26.42 -14.63
CA PRO A 3 -2.46 -25.43 -14.51
C PRO A 3 -2.97 -24.00 -14.64
N GLY A 4 -3.10 -23.31 -13.51
CA GLY A 4 -3.58 -21.95 -13.51
C GLY A 4 -3.82 -21.41 -12.12
N CYS A 5 -2.87 -20.61 -11.63
CA CYS A 5 -2.98 -20.02 -10.29
C CYS A 5 -4.34 -19.38 -10.09
N TYR A 6 -5.09 -19.88 -9.12
CA TYR A 6 -6.41 -19.35 -8.81
C TYR A 6 -6.38 -18.55 -7.51
N ASP A 7 -6.80 -17.29 -7.59
CA ASP A 7 -6.81 -16.40 -6.43
C ASP A 7 -8.00 -16.71 -5.52
N ASN A 8 -7.99 -16.16 -4.31
CA ASN A 8 -9.06 -16.39 -3.34
C ASN A 8 -10.41 -15.93 -3.89
N GLY A 9 -10.41 -15.37 -5.10
CA GLY A 9 -11.65 -14.90 -5.70
C GLY A 9 -11.82 -15.37 -7.14
N LYS A 10 -10.90 -14.94 -8.00
CA LYS A 10 -10.96 -15.31 -9.41
C LYS A 10 -9.69 -16.04 -9.85
N HIS A 11 -9.79 -16.78 -10.95
CA HIS A 11 -8.64 -17.51 -11.48
C HIS A 11 -7.98 -16.74 -12.60
N TYR A 12 -6.64 -16.67 -12.55
CA TYR A 12 -5.88 -15.96 -13.58
C TYR A 12 -4.79 -16.84 -14.17
N GLN A 13 -4.31 -16.46 -15.34
CA GLN A 13 -3.27 -17.21 -16.03
C GLN A 13 -2.00 -17.32 -15.20
N ILE A 14 -1.10 -18.19 -15.62
CA ILE A 14 0.16 -18.39 -14.91
C ILE A 14 1.01 -17.13 -14.95
N ASN A 15 1.51 -16.74 -13.78
CA ASN A 15 2.34 -15.55 -13.66
C ASN A 15 1.55 -14.30 -14.04
N GLN A 16 0.23 -14.40 -14.06
CA GLN A 16 -0.62 -13.26 -14.38
C GLN A 16 -0.80 -12.37 -13.17
N GLN A 17 -1.07 -11.09 -13.40
CA GLN A 17 -1.27 -10.15 -12.31
C GLN A 17 -2.68 -9.59 -12.30
N TRP A 18 -3.14 -9.17 -11.13
CA TRP A 18 -4.48 -8.61 -10.99
C TRP A 18 -4.57 -7.69 -9.77
N GLU A 19 -5.47 -6.73 -9.83
CA GLU A 19 -5.64 -5.78 -8.74
C GLU A 19 -6.64 -6.30 -7.70
N ARG A 20 -6.17 -6.43 -6.46
CA ARG A 20 -7.01 -6.90 -5.36
C ARG A 20 -6.65 -6.16 -4.08
N THR A 21 -7.68 -5.77 -3.32
CA THR A 21 -7.48 -5.02 -2.09
C THR A 21 -7.45 -5.95 -0.88
N TYR A 22 -6.65 -5.56 0.12
CA TYR A 22 -6.52 -6.31 1.36
C TYR A 22 -6.74 -5.40 2.56
N LEU A 23 -7.89 -5.60 3.22
CA LEU A 23 -8.25 -4.81 4.40
C LEU A 23 -8.62 -3.38 4.03
N GLY A 24 -7.93 -2.80 3.06
CA GLY A 24 -8.22 -1.44 2.65
C GLY A 24 -7.24 -0.88 1.63
N ASN A 25 -6.19 -1.65 1.33
CA ASN A 25 -5.19 -1.22 0.36
C ASN A 25 -5.25 -2.07 -0.89
N ALA A 26 -5.19 -1.43 -2.05
CA ALA A 26 -5.23 -2.13 -3.31
C ALA A 26 -3.83 -2.59 -3.72
N LEU A 27 -3.60 -3.89 -3.64
CA LEU A 27 -2.30 -4.46 -4.01
C LEU A 27 -2.44 -5.40 -5.20
N VAL A 28 -1.56 -5.26 -6.19
CA VAL A 28 -1.60 -6.14 -7.35
C VAL A 28 -0.82 -7.42 -7.07
N CYS A 29 -1.46 -8.57 -7.24
CA CYS A 29 -0.81 -9.83 -6.96
C CYS A 29 -0.21 -10.44 -8.23
N THR A 30 0.78 -11.28 -8.02
CA THR A 30 1.46 -11.97 -9.12
C THR A 30 1.49 -13.47 -8.88
N CYS A 31 0.47 -14.16 -9.37
CA CYS A 31 0.35 -15.60 -9.20
C CYS A 31 1.60 -16.32 -9.72
N TYR A 32 1.77 -17.57 -9.27
CA TYR A 32 2.91 -18.38 -9.68
C TYR A 32 2.47 -19.78 -10.08
N GLY A 33 1.22 -20.12 -9.73
CA GLY A 33 0.70 -21.44 -10.06
C GLY A 33 1.30 -22.54 -9.21
N GLY A 34 0.48 -23.14 -8.34
CA GLY A 34 0.95 -24.21 -7.50
C GLY A 34 0.97 -23.83 -6.03
N SER A 35 1.96 -24.35 -5.30
CA SER A 35 2.10 -24.08 -3.87
C SER A 35 2.85 -22.78 -3.64
N ARG A 36 3.29 -22.14 -4.72
CA ARG A 36 4.02 -20.89 -4.61
C ARG A 36 3.08 -19.73 -4.27
N GLY A 37 1.79 -19.95 -4.47
CA GLY A 37 0.81 -18.92 -4.17
C GLY A 37 1.03 -17.66 -4.99
N PHE A 38 0.44 -16.56 -4.54
CA PHE A 38 0.58 -15.28 -5.23
C PHE A 38 0.98 -14.17 -4.25
N ASN A 39 1.86 -13.29 -4.70
CA ASN A 39 2.33 -12.19 -3.88
C ASN A 39 1.72 -10.86 -4.34
N CYS A 40 1.15 -10.11 -3.40
CA CYS A 40 0.53 -8.83 -3.73
C CYS A 40 1.49 -7.69 -3.43
N GLU A 41 1.33 -6.58 -4.16
CA GLU A 41 2.17 -5.41 -3.97
C GLU A 41 1.35 -4.12 -4.09
N SER A 42 1.56 -3.19 -3.18
CA SER A 42 0.84 -1.92 -3.19
C SER A 42 0.82 -1.32 -4.59
N LYS A 43 -0.38 -1.00 -5.07
CA LYS A 43 -0.54 -0.42 -6.40
C LYS A 43 -0.54 1.10 -6.34
N PRO A 44 -0.03 1.77 -7.40
CA PRO A 44 0.03 3.23 -7.45
C PRO A 44 -1.34 3.86 -7.70
N GLU A 45 -1.83 4.60 -6.71
CA GLU A 45 -3.13 5.25 -6.81
C GLU A 45 -3.05 6.48 -7.71
N ALA A 46 -4.10 7.29 -7.70
CA ALA A 46 -4.15 8.49 -8.52
C ALA A 46 -4.50 9.72 -7.67
N GLU A 47 -5.25 9.50 -6.60
CA GLU A 47 -5.65 10.57 -5.70
C GLU A 47 -4.80 10.57 -4.44
N GLU A 48 -3.50 10.82 -4.60
CA GLU A 48 -2.58 10.84 -3.47
C GLU A 48 -2.98 11.91 -2.46
N THR A 49 -3.13 11.51 -1.20
CA THR A 49 -3.51 12.43 -0.14
C THR A 49 -2.84 12.05 1.18
N CYS A 50 -2.92 12.95 2.14
CA CYS A 50 -2.34 12.72 3.47
C CYS A 50 -3.40 12.97 4.54
N PHE A 51 -3.70 11.93 5.32
CA PHE A 51 -4.71 12.03 6.36
C PHE A 51 -4.06 12.20 7.74
N ASP A 52 -4.64 13.10 8.54
CA ASP A 52 -4.14 13.35 9.89
C ASP A 52 -5.14 12.82 10.91
N LYS A 53 -4.77 11.71 11.55
CA LYS A 53 -5.63 11.09 12.56
C LYS A 53 -5.58 11.87 13.87
N TYR A 54 -4.92 13.01 13.85
CA TYR A 54 -4.80 13.85 15.03
C TYR A 54 -5.95 14.86 15.10
N THR A 55 -6.50 15.20 13.93
CA THR A 55 -7.61 16.15 13.87
C THR A 55 -8.77 15.57 13.06
N GLY A 56 -8.54 14.42 12.43
CA GLY A 56 -9.57 13.78 11.65
C GLY A 56 -9.85 14.50 10.34
N ASN A 57 -8.84 15.19 9.81
CA ASN A 57 -8.99 15.92 8.56
C ASN A 57 -8.09 15.34 7.48
N THR A 58 -8.45 15.57 6.22
CA THR A 58 -7.69 15.08 5.09
C THR A 58 -7.07 16.22 4.29
N TYR A 59 -5.89 15.96 3.75
CA TYR A 59 -5.17 16.93 2.94
C TYR A 59 -4.66 16.26 1.67
N ARG A 60 -4.25 17.06 0.69
CA ARG A 60 -3.76 16.51 -0.56
C ARG A 60 -2.23 16.54 -0.60
N VAL A 61 -1.65 15.67 -1.42
CA VAL A 61 -0.20 15.59 -1.55
C VAL A 61 0.37 16.93 -2.00
N GLY A 62 1.11 17.59 -1.10
CA GLY A 62 1.70 18.87 -1.41
C GLY A 62 1.10 20.00 -0.61
N ASP A 63 0.45 19.66 0.50
CA ASP A 63 -0.16 20.65 1.37
C ASP A 63 0.47 20.63 2.76
N THR A 64 0.19 21.66 3.56
CA THR A 64 0.72 21.76 4.91
C THR A 64 -0.33 22.30 5.88
N TYR A 65 -0.12 22.04 7.17
CA TYR A 65 -1.04 22.49 8.20
C TYR A 65 -0.36 22.57 9.55
N GLU A 66 -0.94 23.34 10.47
CA GLU A 66 -0.40 23.51 11.80
C GLU A 66 -1.35 22.95 12.85
N ARG A 67 -0.87 21.95 13.61
CA ARG A 67 -1.68 21.33 14.65
C ARG A 67 -0.84 21.05 15.90
N PRO A 68 -1.41 21.27 17.10
CA PRO A 68 -0.70 21.03 18.35
C PRO A 68 -0.65 19.54 18.71
N LYS A 69 0.25 19.19 19.63
CA LYS A 69 0.41 17.81 20.06
C LYS A 69 1.41 17.70 21.21
N ASP A 70 1.03 16.94 22.24
CA ASP A 70 1.88 16.74 23.40
C ASP A 70 2.27 18.06 24.05
N SER A 71 1.27 18.83 24.47
CA SER A 71 1.48 20.11 25.12
C SER A 71 2.33 21.05 24.25
N MET A 72 2.56 20.65 23.01
CA MET A 72 3.34 21.44 22.07
C MET A 72 2.55 21.72 20.80
N ILE A 73 3.24 22.18 19.77
CA ILE A 73 2.61 22.48 18.49
C ILE A 73 3.49 21.98 17.36
N TRP A 74 2.97 21.08 16.55
CA TRP A 74 3.72 20.52 15.44
C TRP A 74 3.18 21.00 14.09
N ASP A 75 4.09 21.45 13.23
CA ASP A 75 3.70 21.93 11.91
C ASP A 75 3.80 20.78 10.90
N CYS A 76 2.96 19.78 11.09
CA CYS A 76 2.94 18.60 10.23
C CYS A 76 2.68 18.98 8.78
N THR A 77 3.46 18.37 7.88
CA THR A 77 3.33 18.62 6.46
C THR A 77 2.89 17.35 5.73
N CYS A 78 2.06 17.50 4.71
CA CYS A 78 1.56 16.36 3.95
C CYS A 78 2.41 16.12 2.71
N ILE A 79 3.01 14.94 2.64
CA ILE A 79 3.86 14.58 1.51
C ILE A 79 3.28 13.41 0.72
N GLY A 80 4.00 12.98 -0.30
CA GLY A 80 3.54 11.87 -1.13
C GLY A 80 4.69 11.09 -1.73
N ALA A 81 5.40 11.72 -2.65
CA ALA A 81 6.53 11.10 -3.31
C ALA A 81 6.13 9.78 -3.97
N GLY A 82 5.11 9.84 -4.83
CA GLY A 82 4.65 8.65 -5.51
C GLY A 82 4.14 7.59 -4.56
N ARG A 83 3.75 8.01 -3.36
CA ARG A 83 3.24 7.09 -2.35
C ARG A 83 2.14 7.74 -1.52
N GLY A 84 2.55 8.51 -0.51
CA GLY A 84 1.59 9.18 0.35
C GLY A 84 1.95 9.06 1.82
N ARG A 85 2.98 9.80 2.24
CA ARG A 85 3.41 9.79 3.63
C ARG A 85 3.10 11.11 4.31
N ILE A 86 3.13 11.11 5.64
CA ILE A 86 2.85 12.32 6.41
C ILE A 86 4.03 12.66 7.32
N SER A 87 4.74 13.73 6.98
CA SER A 87 5.88 14.18 7.76
C SER A 87 5.43 15.13 8.87
N CYS A 88 5.86 14.84 10.09
CA CYS A 88 5.48 15.68 11.23
C CYS A 88 6.72 16.30 11.88
N THR A 89 6.74 17.62 11.93
CA THR A 89 7.86 18.35 12.52
C THR A 89 7.37 19.32 13.60
N ILE A 90 8.24 19.59 14.58
CA ILE A 90 7.90 20.48 15.67
C ILE A 90 8.10 21.94 15.25
N ALA A 91 7.38 22.84 15.90
CA ALA A 91 7.49 24.26 15.58
C ALA A 91 6.83 25.11 16.65
N ASN A 92 7.42 25.11 17.82
CA ASN A 92 6.90 25.88 18.95
C ASN A 92 7.02 27.37 18.69
N ARG A 93 5.88 28.04 18.54
CA ARG A 93 5.86 29.47 18.29
C ARG A 93 5.60 30.25 19.58
N SER B 13 11.80 23.66 16.45
CA SER B 13 11.68 22.87 15.19
C SER B 13 12.39 21.52 15.33
N THR B 14 11.61 20.45 15.42
CA THR B 14 12.17 19.10 15.55
C THR B 14 11.40 18.10 14.68
N THR B 15 12.01 17.70 13.58
CA THR B 15 11.38 16.74 12.67
C THR B 15 11.13 15.40 13.34
N GLU B 16 10.14 14.68 12.84
CA GLU B 16 9.79 13.37 13.39
C GLU B 16 9.42 12.40 12.28
N VAL B 17 8.36 12.72 11.54
CA VAL B 17 7.89 11.88 10.44
C VAL B 17 7.46 10.50 10.94
N GLU B 18 6.16 10.25 10.90
CA GLU B 18 5.60 8.97 11.34
C GLU B 18 5.19 8.14 10.14
N ASP B 19 5.49 8.64 8.95
CA ASP B 19 5.15 7.94 7.70
C ASP B 19 3.66 7.64 7.64
N SER B 20 3.27 6.73 6.74
CA SER B 20 1.88 6.35 6.59
C SER B 20 1.75 4.88 6.22
N LYS B 21 2.12 4.55 4.98
CA LYS B 21 2.04 3.18 4.49
C LYS B 21 3.11 2.92 3.43
N PRO B 22 4.39 2.88 3.84
CA PRO B 22 5.51 2.65 2.91
C PRO B 22 5.37 1.31 2.18
N LYS B 23 4.78 1.36 1.00
CA LYS B 23 4.58 0.15 0.19
C LYS B 23 3.77 -0.89 0.95
N LEU B 24 3.62 -2.07 0.35
CA LEU B 24 2.87 -3.16 0.97
C LEU B 24 2.98 -4.44 0.14
N SER B 25 3.50 -5.50 0.75
CA SER B 25 3.65 -6.77 0.07
C SER B 25 3.07 -7.91 0.91
N ILE B 26 2.09 -8.61 0.35
CA ILE B 26 1.45 -9.72 1.05
C ILE B 26 1.91 -11.06 0.49
N HIS B 27 1.24 -12.13 0.88
CA HIS B 27 1.58 -13.47 0.43
C HIS B 27 0.43 -14.44 0.70
N PHE B 28 -0.76 -14.07 0.28
CA PHE B 28 -1.94 -14.91 0.47
C PHE B 28 -1.75 -16.28 -0.16
N ASP B 29 -1.98 -17.33 0.62
CA ASP B 29 -1.83 -18.70 0.13
C ASP B 29 -3.04 -19.55 0.52
N ASN B 30 -3.53 -20.34 -0.43
CA ASN B 30 -4.68 -21.19 -0.20
C ASN B 30 -4.72 -22.35 -1.20
N GLU B 31 -5.09 -23.53 -0.72
CA GLU B 31 -5.17 -24.71 -1.58
C GLU B 31 -6.36 -24.62 -2.53
N TRP B 32 -6.48 -25.61 -3.41
CA TRP B 32 -7.57 -25.64 -4.38
C TRP B 32 -8.81 -26.31 -3.79
N PRO B 33 -10.00 -25.73 -4.02
CA PRO B 33 -11.26 -26.28 -3.50
C PRO B 33 -11.68 -27.55 -4.25
N LYS B 34 -11.15 -28.69 -3.80
CA LYS B 34 -11.48 -29.97 -4.42
C LYS B 34 -11.20 -31.12 -3.45
N GLU B 35 -11.28 -32.35 -3.97
CA GLU B 35 -11.04 -33.54 -3.16
C GLU B 35 -11.97 -33.57 -1.95
N ASP B 36 -13.18 -34.08 -2.15
CA ASP B 36 -14.17 -34.16 -1.08
C ASP B 36 -14.21 -35.58 -0.50
N SER A 1 0.03 -24.88 -19.87
CA SER A 1 -0.73 -26.11 -19.52
C SER A 1 -1.12 -26.12 -18.05
N LYS A 2 -0.30 -25.47 -17.23
CA LYS A 2 -0.56 -25.40 -15.79
C LYS A 2 -1.63 -24.36 -15.47
N PRO A 3 -2.56 -24.69 -14.57
CA PRO A 3 -3.64 -23.77 -14.17
C PRO A 3 -3.12 -22.44 -13.66
N GLY A 4 -1.94 -22.48 -13.03
CA GLY A 4 -1.35 -21.27 -12.49
C GLY A 4 -1.65 -21.08 -11.01
N CYS A 5 -2.54 -20.15 -10.71
CA CYS A 5 -2.91 -19.87 -9.33
C CYS A 5 -4.42 -19.64 -9.22
N TYR A 6 -4.92 -19.58 -7.98
CA TYR A 6 -6.34 -19.37 -7.74
C TYR A 6 -6.59 -18.20 -6.81
N ASP A 7 -7.08 -17.10 -7.37
CA ASP A 7 -7.42 -15.92 -6.58
C ASP A 7 -8.77 -16.10 -5.92
N ASN A 8 -9.12 -15.22 -4.99
CA ASN A 8 -10.40 -15.30 -4.27
C ASN A 8 -11.57 -15.58 -5.22
N GLY A 9 -11.79 -16.87 -5.50
CA GLY A 9 -12.89 -17.26 -6.37
C GLY A 9 -12.61 -17.04 -7.83
N LYS A 10 -11.62 -16.21 -8.14
CA LYS A 10 -11.27 -15.91 -9.53
C LYS A 10 -9.95 -16.58 -9.92
N HIS A 11 -9.90 -17.10 -11.14
CA HIS A 11 -8.70 -17.77 -11.64
C HIS A 11 -7.97 -16.87 -12.64
N TYR A 12 -6.65 -16.84 -12.52
CA TYR A 12 -5.82 -16.02 -13.41
C TYR A 12 -4.71 -16.84 -14.05
N GLN A 13 -4.11 -16.28 -15.10
CA GLN A 13 -3.04 -16.95 -15.82
C GLN A 13 -1.71 -16.83 -15.07
N ILE A 14 -0.77 -17.70 -15.44
CA ILE A 14 0.55 -17.71 -14.82
C ILE A 14 1.31 -16.43 -15.16
N ASN A 15 2.02 -15.89 -14.18
CA ASN A 15 2.79 -14.67 -14.37
C ASN A 15 1.87 -13.49 -14.68
N GLN A 16 0.55 -13.72 -14.61
CA GLN A 16 -0.41 -12.66 -14.87
C GLN A 16 -0.73 -11.92 -13.57
N GLN A 17 -0.77 -10.60 -13.64
CA GLN A 17 -1.05 -9.79 -12.46
C GLN A 17 -2.48 -9.27 -12.48
N TRP A 18 -2.98 -8.87 -11.31
CA TRP A 18 -4.33 -8.34 -11.19
C TRP A 18 -4.47 -7.54 -9.89
N GLU A 19 -5.37 -6.56 -9.91
CA GLU A 19 -5.59 -5.70 -8.75
C GLU A 19 -6.61 -6.32 -7.79
N ARG A 20 -6.29 -6.28 -6.51
CA ARG A 20 -7.18 -6.82 -5.48
C ARG A 20 -6.92 -6.12 -4.14
N THR A 21 -7.99 -5.73 -3.46
CA THR A 21 -7.88 -5.04 -2.18
C THR A 21 -7.84 -6.03 -1.02
N TYR A 22 -6.90 -5.79 -0.10
CA TYR A 22 -6.74 -6.63 1.08
C TYR A 22 -6.53 -5.77 2.32
N LEU A 23 -7.28 -6.08 3.38
CA LEU A 23 -7.18 -5.35 4.64
C LEU A 23 -7.51 -3.85 4.47
N GLY A 24 -7.73 -3.42 3.23
CA GLY A 24 -8.06 -2.04 2.98
C GLY A 24 -7.14 -1.37 1.97
N ASN A 25 -6.15 -2.11 1.48
CA ASN A 25 -5.21 -1.57 0.52
C ASN A 25 -5.32 -2.30 -0.82
N ALA A 26 -5.11 -1.56 -1.91
CA ALA A 26 -5.17 -2.14 -3.23
C ALA A 26 -3.78 -2.54 -3.71
N LEU A 27 -3.50 -3.84 -3.67
CA LEU A 27 -2.20 -4.35 -4.09
C LEU A 27 -2.34 -5.26 -5.30
N VAL A 28 -1.37 -5.19 -6.21
CA VAL A 28 -1.39 -6.03 -7.40
C VAL A 28 -0.72 -7.37 -7.10
N CYS A 29 -1.42 -8.45 -7.41
CA CYS A 29 -0.89 -9.79 -7.15
C CYS A 29 -0.22 -10.37 -8.38
N THR A 30 0.81 -11.18 -8.16
CA THR A 30 1.55 -11.81 -9.24
C THR A 30 1.40 -13.33 -9.18
N CYS A 31 0.83 -13.91 -10.24
CA CYS A 31 0.62 -15.35 -10.29
C CYS A 31 1.94 -16.11 -10.45
N TYR A 32 2.10 -17.15 -9.65
CA TYR A 32 3.32 -17.97 -9.70
C TYR A 32 3.03 -19.30 -10.39
N GLY A 33 2.38 -20.21 -9.67
CA GLY A 33 2.05 -21.51 -10.23
C GLY A 33 2.18 -22.63 -9.23
N GLY A 34 1.05 -23.16 -8.78
CA GLY A 34 1.06 -24.25 -7.82
C GLY A 34 0.88 -23.78 -6.40
N SER A 35 1.44 -24.54 -5.46
CA SER A 35 1.37 -24.23 -4.04
C SER A 35 2.16 -22.97 -3.71
N ARG A 36 2.80 -22.39 -4.72
CA ARG A 36 3.61 -21.19 -4.52
C ARG A 36 2.73 -19.96 -4.32
N GLY A 37 1.44 -20.09 -4.65
CA GLY A 37 0.53 -18.98 -4.49
C GLY A 37 1.00 -17.74 -5.24
N PHE A 38 0.32 -16.61 -4.99
CA PHE A 38 0.67 -15.35 -5.64
C PHE A 38 1.09 -14.31 -4.60
N ASN A 39 1.99 -13.42 -5.00
CA ASN A 39 2.48 -12.38 -4.11
C ASN A 39 1.83 -11.03 -4.46
N CYS A 40 1.29 -10.36 -3.45
CA CYS A 40 0.64 -9.07 -3.68
C CYS A 40 1.50 -7.93 -3.15
N GLU A 41 1.47 -6.81 -3.86
CA GLU A 41 2.25 -5.64 -3.46
C GLU A 41 1.47 -4.36 -3.71
N SER A 42 1.50 -3.45 -2.75
CA SER A 42 0.79 -2.17 -2.85
C SER A 42 0.95 -1.58 -4.24
N LYS A 43 -0.13 -0.98 -4.75
CA LYS A 43 -0.10 -0.37 -6.07
C LYS A 43 -0.02 1.16 -5.98
N PRO A 44 0.59 1.81 -6.97
CA PRO A 44 0.73 3.28 -6.98
C PRO A 44 -0.60 3.98 -7.26
N GLU A 45 -0.54 5.28 -7.51
CA GLU A 45 -1.72 6.06 -7.81
C GLU A 45 -2.32 5.68 -9.15
N ALA A 46 -3.45 6.29 -9.49
CA ALA A 46 -4.12 6.02 -10.76
C ALA A 46 -5.33 6.93 -10.94
N GLU A 47 -6.05 7.18 -9.85
CA GLU A 47 -7.24 8.04 -9.89
C GLU A 47 -6.89 9.46 -9.47
N GLU A 48 -5.62 9.71 -9.19
CA GLU A 48 -5.16 11.03 -8.78
C GLU A 48 -5.98 11.57 -7.62
N THR A 49 -5.81 12.87 -7.35
CA THR A 49 -6.52 13.55 -6.26
C THR A 49 -6.36 12.83 -4.93
N CYS A 50 -6.76 13.51 -3.87
CA CYS A 50 -6.68 12.97 -2.52
C CYS A 50 -7.69 13.67 -1.62
N PHE A 51 -8.44 12.90 -0.84
CA PHE A 51 -9.45 13.46 0.04
C PHE A 51 -8.96 13.61 1.47
N ASP A 52 -9.32 14.71 2.10
CA ASP A 52 -8.95 14.99 3.48
C ASP A 52 -10.21 14.97 4.35
N LYS A 53 -10.27 14.05 5.29
CA LYS A 53 -11.42 13.93 6.16
C LYS A 53 -11.28 14.84 7.37
N TYR A 54 -10.28 15.71 7.34
CA TYR A 54 -10.05 16.65 8.42
C TYR A 54 -10.81 17.94 8.15
N THR A 55 -11.25 18.10 6.91
CA THR A 55 -12.00 19.29 6.50
C THR A 55 -13.09 18.91 5.50
N GLY A 56 -13.05 17.67 5.03
CA GLY A 56 -14.04 17.20 4.08
C GLY A 56 -13.90 17.83 2.72
N ASN A 57 -12.67 17.99 2.25
CA ASN A 57 -12.41 18.58 0.96
C ASN A 57 -11.50 17.70 0.11
N THR A 58 -11.59 17.87 -1.21
CA THR A 58 -10.80 17.08 -2.15
C THR A 58 -9.79 17.96 -2.89
N TYR A 59 -8.61 17.40 -3.12
CA TYR A 59 -7.54 18.11 -3.83
C TYR A 59 -6.95 17.20 -4.90
N ARG A 60 -6.18 17.77 -5.81
CA ARG A 60 -5.57 16.99 -6.88
C ARG A 60 -4.11 16.68 -6.58
N VAL A 61 -3.62 15.58 -7.15
CA VAL A 61 -2.23 15.17 -6.94
C VAL A 61 -1.27 16.26 -7.40
N GLY A 62 -0.61 16.90 -6.45
CA GLY A 62 0.34 17.96 -6.78
C GLY A 62 -0.12 19.32 -6.29
N ASP A 63 -1.21 19.34 -5.54
CA ASP A 63 -1.75 20.58 -5.00
C ASP A 63 -1.47 20.70 -3.51
N THR A 64 -1.59 21.90 -2.98
CA THR A 64 -1.34 22.14 -1.55
C THR A 64 -2.38 23.08 -0.95
N TYR A 65 -2.48 23.05 0.37
CA TYR A 65 -3.43 23.89 1.10
C TYR A 65 -2.99 24.09 2.54
N GLU A 66 -3.51 25.13 3.18
CA GLU A 66 -3.18 25.44 4.55
C GLU A 66 -4.40 25.26 5.46
N ARG A 67 -4.28 24.35 6.43
CA ARG A 67 -5.36 24.09 7.36
C ARG A 67 -4.83 23.85 8.77
N PRO A 68 -5.57 24.29 9.81
CA PRO A 68 -5.15 24.11 11.20
C PRO A 68 -5.48 22.70 11.71
N LYS A 69 -4.89 22.33 12.84
CA LYS A 69 -5.13 21.00 13.41
C LYS A 69 -4.64 20.90 14.85
N ASP A 70 -5.52 20.40 15.72
CA ASP A 70 -5.22 20.21 17.15
C ASP A 70 -5.19 21.54 17.89
N SER A 71 -4.27 22.41 17.50
CA SER A 71 -4.12 23.72 18.12
C SER A 71 -3.11 24.56 17.35
N MET A 72 -2.64 24.01 16.23
CA MET A 72 -1.67 24.69 15.39
C MET A 72 -2.19 24.76 13.96
N ILE A 73 -1.30 25.03 13.01
CA ILE A 73 -1.67 25.11 11.61
C ILE A 73 -0.72 24.26 10.78
N TRP A 74 -1.28 23.30 10.06
CA TRP A 74 -0.50 22.40 9.23
C TRP A 74 -0.69 22.68 7.75
N ASP A 75 0.41 22.75 7.01
CA ASP A 75 0.36 22.98 5.58
C ASP A 75 0.38 21.65 4.84
N CYS A 76 -0.71 20.90 4.97
CA CYS A 76 -0.82 19.59 4.33
C CYS A 76 -0.65 19.69 2.82
N THR A 77 0.11 18.75 2.26
CA THR A 77 0.36 18.69 0.83
C THR A 77 -0.19 17.41 0.23
N CYS A 78 -0.73 17.49 -0.98
CA CYS A 78 -1.29 16.33 -1.64
C CYS A 78 -0.25 15.70 -2.58
N ILE A 79 0.00 14.41 -2.37
CA ILE A 79 0.98 13.69 -3.19
C ILE A 79 0.31 12.59 -4.00
N GLY A 80 1.11 11.80 -4.70
CA GLY A 80 0.57 10.73 -5.51
C GLY A 80 1.65 9.79 -6.02
N ALA A 81 2.80 10.35 -6.38
CA ALA A 81 3.92 9.57 -6.89
C ALA A 81 4.22 8.38 -5.98
N GLY A 82 4.21 8.62 -4.68
CA GLY A 82 4.48 7.56 -3.73
C GLY A 82 3.45 6.44 -3.79
N ARG A 83 2.27 6.70 -3.23
CA ARG A 83 1.20 5.71 -3.23
C ARG A 83 -0.14 6.38 -2.97
N GLY A 84 -0.42 7.45 -3.74
CA GLY A 84 -1.68 8.16 -3.60
C GLY A 84 -2.03 8.43 -2.15
N ARG A 85 -1.17 9.16 -1.45
CA ARG A 85 -1.41 9.48 -0.05
C ARG A 85 -1.38 10.99 0.19
N ILE A 86 -1.78 11.40 1.38
CA ILE A 86 -1.79 12.81 1.74
C ILE A 86 -0.82 13.10 2.88
N SER A 87 0.25 13.82 2.56
CA SER A 87 1.26 14.17 3.55
C SER A 87 0.89 15.45 4.28
N CYS A 88 0.93 15.39 5.62
CA CYS A 88 0.59 16.55 6.43
C CYS A 88 1.80 17.04 7.21
N THR A 89 2.20 18.28 6.96
CA THR A 89 3.36 18.86 7.62
C THR A 89 2.98 20.12 8.38
N ILE A 90 3.73 20.42 9.43
CA ILE A 90 3.48 21.60 10.25
C ILE A 90 4.06 22.84 9.60
N ALA A 91 3.50 24.00 9.92
CA ALA A 91 3.98 25.26 9.35
C ALA A 91 3.37 26.44 10.07
N ASN A 92 3.78 26.63 11.31
CA ASN A 92 3.30 27.73 12.13
C ASN A 92 3.92 29.05 11.71
N ARG A 93 3.11 29.93 11.13
CA ARG A 93 3.59 31.24 10.68
C ARG A 93 3.48 32.27 11.80
N SER B 13 8.22 23.96 10.83
CA SER B 13 7.69 22.91 9.92
C SER B 13 8.05 21.51 10.41
N THR B 14 7.04 20.67 10.60
CA THR B 14 7.24 19.30 11.06
C THR B 14 6.41 18.32 10.27
N THR B 15 7.06 17.56 9.38
CA THR B 15 6.37 16.58 8.56
C THR B 15 5.69 15.51 9.40
N GLU B 16 4.52 15.07 8.95
CA GLU B 16 3.74 14.06 9.66
C GLU B 16 2.82 13.31 8.70
N VAL B 17 3.41 12.60 7.74
CA VAL B 17 2.65 11.84 6.76
C VAL B 17 1.75 10.81 7.46
N GLU B 18 0.46 10.84 7.13
CA GLU B 18 -0.49 9.91 7.73
C GLU B 18 -0.36 8.53 7.10
N ASP B 19 0.38 8.46 6.00
CA ASP B 19 0.59 7.20 5.30
C ASP B 19 -0.74 6.53 4.94
N SER B 20 -1.36 7.01 3.88
CA SER B 20 -2.64 6.47 3.44
C SER B 20 -2.53 5.00 3.07
N LYS B 21 -1.77 4.72 2.01
CA LYS B 21 -1.57 3.35 1.56
C LYS B 21 -0.09 3.01 1.46
N PRO B 22 0.56 2.75 2.62
CA PRO B 22 1.98 2.41 2.66
C PRO B 22 2.30 1.16 1.86
N LYS B 23 3.59 0.86 1.73
CA LYS B 23 4.04 -0.32 0.99
C LYS B 23 3.60 -1.61 1.69
N LEU B 24 3.58 -2.70 0.94
CA LEU B 24 3.18 -3.99 1.48
C LEU B 24 3.66 -5.14 0.60
N SER B 25 3.61 -6.35 1.15
CA SER B 25 4.03 -7.54 0.42
C SER B 25 3.48 -8.80 1.07
N ILE B 26 2.58 -9.47 0.38
CA ILE B 26 1.96 -10.69 0.91
C ILE B 26 2.25 -11.89 0.02
N HIS B 27 2.31 -13.07 0.63
CA HIS B 27 2.57 -14.30 -0.11
C HIS B 27 1.31 -15.16 -0.15
N PHE B 28 0.20 -14.55 -0.58
CA PHE B 28 -1.08 -15.24 -0.67
C PHE B 28 -0.93 -16.58 -1.40
N ASP B 29 -1.74 -17.55 -1.00
CA ASP B 29 -1.70 -18.87 -1.61
C ASP B 29 -3.09 -19.27 -2.14
N ASN B 30 -3.19 -20.51 -2.60
CA ASN B 30 -4.46 -21.01 -3.13
C ASN B 30 -4.65 -22.49 -2.78
N GLU B 31 -3.63 -23.29 -3.04
CA GLU B 31 -3.67 -24.72 -2.76
C GLU B 31 -4.84 -25.39 -3.48
N TRP B 32 -5.32 -24.74 -4.53
CA TRP B 32 -6.45 -25.27 -5.32
C TRP B 32 -7.67 -25.50 -4.44
N PRO B 33 -8.61 -24.53 -4.40
CA PRO B 33 -9.82 -24.64 -3.61
C PRO B 33 -10.83 -25.60 -4.21
N LYS B 34 -11.65 -26.21 -3.36
CA LYS B 34 -12.66 -27.15 -3.82
C LYS B 34 -14.06 -26.71 -3.39
N GLU B 35 -15.07 -27.52 -3.71
CA GLU B 35 -16.44 -27.22 -3.37
C GLU B 35 -16.87 -25.86 -3.94
N ASP B 36 -17.99 -25.34 -3.45
CA ASP B 36 -18.50 -24.06 -3.93
C ASP B 36 -18.88 -23.16 -2.75
N SER A 1 -3.92 -30.22 -12.56
CA SER A 1 -3.26 -30.53 -13.85
C SER A 1 -3.14 -29.29 -14.73
N LYS A 2 -3.74 -28.19 -14.28
CA LYS A 2 -3.72 -26.94 -15.02
C LYS A 2 -2.83 -25.91 -14.31
N PRO A 3 -1.96 -25.22 -15.07
CA PRO A 3 -1.06 -24.20 -14.50
C PRO A 3 -1.81 -22.94 -14.08
N GLY A 4 -1.04 -21.90 -13.73
CA GLY A 4 -1.65 -20.65 -13.32
C GLY A 4 -1.75 -20.54 -11.80
N CYS A 5 -2.58 -19.61 -11.34
CA CYS A 5 -2.78 -19.41 -9.91
C CYS A 5 -4.26 -19.26 -9.59
N TYR A 6 -4.60 -19.40 -8.31
CA TYR A 6 -5.99 -19.28 -7.88
C TYR A 6 -6.18 -18.16 -6.86
N ASP A 7 -6.80 -17.08 -7.31
CA ASP A 7 -7.09 -15.95 -6.44
C ASP A 7 -8.38 -16.20 -5.67
N ASN A 8 -8.65 -15.38 -4.66
CA ASN A 8 -9.84 -15.54 -3.82
C ASN A 8 -11.10 -15.77 -4.66
N GLY A 9 -11.36 -17.03 -5.00
CA GLY A 9 -12.52 -17.39 -5.78
C GLY A 9 -12.37 -17.13 -7.27
N LYS A 10 -11.35 -16.35 -7.63
CA LYS A 10 -11.11 -16.04 -9.04
C LYS A 10 -9.87 -16.77 -9.56
N HIS A 11 -9.95 -17.25 -10.79
CA HIS A 11 -8.83 -17.96 -11.40
C HIS A 11 -8.11 -17.10 -12.43
N TYR A 12 -6.78 -17.10 -12.37
CA TYR A 12 -5.97 -16.31 -13.29
C TYR A 12 -4.90 -17.17 -13.97
N GLN A 13 -4.32 -16.65 -15.05
CA GLN A 13 -3.30 -17.38 -15.79
C GLN A 13 -1.93 -17.26 -15.15
N ILE A 14 -0.96 -17.98 -15.71
CA ILE A 14 0.40 -17.96 -15.21
C ILE A 14 1.07 -16.62 -15.49
N ASN A 15 1.81 -16.12 -14.52
CA ASN A 15 2.50 -14.84 -14.65
C ASN A 15 1.50 -13.70 -14.82
N GLN A 16 0.21 -14.01 -14.72
CA GLN A 16 -0.84 -13.01 -14.85
C GLN A 16 -0.96 -12.19 -13.58
N GLN A 17 -1.25 -10.91 -13.73
CA GLN A 17 -1.40 -10.02 -12.59
C GLN A 17 -2.79 -9.40 -12.56
N TRP A 18 -3.24 -9.03 -11.36
CA TRP A 18 -4.55 -8.43 -11.19
C TRP A 18 -4.59 -7.56 -9.94
N GLU A 19 -5.33 -6.45 -10.01
CA GLU A 19 -5.44 -5.53 -8.89
C GLU A 19 -6.57 -5.93 -7.95
N ARG A 20 -6.31 -5.85 -6.65
CA ARG A 20 -7.29 -6.19 -5.63
C ARG A 20 -6.98 -5.46 -4.34
N THR A 21 -8.03 -5.02 -3.65
CA THR A 21 -7.86 -4.29 -2.40
C THR A 21 -8.03 -5.21 -1.19
N TYR A 22 -7.17 -5.01 -0.20
CA TYR A 22 -7.20 -5.80 1.03
C TYR A 22 -7.17 -4.90 2.24
N LEU A 23 -8.25 -4.94 3.02
CA LEU A 23 -8.38 -4.13 4.23
C LEU A 23 -8.60 -2.66 3.89
N GLY A 24 -8.00 -2.20 2.80
CA GLY A 24 -8.14 -0.82 2.38
C GLY A 24 -7.05 -0.39 1.42
N ASN A 25 -6.11 -1.29 1.14
CA ASN A 25 -5.00 -0.97 0.24
C ASN A 25 -5.07 -1.83 -1.02
N ALA A 26 -4.93 -1.18 -2.17
CA ALA A 26 -4.97 -1.88 -3.45
C ALA A 26 -3.59 -2.42 -3.80
N LEU A 27 -3.45 -3.74 -3.74
CA LEU A 27 -2.19 -4.39 -4.05
C LEU A 27 -2.30 -5.20 -5.33
N VAL A 28 -1.27 -5.14 -6.17
CA VAL A 28 -1.26 -5.90 -7.40
C VAL A 28 -0.71 -7.29 -7.14
N CYS A 29 -1.45 -8.31 -7.56
CA CYS A 29 -1.04 -9.68 -7.33
C CYS A 29 -0.35 -10.26 -8.56
N THR A 30 0.62 -11.14 -8.30
CA THR A 30 1.36 -11.80 -9.38
C THR A 30 0.92 -13.25 -9.49
N CYS A 31 1.71 -14.06 -10.19
CA CYS A 31 1.37 -15.48 -10.35
C CYS A 31 2.60 -16.31 -10.66
N TYR A 32 2.73 -17.45 -9.98
CA TYR A 32 3.84 -18.36 -10.19
C TYR A 32 3.34 -19.79 -10.36
N GLY A 33 2.23 -20.10 -9.71
CA GLY A 33 1.66 -21.42 -9.78
C GLY A 33 0.87 -21.78 -8.54
N GLY A 34 -0.07 -22.72 -8.67
CA GLY A 34 -0.87 -23.13 -7.53
C GLY A 34 -0.03 -23.64 -6.39
N SER A 35 1.23 -23.98 -6.67
CA SER A 35 2.13 -24.48 -5.66
C SER A 35 3.01 -23.37 -5.09
N ARG A 36 3.43 -22.45 -5.95
CA ARG A 36 4.28 -21.34 -5.53
C ARG A 36 3.44 -20.16 -5.03
N GLY A 37 2.13 -20.30 -5.11
CA GLY A 37 1.24 -19.22 -4.66
C GLY A 37 1.48 -17.93 -5.41
N PHE A 38 0.79 -16.87 -5.00
CA PHE A 38 0.93 -15.58 -5.65
C PHE A 38 1.19 -14.48 -4.61
N ASN A 39 1.97 -13.48 -4.99
CA ASN A 39 2.30 -12.38 -4.09
C ASN A 39 1.50 -11.13 -4.44
N CYS A 40 0.87 -10.54 -3.42
CA CYS A 40 0.07 -9.34 -3.61
C CYS A 40 0.68 -8.17 -2.85
N GLU A 41 1.43 -7.32 -3.55
CA GLU A 41 2.06 -6.17 -2.91
C GLU A 41 1.35 -4.88 -3.27
N SER A 42 1.24 -3.99 -2.29
CA SER A 42 0.58 -2.71 -2.47
C SER A 42 1.04 -2.02 -3.76
N LYS A 43 0.12 -1.30 -4.39
CA LYS A 43 0.43 -0.60 -5.63
C LYS A 43 0.87 0.83 -5.35
N PRO A 44 1.74 1.40 -6.21
CA PRO A 44 2.24 2.77 -6.03
C PRO A 44 1.14 3.81 -6.23
N GLU A 45 0.69 4.41 -5.13
CA GLU A 45 -0.36 5.42 -5.17
C GLU A 45 0.14 6.69 -5.86
N ALA A 46 -0.69 7.72 -5.85
CA ALA A 46 -0.34 9.00 -6.46
C ALA A 46 -0.67 10.16 -5.54
N GLU A 47 -1.88 10.15 -4.99
CA GLU A 47 -2.32 11.20 -4.09
C GLU A 47 -2.30 10.72 -2.64
N GLU A 48 -1.12 10.34 -2.17
CA GLU A 48 -0.95 9.86 -0.79
C GLU A 48 -1.19 10.98 0.21
N THR A 49 -1.56 10.62 1.43
CA THR A 49 -1.80 11.59 2.49
C THR A 49 -1.44 11.02 3.85
N CYS A 50 -1.55 11.87 4.88
CA CYS A 50 -1.25 11.46 6.25
C CYS A 50 -2.20 12.16 7.21
N PHE A 51 -2.88 11.38 8.05
CA PHE A 51 -3.82 11.94 9.02
C PHE A 51 -3.19 12.06 10.40
N ASP A 52 -3.54 13.15 11.09
CA ASP A 52 -3.04 13.40 12.43
C ASP A 52 -4.17 13.25 13.44
N LYS A 53 -4.09 12.20 14.25
CA LYS A 53 -5.13 11.95 15.25
C LYS A 53 -4.93 12.84 16.48
N TYR A 54 -3.94 13.72 16.38
CA TYR A 54 -3.63 14.64 17.47
C TYR A 54 -4.41 15.94 17.32
N THR A 55 -4.72 16.29 16.08
CA THR A 55 -5.47 17.51 15.79
C THR A 55 -6.71 17.21 14.96
N GLY A 56 -6.75 16.01 14.38
CA GLY A 56 -7.89 15.60 13.58
C GLY A 56 -7.87 16.22 12.19
N ASN A 57 -6.69 16.55 11.69
CA ASN A 57 -6.55 17.15 10.37
C ASN A 57 -5.79 16.24 9.42
N THR A 58 -6.05 16.39 8.12
CA THR A 58 -5.39 15.59 7.11
C THR A 58 -4.44 16.42 6.26
N TYR A 59 -3.33 15.82 5.88
CA TYR A 59 -2.32 16.50 5.06
C TYR A 59 -1.90 15.62 3.90
N ARG A 60 -1.23 16.21 2.92
CA ARG A 60 -0.79 15.46 1.75
C ARG A 60 0.74 15.38 1.71
N VAL A 61 1.26 14.55 0.80
CA VAL A 61 2.71 14.40 0.65
C VAL A 61 3.34 15.67 0.13
N GLY A 62 4.21 16.28 0.94
CA GLY A 62 4.88 17.50 0.54
C GLY A 62 4.43 18.70 1.36
N ASP A 63 3.54 18.46 2.31
CA ASP A 63 3.03 19.52 3.16
C ASP A 63 3.63 19.43 4.56
N THR A 64 3.62 20.54 5.29
CA THR A 64 4.16 20.57 6.63
C THR A 64 3.26 21.37 7.57
N TYR A 65 3.39 21.12 8.87
CA TYR A 65 2.58 21.82 9.87
C TYR A 65 3.27 21.82 11.23
N GLU A 66 2.86 22.75 12.09
CA GLU A 66 3.41 22.85 13.42
C GLU A 66 2.34 22.57 14.47
N ARG A 67 2.56 21.52 15.28
CA ARG A 67 1.61 21.15 16.32
C ARG A 67 2.34 20.70 17.58
N PRO A 68 1.85 21.10 18.76
CA PRO A 68 2.47 20.72 20.04
C PRO A 68 2.12 19.29 20.43
N LYS A 69 2.76 18.79 21.50
CA LYS A 69 2.50 17.43 21.96
C LYS A 69 3.28 17.12 23.24
N ASP A 70 2.56 16.58 24.23
CA ASP A 70 3.14 16.20 25.52
C ASP A 70 3.43 17.42 26.38
N SER A 71 4.31 18.28 25.89
CA SER A 71 4.69 19.49 26.61
C SER A 71 5.58 20.36 25.73
N MET A 72 5.88 19.87 24.53
CA MET A 72 6.71 20.59 23.59
C MET A 72 5.93 20.87 22.31
N ILE A 73 6.63 21.22 21.24
CA ILE A 73 6.01 21.48 19.97
C ILE A 73 6.72 20.71 18.87
N TRP A 74 5.97 19.90 18.15
CA TRP A 74 6.54 19.07 17.08
C TRP A 74 6.20 19.63 15.70
N ASP A 75 7.22 19.86 14.89
CA ASP A 75 7.04 20.36 13.54
C ASP A 75 7.03 19.20 12.55
N CYS A 76 6.05 18.32 12.71
CA CYS A 76 5.93 17.14 11.86
C CYS A 76 5.74 17.51 10.39
N THR A 77 6.34 16.70 9.52
CA THR A 77 6.25 16.90 8.09
C THR A 77 5.55 15.70 7.45
N CYS A 78 4.73 15.97 6.44
CA CYS A 78 3.99 14.91 5.75
C CYS A 78 4.72 14.45 4.50
N ILE A 79 4.98 13.15 4.41
CA ILE A 79 5.66 12.58 3.26
C ILE A 79 4.81 11.49 2.62
N GLY A 80 5.35 10.84 1.60
CA GLY A 80 4.61 9.79 0.91
C GLY A 80 5.52 8.83 0.18
N ALA A 81 6.70 8.61 0.75
CA ALA A 81 7.68 7.71 0.15
C ALA A 81 7.09 6.32 -0.06
N GLY A 82 6.36 5.84 0.95
CA GLY A 82 5.75 4.53 0.85
C GLY A 82 4.31 4.59 0.36
N ARG A 83 3.45 5.19 1.17
CA ARG A 83 2.03 5.32 0.81
C ARG A 83 1.31 6.23 1.80
N GLY A 84 2.03 7.25 2.28
CA GLY A 84 1.44 8.18 3.23
C GLY A 84 2.30 8.37 4.46
N ARG A 85 3.58 8.02 4.34
CA ARG A 85 4.52 8.14 5.45
C ARG A 85 4.37 9.49 6.16
N ILE A 86 4.17 9.43 7.47
CA ILE A 86 4.02 10.63 8.28
C ILE A 86 5.24 10.86 9.17
N SER A 87 6.03 11.87 8.83
CA SER A 87 7.24 12.19 9.59
C SER A 87 6.94 13.19 10.69
N CYS A 88 7.28 12.83 11.92
CA CYS A 88 7.06 13.70 13.06
C CYS A 88 8.39 14.01 13.75
N THR A 89 8.76 15.28 13.74
CA THR A 89 10.00 15.72 14.36
C THR A 89 9.76 16.80 15.39
N ILE A 90 10.65 16.88 16.37
CA ILE A 90 10.52 17.87 17.43
C ILE A 90 11.12 19.20 16.98
N ALA A 91 10.69 20.28 17.61
CA ALA A 91 11.17 21.61 17.26
C ALA A 91 10.73 22.64 18.29
N ASN A 92 11.30 22.53 19.47
CA ASN A 92 10.99 23.45 20.56
C ASN A 92 11.49 24.85 20.26
N ARG A 93 10.56 25.76 19.95
CA ARG A 93 10.92 27.14 19.65
C ARG A 93 11.02 27.97 20.92
N SER B 13 15.47 19.81 17.85
CA SER B 13 14.72 18.99 16.85
C SER B 13 15.01 17.50 17.02
N THR B 14 13.95 16.70 17.17
CA THR B 14 14.10 15.26 17.34
C THR B 14 13.09 14.49 16.51
N THR B 15 13.55 13.86 15.43
CA THR B 15 12.68 13.10 14.55
C THR B 15 11.96 11.99 15.31
N GLU B 16 10.94 11.41 14.68
CA GLU B 16 10.16 10.34 15.30
C GLU B 16 9.36 9.55 14.27
N VAL B 17 9.54 9.87 12.99
CA VAL B 17 8.81 9.17 11.92
C VAL B 17 8.97 7.67 12.05
N GLU B 18 7.85 6.95 12.00
CA GLU B 18 7.87 5.50 12.11
C GLU B 18 7.49 4.84 10.79
N ASP B 19 7.84 5.52 9.69
CA ASP B 19 7.56 5.02 8.35
C ASP B 19 6.05 4.99 8.07
N SER B 20 5.37 4.00 8.65
CA SER B 20 3.92 3.85 8.49
C SER B 20 3.57 3.46 7.06
N LYS B 21 2.68 2.48 6.93
CA LYS B 21 2.25 1.99 5.62
C LYS B 21 3.44 1.54 4.78
N PRO B 22 4.24 0.58 5.30
CA PRO B 22 5.41 0.05 4.60
C PRO B 22 5.05 -1.05 3.61
N LYS B 23 4.22 -0.71 2.64
CA LYS B 23 3.79 -1.68 1.63
C LYS B 23 3.12 -2.88 2.28
N LEU B 24 3.08 -4.00 1.57
CA LEU B 24 2.47 -5.21 2.10
C LEU B 24 3.25 -6.45 1.68
N SER B 25 3.33 -6.70 0.38
CA SER B 25 4.04 -7.86 -0.15
C SER B 25 3.47 -9.15 0.43
N ILE B 26 2.14 -9.27 0.36
CA ILE B 26 1.46 -10.45 0.90
C ILE B 26 1.84 -11.71 0.14
N HIS B 27 1.79 -12.84 0.83
CA HIS B 27 2.12 -14.13 0.23
C HIS B 27 0.92 -15.05 0.21
N PHE B 28 -0.20 -14.55 -0.34
CA PHE B 28 -1.43 -15.32 -0.41
C PHE B 28 -1.18 -16.70 -1.02
N ASP B 29 -1.43 -17.75 -0.24
CA ASP B 29 -1.22 -19.12 -0.71
C ASP B 29 -2.56 -19.87 -0.77
N ASN B 30 -2.81 -20.50 -1.91
CA ASN B 30 -4.05 -21.25 -2.10
C ASN B 30 -3.86 -22.36 -3.13
N GLU B 31 -4.63 -23.43 -3.00
CA GLU B 31 -4.55 -24.56 -3.91
C GLU B 31 -5.81 -24.67 -4.75
N TRP B 32 -5.90 -25.73 -5.56
CA TRP B 32 -7.05 -25.97 -6.41
C TRP B 32 -8.20 -26.57 -5.62
N PRO B 33 -9.39 -25.95 -5.67
CA PRO B 33 -10.58 -26.44 -4.96
C PRO B 33 -10.91 -27.89 -5.30
N LYS B 34 -11.45 -28.09 -6.48
CA LYS B 34 -11.83 -29.44 -6.94
C LYS B 34 -10.63 -30.15 -7.56
N GLU B 35 -10.20 -31.22 -6.91
CA GLU B 35 -9.05 -32.00 -7.39
C GLU B 35 -9.39 -32.72 -8.70
N ASP B 36 -8.38 -33.31 -9.32
CA ASP B 36 -8.57 -34.01 -10.58
C ASP B 36 -8.60 -35.53 -10.35
N SER A 1 5.00 -24.37 -18.82
CA SER A 1 5.65 -25.24 -17.82
C SER A 1 5.01 -25.07 -16.44
N LYS A 2 3.99 -24.21 -16.36
CA LYS A 2 3.29 -23.96 -15.11
C LYS A 2 1.78 -23.99 -15.32
N PRO A 3 1.03 -24.47 -14.32
CA PRO A 3 -0.43 -24.56 -14.39
C PRO A 3 -1.10 -23.19 -14.26
N GLY A 4 -0.62 -22.40 -13.30
CA GLY A 4 -1.19 -21.08 -13.08
C GLY A 4 -1.42 -20.79 -11.61
N CYS A 5 -2.37 -19.92 -11.32
CA CYS A 5 -2.70 -19.56 -9.94
C CYS A 5 -4.17 -19.21 -9.81
N TYR A 6 -4.92 -20.06 -9.13
CA TYR A 6 -6.35 -19.85 -8.94
C TYR A 6 -6.63 -19.15 -7.61
N ASP A 7 -7.15 -17.94 -7.69
CA ASP A 7 -7.48 -17.15 -6.52
C ASP A 7 -8.79 -17.64 -5.90
N ASN A 8 -9.09 -17.18 -4.69
CA ASN A 8 -10.32 -17.58 -4.00
C ASN A 8 -11.56 -16.96 -4.64
N GLY A 9 -11.66 -17.07 -5.96
CA GLY A 9 -12.80 -16.51 -6.68
C GLY A 9 -12.59 -16.53 -8.18
N LYS A 10 -11.58 -15.79 -8.65
CA LYS A 10 -11.27 -15.72 -10.07
C LYS A 10 -9.99 -16.48 -10.39
N HIS A 11 -9.98 -17.15 -11.54
CA HIS A 11 -8.81 -17.92 -11.95
C HIS A 11 -7.87 -17.07 -12.81
N TYR A 12 -6.59 -17.04 -12.43
CA TYR A 12 -5.59 -16.28 -13.16
C TYR A 12 -4.46 -17.19 -13.63
N GLN A 13 -3.87 -16.84 -14.77
CA GLN A 13 -2.79 -17.65 -15.35
C GLN A 13 -1.43 -17.31 -14.73
N ILE A 14 -0.40 -17.97 -15.26
CA ILE A 14 0.97 -17.77 -14.78
C ILE A 14 1.44 -16.35 -15.09
N ASN A 15 2.15 -15.76 -14.14
CA ASN A 15 2.67 -14.41 -14.28
C ASN A 15 1.54 -13.42 -14.53
N GLN A 16 0.30 -13.86 -14.32
CA GLN A 16 -0.85 -13.00 -14.50
C GLN A 16 -1.05 -12.13 -13.26
N GLN A 17 -1.44 -10.88 -13.47
CA GLN A 17 -1.66 -9.96 -12.37
C GLN A 17 -3.10 -9.48 -12.32
N TRP A 18 -3.52 -9.04 -11.13
CA TRP A 18 -4.86 -8.54 -10.94
C TRP A 18 -4.90 -7.58 -9.75
N GLU A 19 -5.87 -6.67 -9.76
CA GLU A 19 -5.99 -5.67 -8.70
C GLU A 19 -6.78 -6.20 -7.50
N ARG A 20 -6.29 -5.88 -6.31
CA ARG A 20 -6.93 -6.30 -5.07
C ARG A 20 -6.59 -5.31 -3.96
N THR A 21 -7.38 -5.33 -2.89
CA THR A 21 -7.14 -4.43 -1.76
C THR A 21 -7.12 -5.19 -0.44
N TYR A 22 -6.20 -4.79 0.44
CA TYR A 22 -6.07 -5.43 1.75
C TYR A 22 -6.03 -4.39 2.87
N LEU A 23 -7.06 -4.43 3.71
CA LEU A 23 -7.17 -3.51 4.85
C LEU A 23 -7.41 -2.06 4.39
N GLY A 24 -7.16 -1.78 3.12
CA GLY A 24 -7.38 -0.45 2.61
C GLY A 24 -6.39 -0.06 1.51
N ASN A 25 -5.39 -0.92 1.29
CA ASN A 25 -4.39 -0.65 0.27
C ASN A 25 -4.60 -1.54 -0.94
N ALA A 26 -4.59 -0.94 -2.13
CA ALA A 26 -4.77 -1.70 -3.35
C ALA A 26 -3.43 -2.25 -3.85
N LEU A 27 -3.27 -3.56 -3.73
CA LEU A 27 -2.04 -4.22 -4.16
C LEU A 27 -2.33 -5.17 -5.33
N VAL A 28 -1.49 -5.11 -6.36
CA VAL A 28 -1.67 -6.00 -7.51
C VAL A 28 -0.96 -7.32 -7.25
N CYS A 29 -1.72 -8.40 -7.27
CA CYS A 29 -1.17 -9.72 -7.01
C CYS A 29 -0.59 -10.35 -8.27
N THR A 30 0.50 -11.10 -8.09
CA THR A 30 1.16 -11.79 -9.19
C THR A 30 0.80 -13.27 -9.12
N CYS A 31 1.49 -14.10 -9.90
CA CYS A 31 1.21 -15.54 -9.89
C CYS A 31 2.49 -16.36 -9.91
N TYR A 32 2.53 -17.35 -9.02
CA TYR A 32 3.68 -18.24 -8.91
C TYR A 32 3.24 -19.70 -9.06
N GLY A 33 2.19 -20.06 -8.33
CA GLY A 33 1.67 -21.41 -8.37
C GLY A 33 0.77 -21.73 -7.19
N GLY A 34 -0.06 -22.76 -7.33
CA GLY A 34 -0.96 -23.14 -6.26
C GLY A 34 -0.22 -23.44 -4.97
N SER A 35 1.01 -23.93 -5.09
CA SER A 35 1.82 -24.26 -3.92
C SER A 35 2.72 -23.09 -3.54
N ARG A 36 3.17 -22.34 -4.56
CA ARG A 36 4.05 -21.20 -4.33
C ARG A 36 3.24 -19.96 -3.98
N GLY A 37 1.92 -20.09 -3.97
CA GLY A 37 1.06 -18.97 -3.65
C GLY A 37 1.31 -17.77 -4.54
N PHE A 38 0.74 -16.63 -4.18
CA PHE A 38 0.90 -15.41 -4.96
C PHE A 38 1.19 -14.23 -4.03
N ASN A 39 1.97 -13.27 -4.51
CA ASN A 39 2.32 -12.09 -3.72
C ASN A 39 1.55 -10.87 -4.20
N CYS A 40 1.03 -10.08 -3.25
CA CYS A 40 0.29 -8.88 -3.58
C CYS A 40 0.99 -7.64 -3.04
N GLU A 41 1.71 -6.94 -3.90
CA GLU A 41 2.42 -5.73 -3.48
C GLU A 41 1.65 -4.48 -3.91
N SER A 42 1.65 -3.48 -3.04
CA SER A 42 0.95 -2.23 -3.31
C SER A 42 1.23 -1.74 -4.73
N LYS A 43 0.20 -1.25 -5.40
CA LYS A 43 0.35 -0.74 -6.76
C LYS A 43 0.57 0.77 -6.77
N PRO A 44 1.37 1.28 -7.73
CA PRO A 44 1.67 2.69 -7.86
C PRO A 44 0.70 3.41 -8.78
N GLU A 45 -0.15 4.25 -8.21
CA GLU A 45 -1.12 5.00 -8.99
C GLU A 45 -0.46 6.15 -9.74
N ALA A 46 -1.27 7.08 -10.23
CA ALA A 46 -0.76 8.23 -10.97
C ALA A 46 -0.83 9.49 -10.12
N GLU A 47 -1.92 9.65 -9.38
CA GLU A 47 -2.10 10.81 -8.51
C GLU A 47 -1.53 10.55 -7.13
N GLU A 48 -0.23 10.27 -7.08
CA GLU A 48 0.45 9.99 -5.81
C GLU A 48 0.40 11.20 -4.89
N THR A 49 0.30 10.93 -3.59
CA THR A 49 0.25 11.99 -2.59
C THR A 49 0.93 11.56 -1.29
N CYS A 50 0.93 12.45 -0.32
CA CYS A 50 1.53 12.16 0.99
C CYS A 50 0.69 12.78 2.11
N PHE A 51 0.25 11.94 3.04
CA PHE A 51 -0.57 12.41 4.15
C PHE A 51 0.26 12.63 5.40
N ASP A 52 -0.01 13.73 6.10
CA ASP A 52 0.69 14.06 7.32
C ASP A 52 -0.17 13.69 8.53
N LYS A 53 0.21 12.62 9.23
CA LYS A 53 -0.52 12.17 10.39
C LYS A 53 -0.24 13.06 11.60
N TYR A 54 0.49 14.13 11.36
CA TYR A 54 0.85 15.07 12.41
C TYR A 54 -0.19 16.18 12.53
N THR A 55 -0.78 16.53 11.40
CA THR A 55 -1.81 17.58 11.35
C THR A 55 -3.12 17.02 10.81
N GLY A 56 -3.02 16.16 9.82
CA GLY A 56 -4.21 15.56 9.23
C GLY A 56 -4.52 16.13 7.86
N ASN A 57 -3.51 16.61 7.17
CA ASN A 57 -3.70 17.19 5.85
C ASN A 57 -2.98 16.37 4.78
N THR A 58 -3.43 16.51 3.54
CA THR A 58 -2.85 15.78 2.42
C THR A 58 -2.17 16.73 1.43
N TYR A 59 -1.07 16.26 0.86
CA TYR A 59 -0.32 17.04 -0.12
C TYR A 59 0.00 16.19 -1.33
N ARG A 60 0.40 16.82 -2.42
CA ARG A 60 0.72 16.09 -3.64
C ARG A 60 2.23 16.04 -3.87
N VAL A 61 2.67 15.09 -4.70
CA VAL A 61 4.08 14.93 -5.00
C VAL A 61 4.62 16.15 -5.74
N GLY A 62 5.48 16.91 -5.07
CA GLY A 62 6.05 18.10 -5.68
C GLY A 62 5.66 19.38 -4.95
N ASP A 63 5.09 19.22 -3.76
CA ASP A 63 4.67 20.38 -2.96
C ASP A 63 5.43 20.44 -1.65
N THR A 64 5.40 21.60 -1.01
CA THR A 64 6.09 21.79 0.26
C THR A 64 5.22 22.53 1.27
N TYR A 65 5.51 22.32 2.56
CA TYR A 65 4.74 22.97 3.62
C TYR A 65 5.55 23.05 4.90
N GLU A 66 5.15 23.95 5.80
CA GLU A 66 5.83 24.12 7.06
C GLU A 66 4.93 23.71 8.23
N ARG A 67 5.37 22.71 8.99
CA ARG A 67 4.60 22.23 10.13
C ARG A 67 5.50 21.88 11.31
N PRO A 68 5.23 22.46 12.50
CA PRO A 68 6.02 22.21 13.71
C PRO A 68 5.96 20.74 14.12
N LYS A 69 6.72 20.38 15.16
CA LYS A 69 6.73 18.99 15.64
C LYS A 69 7.64 18.83 16.86
N ASP A 70 7.08 18.24 17.92
CA ASP A 70 7.79 17.98 19.16
C ASP A 70 8.01 19.26 19.95
N SER A 71 8.77 20.17 19.38
CA SER A 71 9.08 21.44 20.00
C SER A 71 9.81 22.35 19.03
N MET A 72 10.06 21.83 17.84
CA MET A 72 10.74 22.56 16.78
C MET A 72 9.88 22.58 15.54
N ILE A 73 10.12 23.53 14.64
CA ILE A 73 9.36 23.62 13.41
C ILE A 73 10.10 22.91 12.29
N TRP A 74 9.40 22.01 11.61
CA TRP A 74 10.00 21.23 10.53
C TRP A 74 9.47 21.67 9.16
N ASP A 75 10.38 21.95 8.24
CA ASP A 75 10.01 22.35 6.89
C ASP A 75 9.84 21.10 6.02
N CYS A 76 8.85 20.29 6.36
CA CYS A 76 8.59 19.06 5.64
C CYS A 76 8.26 19.31 4.17
N THR A 77 8.88 18.52 3.30
CA THR A 77 8.65 18.61 1.87
C THR A 77 8.06 17.30 1.35
N CYS A 78 7.10 17.41 0.43
CA CYS A 78 6.45 16.23 -0.13
C CYS A 78 7.12 15.80 -1.43
N ILE A 79 7.63 14.59 -1.45
CA ILE A 79 8.29 14.05 -2.63
C ILE A 79 7.59 12.79 -3.12
N GLY A 80 8.30 11.99 -3.92
CA GLY A 80 7.72 10.76 -4.42
C GLY A 80 8.72 9.90 -5.16
N ALA A 81 9.46 10.50 -6.07
CA ALA A 81 10.47 9.79 -6.85
C ALA A 81 9.86 8.57 -7.53
N GLY A 82 8.60 8.69 -7.95
CA GLY A 82 7.92 7.60 -8.61
C GLY A 82 7.54 6.50 -7.66
N ARG A 83 7.13 6.88 -6.44
CA ARG A 83 6.72 5.91 -5.44
C ARG A 83 6.02 6.60 -4.27
N GLY A 84 6.77 7.37 -3.50
CA GLY A 84 6.21 8.08 -2.36
C GLY A 84 7.20 8.20 -1.22
N ARG A 85 7.90 9.33 -1.16
CA ARG A 85 8.89 9.57 -0.12
C ARG A 85 8.66 10.92 0.55
N ILE A 86 7.91 10.92 1.65
CA ILE A 86 7.63 12.14 2.38
C ILE A 86 8.84 12.53 3.21
N SER A 87 9.52 13.60 2.79
CA SER A 87 10.72 14.07 3.49
C SER A 87 10.38 15.16 4.49
N CYS A 88 10.79 14.97 5.73
CA CYS A 88 10.56 15.95 6.78
C CYS A 88 11.88 16.47 7.32
N THR A 89 12.17 17.73 7.03
CA THR A 89 13.41 18.36 7.47
C THR A 89 13.17 19.43 8.53
N ILE A 90 14.17 19.64 9.36
CA ILE A 90 14.08 20.64 10.42
C ILE A 90 14.44 22.02 9.89
N ALA A 91 13.96 23.06 10.56
CA ALA A 91 14.25 24.42 10.14
C ALA A 91 13.86 25.41 11.22
N ASN A 92 14.63 25.38 12.29
CA ASN A 92 14.40 26.26 13.44
C ASN A 92 14.82 27.70 13.10
N ARG A 93 13.84 28.58 13.00
CA ARG A 93 14.10 29.98 12.68
C ARG A 93 13.92 30.86 13.91
N SER B 13 18.65 23.11 10.26
CA SER B 13 18.01 22.23 9.25
C SER B 13 18.50 20.79 9.38
N THR B 14 17.58 19.88 9.67
CA THR B 14 17.92 18.46 9.82
C THR B 14 16.94 17.56 9.06
N THR B 15 17.40 17.02 7.93
CA THR B 15 16.55 16.15 7.12
C THR B 15 16.12 14.90 7.88
N GLU B 16 14.87 14.51 7.70
CA GLU B 16 14.32 13.34 8.37
C GLU B 16 13.12 12.77 7.60
N VAL B 17 13.39 11.88 6.65
CA VAL B 17 12.32 11.28 5.85
C VAL B 17 11.42 10.41 6.73
N GLU B 18 10.12 10.67 6.67
CA GLU B 18 9.15 9.90 7.45
C GLU B 18 8.95 8.51 6.84
N ASP B 19 9.11 7.49 7.67
CA ASP B 19 8.95 6.11 7.22
C ASP B 19 9.93 5.78 6.10
N SER B 20 9.77 4.61 5.50
CA SER B 20 10.64 4.17 4.42
C SER B 20 9.92 4.26 3.08
N LYS B 21 9.04 3.31 2.81
CA LYS B 21 8.28 3.27 1.57
C LYS B 21 6.83 2.89 1.83
N PRO B 22 5.88 3.51 1.10
CA PRO B 22 4.45 3.24 1.25
C PRO B 22 4.04 1.93 0.60
N LYS B 23 4.97 1.31 -0.13
CA LYS B 23 4.71 0.04 -0.80
C LYS B 23 4.34 -1.05 0.21
N LEU B 24 3.73 -2.11 -0.28
CA LEU B 24 3.34 -3.23 0.57
C LEU B 24 3.62 -4.56 -0.10
N SER B 25 3.25 -5.65 0.58
CA SER B 25 3.46 -6.99 0.06
C SER B 25 2.73 -8.02 0.92
N ILE B 26 2.02 -8.93 0.28
CA ILE B 26 1.27 -9.96 1.00
C ILE B 26 1.44 -11.33 0.36
N HIS B 27 1.35 -12.38 1.17
CA HIS B 27 1.48 -13.75 0.69
C HIS B 27 0.21 -14.54 0.97
N PHE B 28 -0.91 -14.05 0.44
CA PHE B 28 -2.20 -14.71 0.63
C PHE B 28 -2.12 -16.20 0.30
N ASP B 29 -2.32 -17.04 1.32
CA ASP B 29 -2.27 -18.48 1.13
C ASP B 29 -3.68 -19.06 1.02
N ASN B 30 -4.54 -18.71 1.97
CA ASN B 30 -5.92 -19.20 1.97
C ASN B 30 -5.96 -20.72 1.99
N GLU B 31 -7.14 -21.28 1.72
CA GLU B 31 -7.31 -22.73 1.70
C GLU B 31 -7.39 -23.24 0.27
N TRP B 32 -6.27 -23.74 -0.23
CA TRP B 32 -6.21 -24.27 -1.59
C TRP B 32 -6.93 -25.61 -1.69
N PRO B 33 -7.84 -25.76 -2.67
CA PRO B 33 -8.60 -27.01 -2.86
C PRO B 33 -7.72 -28.15 -3.37
N LYS B 34 -7.67 -29.23 -2.60
CA LYS B 34 -6.88 -30.40 -2.95
C LYS B 34 -5.40 -30.04 -3.05
N GLU B 35 -4.62 -30.48 -2.05
CA GLU B 35 -3.20 -30.21 -2.02
C GLU B 35 -2.40 -31.40 -2.55
N ASP B 36 -1.59 -31.15 -3.57
CA ASP B 36 -0.78 -32.20 -4.17
C ASP B 36 0.50 -32.43 -3.36
N SER A 1 -5.08 -28.17 -18.55
CA SER A 1 -3.83 -28.77 -19.08
C SER A 1 -2.62 -27.88 -18.78
N LYS A 2 -2.88 -26.61 -18.49
CA LYS A 2 -1.82 -25.67 -18.19
C LYS A 2 -1.91 -25.18 -16.74
N PRO A 3 -0.84 -25.36 -15.95
CA PRO A 3 -0.81 -24.95 -14.54
C PRO A 3 -1.10 -23.47 -14.37
N GLY A 4 -1.37 -23.06 -13.14
CA GLY A 4 -1.66 -21.66 -12.86
C GLY A 4 -1.95 -21.42 -11.39
N CYS A 5 -2.68 -20.33 -11.11
CA CYS A 5 -3.03 -19.99 -9.74
C CYS A 5 -4.53 -19.71 -9.64
N TYR A 6 -5.03 -19.66 -8.42
CA TYR A 6 -6.45 -19.41 -8.19
C TYR A 6 -6.66 -18.35 -7.12
N ASP A 7 -7.10 -17.16 -7.55
CA ASP A 7 -7.35 -16.05 -6.65
C ASP A 7 -8.70 -16.23 -5.95
N ASN A 8 -8.96 -15.41 -4.93
CA ASN A 8 -10.21 -15.48 -4.17
C ASN A 8 -11.43 -15.60 -5.06
N GLY A 9 -11.76 -16.83 -5.44
CA GLY A 9 -12.92 -17.09 -6.28
C GLY A 9 -12.65 -16.88 -7.75
N LYS A 10 -11.60 -16.13 -8.08
CA LYS A 10 -11.25 -15.88 -9.48
C LYS A 10 -10.00 -16.65 -9.89
N HIS A 11 -10.03 -17.23 -11.08
CA HIS A 11 -8.90 -18.00 -11.58
C HIS A 11 -8.00 -17.15 -12.47
N TYR A 12 -6.70 -17.16 -12.18
CA TYR A 12 -5.73 -16.40 -12.95
C TYR A 12 -4.58 -17.28 -13.41
N GLN A 13 -3.80 -16.80 -14.37
CA GLN A 13 -2.67 -17.55 -14.90
C GLN A 13 -1.37 -17.19 -14.19
N ILE A 14 -0.31 -17.91 -14.53
CA ILE A 14 0.99 -17.67 -13.93
C ILE A 14 1.59 -16.38 -14.47
N ASN A 15 2.20 -15.59 -13.57
CA ASN A 15 2.81 -14.32 -13.95
C ASN A 15 1.74 -13.27 -14.26
N GLN A 16 0.49 -13.72 -14.36
CA GLN A 16 -0.61 -12.82 -14.62
C GLN A 16 -0.88 -11.96 -13.41
N GLN A 17 -0.92 -10.64 -13.60
CA GLN A 17 -1.16 -9.73 -12.50
C GLN A 17 -2.57 -9.17 -12.51
N TRP A 18 -3.05 -8.79 -11.34
CA TRP A 18 -4.39 -8.22 -11.20
C TRP A 18 -4.50 -7.42 -9.90
N GLU A 19 -5.40 -6.45 -9.90
CA GLU A 19 -5.60 -5.59 -8.74
C GLU A 19 -6.59 -6.19 -7.75
N ARG A 20 -6.23 -6.14 -6.46
CA ARG A 20 -7.07 -6.65 -5.39
C ARG A 20 -6.75 -5.94 -4.08
N THR A 21 -7.75 -5.33 -3.47
CA THR A 21 -7.56 -4.60 -2.22
C THR A 21 -7.73 -5.50 -1.01
N TYR A 22 -6.92 -5.24 0.02
CA TYR A 22 -6.96 -6.02 1.26
C TYR A 22 -7.05 -5.08 2.46
N LEU A 23 -8.21 -5.13 3.14
CA LEU A 23 -8.45 -4.31 4.32
C LEU A 23 -8.70 -2.84 3.97
N GLY A 24 -7.90 -2.31 3.04
CA GLY A 24 -8.07 -0.93 2.64
C GLY A 24 -7.03 -0.45 1.65
N ASN A 25 -6.11 -1.35 1.28
CA ASN A 25 -5.06 -1.00 0.32
C ASN A 25 -5.17 -1.87 -0.93
N ALA A 26 -5.05 -1.23 -2.09
CA ALA A 26 -5.13 -1.95 -3.35
C ALA A 26 -3.77 -2.53 -3.73
N LEU A 27 -3.64 -3.84 -3.63
CA LEU A 27 -2.39 -4.52 -3.95
C LEU A 27 -2.55 -5.38 -5.20
N VAL A 28 -1.54 -5.38 -6.06
CA VAL A 28 -1.58 -6.18 -7.28
C VAL A 28 -0.70 -7.42 -7.13
N CYS A 29 -1.27 -8.58 -7.43
CA CYS A 29 -0.54 -9.83 -7.33
C CYS A 29 0.06 -10.23 -8.67
N THR A 30 1.20 -10.91 -8.63
CA THR A 30 1.89 -11.35 -9.85
C THR A 30 1.49 -12.76 -10.27
N CYS A 31 1.19 -13.62 -9.28
CA CYS A 31 0.80 -15.00 -9.53
C CYS A 31 2.01 -15.87 -9.83
N TYR A 32 2.12 -16.98 -9.10
CA TYR A 32 3.24 -17.91 -9.28
C TYR A 32 2.75 -19.21 -9.91
N GLY A 33 1.64 -19.73 -9.39
CA GLY A 33 1.07 -20.96 -9.91
C GLY A 33 1.39 -22.16 -9.06
N GLY A 34 0.36 -22.84 -8.57
CA GLY A 34 0.56 -24.02 -7.74
C GLY A 34 0.51 -23.71 -6.27
N SER A 35 1.10 -24.59 -5.46
CA SER A 35 1.13 -24.41 -4.01
C SER A 35 2.02 -23.23 -3.62
N ARG A 36 2.65 -22.62 -4.62
CA ARG A 36 3.53 -21.48 -4.39
C ARG A 36 2.73 -20.22 -4.08
N GLY A 37 1.42 -20.28 -4.34
CA GLY A 37 0.57 -19.12 -4.09
C GLY A 37 1.00 -17.92 -4.90
N PHE A 38 0.31 -16.80 -4.71
CA PHE A 38 0.63 -15.58 -5.45
C PHE A 38 1.01 -14.46 -4.48
N ASN A 39 1.98 -13.65 -4.89
CA ASN A 39 2.43 -12.53 -4.05
C ASN A 39 1.85 -11.22 -4.55
N CYS A 40 1.25 -10.47 -3.62
CA CYS A 40 0.66 -9.18 -3.96
C CYS A 40 1.44 -8.04 -3.32
N GLU A 41 1.39 -6.86 -3.92
CA GLU A 41 2.10 -5.71 -3.40
C GLU A 41 1.27 -4.44 -3.58
N SER A 42 1.34 -3.54 -2.59
CA SER A 42 0.58 -2.30 -2.64
C SER A 42 0.75 -1.61 -3.99
N LYS A 43 -0.28 -0.92 -4.43
CA LYS A 43 -0.23 -0.22 -5.72
C LYS A 43 0.08 1.26 -5.54
N PRO A 44 0.83 1.86 -6.48
CA PRO A 44 1.19 3.27 -6.41
C PRO A 44 0.05 4.20 -6.84
N GLU A 45 -0.30 5.14 -5.97
CA GLU A 45 -1.38 6.07 -6.24
C GLU A 45 -0.99 7.03 -7.37
N ALA A 46 -1.87 8.00 -7.63
CA ALA A 46 -1.62 8.99 -8.67
C ALA A 46 -1.74 10.40 -8.12
N GLU A 47 -2.78 10.64 -7.33
CA GLU A 47 -3.01 11.95 -6.72
C GLU A 47 -2.67 11.92 -5.24
N GLU A 48 -1.39 11.74 -4.95
CA GLU A 48 -0.92 11.69 -3.57
C GLU A 48 -1.32 12.94 -2.79
N THR A 49 -1.86 12.73 -1.59
CA THR A 49 -2.28 13.83 -0.74
C THR A 49 -2.26 13.41 0.73
N CYS A 50 -2.53 14.37 1.62
CA CYS A 50 -2.54 14.09 3.05
C CYS A 50 -3.63 14.91 3.73
N PHE A 51 -4.47 14.25 4.50
CA PHE A 51 -5.56 14.92 5.21
C PHE A 51 -5.23 15.14 6.67
N ASP A 52 -5.66 16.28 7.20
CA ASP A 52 -5.43 16.61 8.60
C ASP A 52 -6.75 16.61 9.35
N LYS A 53 -6.91 15.63 10.25
CA LYS A 53 -8.12 15.52 11.03
C LYS A 53 -8.12 16.50 12.20
N TYR A 54 -7.08 17.33 12.25
CA TYR A 54 -6.94 18.31 13.30
C TYR A 54 -7.59 19.64 12.91
N THR A 55 -7.61 19.91 11.60
CA THR A 55 -8.21 21.12 11.08
C THR A 55 -9.29 20.81 10.04
N GLY A 56 -9.28 19.57 9.55
CA GLY A 56 -10.25 19.15 8.56
C GLY A 56 -9.95 19.67 7.17
N ASN A 57 -8.67 19.81 6.84
CA ASN A 57 -8.26 20.30 5.54
C ASN A 57 -7.36 19.29 4.83
N THR A 58 -7.36 19.34 3.50
CA THR A 58 -6.56 18.44 2.69
C THR A 58 -5.42 19.17 2.00
N TYR A 59 -4.28 18.50 1.90
CA TYR A 59 -3.10 19.07 1.25
C TYR A 59 -2.52 18.07 0.26
N ARG A 60 -1.64 18.53 -0.61
CA ARG A 60 -1.04 17.65 -1.59
C ARG A 60 0.37 17.24 -1.20
N VAL A 61 0.83 16.12 -1.74
CA VAL A 61 2.16 15.59 -1.45
C VAL A 61 3.25 16.66 -1.65
N GLY A 62 2.91 17.77 -2.28
CA GLY A 62 3.88 18.83 -2.50
C GLY A 62 3.42 20.16 -1.94
N ASP A 63 3.04 20.17 -0.66
CA ASP A 63 2.58 21.38 0.00
C ASP A 63 2.95 21.38 1.47
N THR A 64 2.89 22.56 2.08
CA THR A 64 3.22 22.72 3.50
C THR A 64 2.20 23.60 4.20
N TYR A 65 2.06 23.42 5.51
CA TYR A 65 1.11 24.20 6.29
C TYR A 65 1.50 24.26 7.77
N GLU A 66 0.96 25.25 8.47
CA GLU A 66 1.24 25.42 9.90
C GLU A 66 0.01 25.05 10.72
N ARG A 67 0.18 24.09 11.64
CA ARG A 67 -0.92 23.65 12.49
C ARG A 67 -0.45 23.40 13.91
N PRO A 68 -1.03 24.11 14.90
CA PRO A 68 -0.65 23.96 16.31
C PRO A 68 -1.15 22.63 16.89
N LYS A 69 -0.63 22.27 18.07
CA LYS A 69 -1.02 21.03 18.74
C LYS A 69 -0.24 20.83 20.03
N ASP A 70 -0.90 20.25 21.02
CA ASP A 70 -0.27 19.98 22.32
C ASP A 70 0.26 21.26 22.97
N SER A 71 -0.56 22.31 22.95
CA SER A 71 -0.19 23.60 23.53
C SER A 71 0.95 24.27 22.78
N MET A 72 1.45 23.62 21.73
CA MET A 72 2.52 24.17 20.93
C MET A 72 2.05 24.39 19.49
N ILE A 73 3.01 24.53 18.58
CA ILE A 73 2.68 24.73 17.17
C ILE A 73 3.56 23.82 16.31
N TRP A 74 2.93 23.05 15.44
CA TRP A 74 3.65 22.13 14.57
C TRP A 74 3.59 22.58 13.11
N ASP A 75 4.76 22.71 12.50
CA ASP A 75 4.84 23.11 11.09
C ASP A 75 4.81 21.87 10.22
N CYS A 76 3.69 21.17 10.24
CA CYS A 76 3.53 19.94 9.47
C CYS A 76 3.73 20.18 7.97
N THR A 77 4.49 19.30 7.35
CA THR A 77 4.76 19.38 5.92
C THR A 77 4.21 18.15 5.23
N CYS A 78 3.64 18.33 4.04
CA CYS A 78 3.07 17.23 3.29
C CYS A 78 4.07 16.68 2.27
N ILE A 79 4.40 15.40 2.40
CA ILE A 79 5.34 14.76 1.50
C ILE A 79 4.69 13.58 0.78
N GLY A 80 5.52 12.67 0.29
CA GLY A 80 4.99 11.51 -0.41
C GLY A 80 5.96 10.34 -0.40
N ALA A 81 7.14 10.56 -0.95
CA ALA A 81 8.16 9.52 -1.01
C ALA A 81 7.65 8.28 -1.74
N GLY A 82 6.77 8.49 -2.71
CA GLY A 82 6.22 7.39 -3.46
C GLY A 82 5.27 6.54 -2.63
N ARG A 83 4.73 7.12 -1.57
CA ARG A 83 3.81 6.41 -0.69
C ARG A 83 2.85 7.37 -0.01
N GLY A 84 2.95 8.64 -0.36
CA GLY A 84 2.09 9.65 0.23
C GLY A 84 2.15 9.66 1.74
N ARG A 85 3.21 10.24 2.29
CA ARG A 85 3.39 10.31 3.73
C ARG A 85 3.25 11.75 4.23
N ILE A 86 2.77 11.89 5.46
CA ILE A 86 2.59 13.21 6.07
C ILE A 86 3.58 13.42 7.20
N SER A 87 4.54 14.32 6.99
CA SER A 87 5.57 14.61 7.98
C SER A 87 5.14 15.76 8.88
N CYS A 88 5.18 15.54 10.19
CA CYS A 88 4.81 16.57 11.16
C CYS A 88 5.99 16.90 12.07
N THR A 89 6.37 18.18 12.09
CA THR A 89 7.49 18.62 12.90
C THR A 89 7.08 19.78 13.80
N ILE A 90 7.76 19.91 14.94
CA ILE A 90 7.47 20.98 15.90
C ILE A 90 8.18 22.27 15.50
N ALA A 91 7.59 23.40 15.86
CA ALA A 91 8.17 24.70 15.54
C ALA A 91 7.46 25.82 16.29
N ASN A 92 7.64 25.83 17.60
CA ASN A 92 7.04 26.83 18.45
C ASN A 92 7.75 28.17 18.30
N ARG A 93 7.15 29.07 17.54
CA ARG A 93 7.73 30.40 17.31
C ARG A 93 6.85 31.48 17.92
N SER B 13 11.69 23.02 17.88
CA SER B 13 11.85 22.35 16.56
C SER B 13 12.14 20.86 16.73
N THR B 14 11.10 20.05 16.59
CA THR B 14 11.24 18.60 16.73
C THR B 14 10.73 17.90 15.47
N THR B 15 10.38 16.62 15.60
CA THR B 15 9.87 15.84 14.48
C THR B 15 8.87 14.80 14.95
N GLU B 16 7.99 14.39 14.04
CA GLU B 16 6.97 13.39 14.36
C GLU B 16 6.38 12.78 13.08
N VAL B 17 7.20 12.07 12.32
CA VAL B 17 6.76 11.44 11.08
C VAL B 17 5.83 10.26 11.37
N GLU B 18 4.58 10.39 10.98
CA GLU B 18 3.59 9.34 11.19
C GLU B 18 3.64 8.33 10.05
N ASP B 19 4.44 8.63 9.04
CA ASP B 19 4.58 7.76 7.87
C ASP B 19 3.25 7.59 7.14
N SER B 20 2.42 6.67 7.61
CA SER B 20 1.11 6.42 7.00
C SER B 20 1.26 5.84 5.60
N LYS B 21 0.60 4.71 5.36
CA LYS B 21 0.65 4.05 4.06
C LYS B 21 2.08 3.77 3.62
N PRO B 22 2.86 3.04 4.44
CA PRO B 22 4.24 2.70 4.14
C PRO B 22 4.35 1.48 3.25
N LYS B 23 3.64 1.51 2.11
CA LYS B 23 3.65 0.40 1.17
C LYS B 23 3.15 -0.88 1.83
N LEU B 24 3.22 -1.99 1.11
CA LEU B 24 2.76 -3.27 1.64
C LEU B 24 3.20 -4.43 0.74
N SER B 25 3.07 -5.64 1.25
CA SER B 25 3.43 -6.84 0.51
C SER B 25 2.73 -8.07 1.08
N ILE B 26 1.71 -8.53 0.37
CA ILE B 26 0.94 -9.70 0.81
C ILE B 26 1.48 -10.99 0.25
N HIS B 27 0.75 -12.07 0.48
CA HIS B 27 1.13 -13.40 0.02
C HIS B 27 -0.04 -14.37 0.23
N PHE B 28 -1.21 -13.99 -0.27
CA PHE B 28 -2.41 -14.81 -0.12
C PHE B 28 -2.16 -16.23 -0.60
N ASP B 29 -2.49 -17.20 0.27
CA ASP B 29 -2.30 -18.61 -0.05
C ASP B 29 -3.46 -19.44 0.53
N ASN B 30 -3.58 -19.43 1.84
CA ASN B 30 -4.64 -20.17 2.53
C ASN B 30 -4.63 -21.64 2.13
N GLU B 31 -5.72 -22.33 2.42
CA GLU B 31 -5.83 -23.75 2.09
C GLU B 31 -6.50 -23.94 0.73
N TRP B 32 -5.72 -24.40 -0.24
CA TRP B 32 -6.24 -24.62 -1.59
C TRP B 32 -7.38 -25.64 -1.57
N PRO B 33 -8.34 -25.50 -2.51
CA PRO B 33 -9.50 -26.40 -2.60
C PRO B 33 -9.09 -27.83 -2.97
N LYS B 34 -8.31 -27.95 -4.04
CA LYS B 34 -7.85 -29.25 -4.50
C LYS B 34 -6.67 -29.73 -3.68
N GLU B 35 -6.77 -30.96 -3.18
CA GLU B 35 -5.70 -31.55 -2.37
C GLU B 35 -5.41 -30.69 -1.15
N ASP B 36 -4.30 -30.99 -0.48
CA ASP B 36 -3.91 -30.25 0.71
C ASP B 36 -2.76 -29.30 0.41
N SER A 1 -0.81 -32.89 -15.68
CA SER A 1 -1.89 -31.97 -15.23
C SER A 1 -1.30 -30.74 -14.53
N LYS A 2 -1.95 -29.60 -14.70
CA LYS A 2 -1.49 -28.36 -14.09
C LYS A 2 -2.57 -27.76 -13.18
N PRO A 3 -2.21 -27.36 -11.95
CA PRO A 3 -3.15 -26.77 -11.00
C PRO A 3 -3.60 -25.37 -11.42
N GLY A 4 -2.62 -24.53 -11.74
CA GLY A 4 -2.92 -23.16 -12.16
C GLY A 4 -3.27 -22.26 -10.99
N CYS A 5 -2.58 -21.14 -10.90
CA CYS A 5 -2.81 -20.18 -9.83
C CYS A 5 -4.29 -19.82 -9.71
N TYR A 6 -4.77 -19.73 -8.48
CA TYR A 6 -6.17 -19.39 -8.24
C TYR A 6 -6.29 -18.38 -7.10
N ASP A 7 -6.87 -17.22 -7.40
CA ASP A 7 -7.05 -16.17 -6.40
C ASP A 7 -8.21 -16.50 -5.47
N ASN A 8 -8.32 -15.76 -4.37
CA ASN A 8 -9.38 -15.98 -3.39
C ASN A 8 -10.78 -15.83 -4.00
N GLY A 9 -10.86 -15.60 -5.31
CA GLY A 9 -12.16 -15.44 -5.95
C GLY A 9 -12.13 -15.67 -7.44
N LYS A 10 -11.09 -15.17 -8.11
CA LYS A 10 -10.98 -15.32 -9.55
C LYS A 10 -9.75 -16.14 -9.93
N HIS A 11 -9.82 -16.83 -11.07
CA HIS A 11 -8.72 -17.66 -11.53
C HIS A 11 -7.98 -16.97 -12.68
N TYR A 12 -6.66 -16.86 -12.55
CA TYR A 12 -5.83 -16.23 -13.57
C TYR A 12 -4.74 -17.18 -14.04
N GLN A 13 -4.15 -16.89 -15.20
CA GLN A 13 -3.10 -17.74 -15.75
C GLN A 13 -1.74 -17.43 -15.13
N ILE A 14 -0.75 -18.25 -15.47
CA ILE A 14 0.59 -18.08 -14.95
C ILE A 14 1.16 -16.70 -15.30
N ASN A 15 1.83 -16.09 -14.33
CA ASN A 15 2.44 -14.78 -14.51
C ASN A 15 1.38 -13.69 -14.71
N GLN A 16 0.11 -14.03 -14.54
CA GLN A 16 -0.95 -13.03 -14.69
C GLN A 16 -1.07 -12.20 -13.42
N GLN A 17 -1.31 -10.91 -13.59
CA GLN A 17 -1.44 -10.01 -12.46
C GLN A 17 -2.87 -9.45 -12.37
N TRP A 18 -3.25 -9.04 -11.16
CA TRP A 18 -4.58 -8.49 -10.94
C TRP A 18 -4.60 -7.59 -9.71
N GLU A 19 -5.37 -6.51 -9.78
CA GLU A 19 -5.47 -5.57 -8.67
C GLU A 19 -6.59 -5.98 -7.72
N ARG A 20 -6.22 -6.22 -6.46
CA ARG A 20 -7.19 -6.61 -5.44
C ARG A 20 -6.95 -5.81 -4.16
N THR A 21 -8.03 -5.55 -3.42
CA THR A 21 -7.94 -4.79 -2.19
C THR A 21 -7.84 -5.71 -0.97
N TYR A 22 -6.98 -5.33 -0.03
CA TYR A 22 -6.78 -6.09 1.19
C TYR A 22 -6.73 -5.16 2.40
N LEU A 23 -7.63 -5.40 3.35
CA LEU A 23 -7.68 -4.60 4.56
C LEU A 23 -7.96 -3.12 4.27
N GLY A 24 -7.89 -2.73 3.00
CA GLY A 24 -8.14 -1.35 2.64
C GLY A 24 -7.16 -0.81 1.60
N ASN A 25 -6.14 -1.59 1.29
CA ASN A 25 -5.14 -1.17 0.32
C ASN A 25 -5.21 -2.00 -0.96
N ALA A 26 -5.12 -1.34 -2.10
CA ALA A 26 -5.17 -2.00 -3.39
C ALA A 26 -3.77 -2.44 -3.82
N LEU A 27 -3.52 -3.75 -3.72
CA LEU A 27 -2.22 -4.30 -4.10
C LEU A 27 -2.36 -5.22 -5.30
N VAL A 28 -1.41 -5.14 -6.23
CA VAL A 28 -1.43 -5.99 -7.40
C VAL A 28 -0.73 -7.31 -7.10
N CYS A 29 -1.34 -8.42 -7.50
CA CYS A 29 -0.77 -9.73 -7.25
C CYS A 29 -0.15 -10.32 -8.50
N THR A 30 0.86 -11.16 -8.31
CA THR A 30 1.54 -11.83 -9.42
C THR A 30 1.54 -13.34 -9.20
N CYS A 31 0.54 -14.00 -9.75
CA CYS A 31 0.41 -15.45 -9.62
C CYS A 31 1.64 -16.17 -10.15
N TYR A 32 1.77 -17.45 -9.78
CA TYR A 32 2.89 -18.27 -10.21
C TYR A 32 2.39 -19.65 -10.63
N GLY A 33 1.16 -19.97 -10.25
CA GLY A 33 0.57 -21.25 -10.60
C GLY A 33 1.19 -22.41 -9.83
N GLY A 34 0.38 -23.04 -8.98
CA GLY A 34 0.88 -24.15 -8.19
C GLY A 34 1.00 -23.84 -6.72
N SER A 35 1.95 -24.49 -6.06
CA SER A 35 2.17 -24.27 -4.64
C SER A 35 2.95 -22.99 -4.39
N ARG A 36 3.35 -22.32 -5.47
CA ARG A 36 4.10 -21.07 -5.37
C ARG A 36 3.18 -19.92 -4.96
N GLY A 37 1.87 -20.14 -5.09
CA GLY A 37 0.91 -19.12 -4.73
C GLY A 37 1.13 -17.83 -5.50
N PHE A 38 0.59 -16.73 -4.99
CA PHE A 38 0.72 -15.43 -5.62
C PHE A 38 1.11 -14.36 -4.62
N ASN A 39 2.00 -13.46 -5.03
CA ASN A 39 2.46 -12.39 -4.16
C ASN A 39 1.80 -11.07 -4.53
N CYS A 40 1.23 -10.40 -3.53
CA CYS A 40 0.56 -9.12 -3.75
C CYS A 40 1.35 -7.98 -3.10
N GLU A 41 1.42 -6.84 -3.78
CA GLU A 41 2.14 -5.69 -3.25
C GLU A 41 1.40 -4.39 -3.58
N SER A 42 1.30 -3.51 -2.59
CA SER A 42 0.61 -2.23 -2.76
C SER A 42 0.92 -1.61 -4.12
N LYS A 43 -0.12 -1.16 -4.81
CA LYS A 43 0.03 -0.56 -6.13
C LYS A 43 0.14 0.96 -6.02
N PRO A 44 0.78 1.58 -7.02
CA PRO A 44 0.97 3.04 -7.08
C PRO A 44 -0.35 3.79 -7.25
N GLU A 45 -0.79 4.44 -6.19
CA GLU A 45 -2.03 5.20 -6.21
C GLU A 45 -1.90 6.43 -7.10
N ALA A 46 -2.98 7.21 -7.20
CA ALA A 46 -2.98 8.41 -8.01
C ALA A 46 -2.93 9.67 -7.13
N GLU A 47 -3.47 9.55 -5.93
CA GLU A 47 -3.49 10.68 -4.99
C GLU A 47 -2.64 10.36 -3.76
N GLU A 48 -1.32 10.34 -3.95
CA GLU A 48 -0.40 10.06 -2.87
C GLU A 48 -0.57 11.04 -1.72
N THR A 49 -0.83 10.52 -0.53
CA THR A 49 -1.00 11.37 0.65
C THR A 49 -0.18 10.84 1.82
N CYS A 50 -0.16 11.61 2.91
CA CYS A 50 0.55 11.23 4.11
C CYS A 50 -0.29 11.53 5.34
N PHE A 51 -0.51 10.52 6.18
CA PHE A 51 -1.32 10.69 7.38
C PHE A 51 -0.46 10.91 8.62
N ASP A 52 -0.82 11.94 9.38
CA ASP A 52 -0.12 12.26 10.62
C ASP A 52 -1.02 11.88 11.79
N LYS A 53 -0.63 10.85 12.52
CA LYS A 53 -1.41 10.39 13.65
C LYS A 53 -1.09 11.21 14.90
N TYR A 54 -0.45 12.35 14.70
CA TYR A 54 -0.10 13.25 15.79
C TYR A 54 -1.22 14.24 16.01
N THR A 55 -2.03 14.44 14.97
CA THR A 55 -3.16 15.36 15.02
C THR A 55 -4.38 14.75 14.34
N GLY A 56 -4.20 13.55 13.80
CA GLY A 56 -5.30 12.87 13.13
C GLY A 56 -5.76 13.56 11.87
N ASN A 57 -4.79 14.03 11.07
CA ASN A 57 -5.10 14.71 9.83
C ASN A 57 -4.33 14.11 8.65
N THR A 58 -4.80 14.39 7.44
CA THR A 58 -4.17 13.89 6.22
C THR A 58 -3.68 15.04 5.35
N TYR A 59 -2.60 14.78 4.62
CA TYR A 59 -2.01 15.78 3.73
C TYR A 59 -1.71 15.15 2.38
N ARG A 60 -1.46 15.99 1.39
CA ARG A 60 -1.15 15.50 0.05
C ARG A 60 0.28 15.83 -0.35
N VAL A 61 0.73 15.28 -1.46
CA VAL A 61 2.08 15.51 -1.96
C VAL A 61 2.24 16.97 -2.40
N GLY A 62 3.00 17.74 -1.62
CA GLY A 62 3.21 19.14 -1.95
C GLY A 62 2.55 20.09 -0.97
N ASP A 63 2.48 19.66 0.30
CA ASP A 63 1.87 20.48 1.33
C ASP A 63 2.71 20.45 2.61
N THR A 64 2.62 21.52 3.39
CA THR A 64 3.38 21.63 4.64
C THR A 64 2.50 22.13 5.77
N TYR A 65 2.90 21.80 7.00
CA TYR A 65 2.14 22.22 8.17
C TYR A 65 3.04 22.28 9.42
N GLU A 66 2.62 23.07 10.40
CA GLU A 66 3.38 23.22 11.63
C GLU A 66 2.59 22.63 12.81
N ARG A 67 3.16 21.63 13.45
CA ARG A 67 2.51 20.98 14.59
C ARG A 67 3.53 20.62 15.67
N PRO A 68 3.17 20.79 16.96
CA PRO A 68 4.07 20.46 18.07
C PRO A 68 4.14 18.95 18.31
N LYS A 69 5.05 18.53 19.19
CA LYS A 69 5.21 17.10 19.48
C LYS A 69 6.13 16.86 20.68
N ASP A 70 5.65 16.04 21.61
CA ASP A 70 6.40 15.69 22.82
C ASP A 70 6.43 16.83 23.82
N SER A 71 7.03 17.94 23.40
CA SER A 71 7.14 19.12 24.25
C SER A 71 7.71 20.28 23.45
N MET A 72 7.93 20.04 22.16
CA MET A 72 8.47 21.05 21.27
C MET A 72 7.52 21.29 20.10
N ILE A 73 7.98 21.98 19.09
CA ILE A 73 7.17 22.25 17.92
C ILE A 73 7.90 21.78 16.67
N TRP A 74 7.25 20.93 15.88
CA TRP A 74 7.85 20.39 14.68
C TRP A 74 7.18 20.91 13.42
N ASP A 75 7.99 21.38 12.48
CA ASP A 75 7.47 21.89 11.21
C ASP A 75 7.50 20.77 10.16
N CYS A 76 6.70 19.74 10.40
CA CYS A 76 6.63 18.59 9.51
C CYS A 76 6.24 18.99 8.09
N THR A 77 6.88 18.36 7.12
CA THR A 77 6.61 18.60 5.72
C THR A 77 6.25 17.31 5.01
N CYS A 78 5.23 17.36 4.16
CA CYS A 78 4.79 16.19 3.42
C CYS A 78 5.44 16.16 2.04
N ILE A 79 6.19 15.10 1.75
CA ILE A 79 6.86 14.97 0.47
C ILE A 79 6.11 14.00 -0.44
N GLY A 80 5.90 12.78 0.04
CA GLY A 80 5.18 11.79 -0.75
C GLY A 80 6.04 11.11 -1.78
N ALA A 81 7.00 11.85 -2.32
CA ALA A 81 7.89 11.33 -3.34
C ALA A 81 8.95 10.41 -2.74
N GLY A 82 8.50 9.38 -2.04
CA GLY A 82 9.43 8.45 -1.43
C GLY A 82 8.73 7.22 -0.88
N ARG A 83 7.45 7.06 -1.21
CA ARG A 83 6.64 5.93 -0.73
C ARG A 83 6.33 6.12 0.74
N GLY A 84 5.69 7.24 1.05
CA GLY A 84 5.34 7.54 2.42
C GLY A 84 6.45 8.27 3.13
N ARG A 85 7.25 9.01 2.38
CA ARG A 85 8.37 9.76 2.93
C ARG A 85 7.90 11.03 3.62
N ILE A 86 7.11 10.88 4.68
CA ILE A 86 6.64 12.03 5.44
C ILE A 86 7.78 12.52 6.32
N SER A 87 8.34 13.66 5.94
CA SER A 87 9.47 14.22 6.68
C SER A 87 9.00 15.13 7.80
N CYS A 88 9.39 14.80 9.03
CA CYS A 88 9.03 15.60 10.19
C CYS A 88 10.29 16.23 10.76
N THR A 89 10.38 17.55 10.65
CA THR A 89 11.54 18.28 11.12
C THR A 89 11.21 19.18 12.30
N ILE A 90 12.20 19.39 13.15
CA ILE A 90 12.06 20.22 14.32
C ILE A 90 12.24 21.69 13.94
N ALA A 91 11.68 22.59 14.74
CA ALA A 91 11.79 24.00 14.47
C ALA A 91 11.41 24.82 15.69
N ASN A 92 12.25 24.73 16.71
CA ASN A 92 12.04 25.44 17.97
C ASN A 92 12.19 26.94 17.77
N ARG A 93 11.07 27.65 17.76
CA ARG A 93 11.08 29.10 17.59
C ARG A 93 11.10 29.81 18.93
N SER B 13 16.55 23.54 13.73
CA SER B 13 15.69 22.49 13.12
C SER B 13 16.31 21.11 13.29
N THR B 14 15.49 20.06 13.12
CA THR B 14 15.97 18.69 13.28
C THR B 14 14.99 17.70 12.63
N THR B 15 15.34 17.21 11.44
CA THR B 15 14.49 16.26 10.72
C THR B 15 14.27 14.99 11.53
N GLU B 16 13.33 14.17 11.08
CA GLU B 16 13.01 12.91 11.75
C GLU B 16 12.31 11.96 10.78
N VAL B 17 12.64 12.09 9.50
CA VAL B 17 12.06 11.24 8.46
C VAL B 17 12.17 9.77 8.82
N GLU B 18 11.05 9.07 8.73
CA GLU B 18 11.02 7.64 9.04
C GLU B 18 9.86 6.96 8.31
N ASP B 19 10.19 6.17 7.29
CA ASP B 19 9.19 5.46 6.51
C ASP B 19 8.36 4.54 7.40
N SER B 20 7.05 4.57 7.21
CA SER B 20 6.14 3.73 8.00
C SER B 20 5.09 3.07 7.11
N LYS B 21 5.12 3.41 5.82
CA LYS B 21 4.17 2.84 4.87
C LYS B 21 4.90 2.15 3.72
N PRO B 22 5.46 0.96 3.97
CA PRO B 22 6.20 0.19 2.95
C PRO B 22 5.30 -0.22 1.79
N LYS B 23 5.82 -1.09 0.93
CA LYS B 23 5.07 -1.57 -0.22
C LYS B 23 4.04 -2.62 0.19
N LEU B 24 4.04 -2.95 1.48
CA LEU B 24 3.10 -3.94 2.02
C LEU B 24 3.12 -5.23 1.20
N SER B 25 4.22 -5.97 1.30
CA SER B 25 4.36 -7.22 0.57
C SER B 25 3.50 -8.31 1.22
N ILE B 26 2.80 -9.08 0.38
CA ILE B 26 1.93 -10.14 0.88
C ILE B 26 2.10 -11.42 0.05
N HIS B 27 1.77 -12.56 0.66
CA HIS B 27 1.88 -13.84 -0.03
C HIS B 27 0.71 -14.75 0.36
N PHE B 28 -0.46 -14.46 -0.21
CA PHE B 28 -1.66 -15.24 0.07
C PHE B 28 -1.53 -16.66 -0.47
N ASP B 29 -1.17 -17.59 0.41
CA ASP B 29 -1.01 -18.99 0.02
C ASP B 29 -1.58 -19.92 1.09
N ASN B 30 -2.57 -20.72 0.70
CA ASN B 30 -3.20 -21.66 1.62
C ASN B 30 -3.66 -22.92 0.89
N GLU B 31 -2.88 -23.32 -0.11
CA GLU B 31 -3.21 -24.52 -0.90
C GLU B 31 -4.58 -24.38 -1.56
N TRP B 32 -5.03 -25.46 -2.19
CA TRP B 32 -6.32 -25.47 -2.87
C TRP B 32 -7.42 -25.99 -1.94
N PRO B 33 -8.49 -25.20 -1.74
CA PRO B 33 -9.60 -25.59 -0.87
C PRO B 33 -10.42 -26.74 -1.46
N LYS B 34 -10.13 -27.96 -0.99
CA LYS B 34 -10.84 -29.13 -1.48
C LYS B 34 -11.62 -29.80 -0.34
N GLU B 35 -12.70 -30.49 -0.70
CA GLU B 35 -13.53 -31.18 0.29
C GLU B 35 -13.20 -32.67 0.34
N ASP B 36 -13.16 -33.22 1.55
CA ASP B 36 -12.85 -34.63 1.73
C ASP B 36 -13.62 -35.21 2.91
N SER A 1 -4.18 -20.83 -23.39
CA SER A 1 -5.16 -20.75 -22.27
C SER A 1 -5.02 -21.93 -21.31
N LYS A 2 -4.03 -21.84 -20.43
CA LYS A 2 -3.78 -22.91 -19.46
C LYS A 2 -3.75 -22.35 -18.04
N PRO A 3 -4.42 -23.03 -17.09
CA PRO A 3 -4.47 -22.59 -15.69
C PRO A 3 -3.15 -22.81 -14.97
N GLY A 4 -2.87 -21.96 -13.98
CA GLY A 4 -1.63 -22.08 -13.23
C GLY A 4 -1.85 -21.86 -11.74
N CYS A 5 -2.70 -20.89 -11.41
CA CYS A 5 -3.01 -20.58 -10.02
C CYS A 5 -4.49 -20.27 -9.86
N TYR A 6 -4.93 -20.17 -8.62
CA TYR A 6 -6.34 -19.88 -8.34
C TYR A 6 -6.45 -18.86 -7.20
N ASP A 7 -7.00 -17.69 -7.52
CA ASP A 7 -7.18 -16.62 -6.54
C ASP A 7 -8.37 -16.93 -5.65
N ASN A 8 -8.51 -16.18 -4.56
CA ASN A 8 -9.62 -16.38 -3.63
C ASN A 8 -10.96 -15.99 -4.23
N GLY A 9 -11.12 -16.19 -5.54
CA GLY A 9 -12.38 -15.87 -6.19
C GLY A 9 -12.34 -16.06 -7.70
N LYS A 10 -11.26 -15.59 -8.33
CA LYS A 10 -11.11 -15.72 -9.78
C LYS A 10 -9.88 -16.53 -10.14
N HIS A 11 -9.91 -17.19 -11.30
CA HIS A 11 -8.79 -18.00 -11.75
C HIS A 11 -7.91 -17.23 -12.72
N TYR A 12 -6.62 -17.16 -12.41
CA TYR A 12 -5.67 -16.46 -13.25
C TYR A 12 -4.53 -17.39 -13.68
N GLN A 13 -3.84 -17.02 -14.76
CA GLN A 13 -2.75 -17.83 -15.27
C GLN A 13 -1.40 -17.39 -14.72
N ILE A 14 -0.37 -18.14 -15.09
CA ILE A 14 0.99 -17.84 -14.64
C ILE A 14 1.45 -16.46 -15.11
N ASN A 15 2.18 -15.77 -14.25
CA ASN A 15 2.70 -14.44 -14.57
C ASN A 15 1.56 -13.43 -14.71
N GLN A 16 0.32 -13.87 -14.56
CA GLN A 16 -0.82 -12.97 -14.66
C GLN A 16 -0.96 -12.14 -13.40
N GLN A 17 -1.32 -10.87 -13.55
CA GLN A 17 -1.48 -9.98 -12.41
C GLN A 17 -2.92 -9.47 -12.33
N TRP A 18 -3.33 -9.10 -11.12
CA TRP A 18 -4.67 -8.56 -10.91
C TRP A 18 -4.69 -7.63 -9.71
N GLU A 19 -5.50 -6.58 -9.80
CA GLU A 19 -5.61 -5.60 -8.73
C GLU A 19 -6.64 -6.01 -7.70
N ARG A 20 -6.25 -5.96 -6.43
CA ARG A 20 -7.14 -6.31 -5.33
C ARG A 20 -6.71 -5.58 -4.06
N THR A 21 -7.69 -5.07 -3.31
CA THR A 21 -7.40 -4.33 -2.09
C THR A 21 -7.51 -5.22 -0.86
N TYR A 22 -6.67 -4.94 0.14
CA TYR A 22 -6.67 -5.70 1.38
C TYR A 22 -6.79 -4.75 2.57
N LEU A 23 -7.94 -4.80 3.24
CA LEU A 23 -8.22 -3.97 4.39
C LEU A 23 -8.43 -2.50 4.01
N GLY A 24 -7.70 -2.03 3.00
CA GLY A 24 -7.85 -0.65 2.58
C GLY A 24 -6.81 -0.22 1.56
N ASN A 25 -5.84 -1.09 1.29
CA ASN A 25 -4.78 -0.78 0.33
C ASN A 25 -4.91 -1.64 -0.92
N ALA A 26 -4.80 -1.01 -2.08
CA ALA A 26 -4.91 -1.73 -3.34
C ALA A 26 -3.55 -2.29 -3.75
N LEU A 27 -3.40 -3.61 -3.62
CA LEU A 27 -2.14 -4.26 -3.97
C LEU A 27 -2.31 -5.14 -5.21
N VAL A 28 -1.36 -5.06 -6.13
CA VAL A 28 -1.40 -5.87 -7.33
C VAL A 28 -0.76 -7.23 -7.07
N CYS A 29 -1.43 -8.30 -7.47
CA CYS A 29 -0.92 -9.64 -7.24
C CYS A 29 -0.22 -10.20 -8.47
N THR A 30 0.81 -11.00 -8.22
CA THR A 30 1.56 -11.64 -9.29
C THR A 30 1.47 -13.16 -9.16
N CYS A 31 0.78 -13.79 -10.10
CA CYS A 31 0.59 -15.23 -10.08
C CYS A 31 1.88 -15.99 -10.39
N TYR A 32 2.03 -17.13 -9.73
CA TYR A 32 3.20 -17.99 -9.92
C TYR A 32 2.75 -19.34 -10.48
N GLY A 33 1.74 -19.92 -9.83
CA GLY A 33 1.21 -21.20 -10.26
C GLY A 33 1.59 -22.34 -9.35
N GLY A 34 0.61 -22.91 -8.66
CA GLY A 34 0.87 -24.03 -7.78
C GLY A 34 0.99 -23.61 -6.32
N SER A 35 1.77 -24.37 -5.55
CA SER A 35 1.97 -24.09 -4.14
C SER A 35 2.78 -22.80 -3.94
N ARG A 36 3.21 -22.19 -5.03
CA ARG A 36 4.00 -20.98 -4.97
C ARG A 36 3.11 -19.78 -4.62
N GLY A 37 1.80 -19.95 -4.78
CA GLY A 37 0.87 -18.88 -4.48
C GLY A 37 1.16 -17.62 -5.28
N PHE A 38 0.57 -16.51 -4.85
CA PHE A 38 0.76 -15.23 -5.54
C PHE A 38 1.05 -14.13 -4.52
N ASN A 39 1.91 -13.19 -4.90
CA ASN A 39 2.27 -12.09 -4.02
C ASN A 39 1.54 -10.81 -4.44
N CYS A 40 0.90 -10.15 -3.48
CA CYS A 40 0.18 -8.91 -3.75
C CYS A 40 0.85 -7.74 -3.04
N GLU A 41 1.61 -6.94 -3.78
CA GLU A 41 2.29 -5.80 -3.20
C GLU A 41 1.54 -4.51 -3.48
N SER A 42 1.53 -3.61 -2.49
CA SER A 42 0.84 -2.33 -2.64
C SER A 42 1.17 -1.67 -3.97
N LYS A 43 0.17 -1.07 -4.59
CA LYS A 43 0.36 -0.40 -5.87
C LYS A 43 0.60 1.10 -5.69
N PRO A 44 1.39 1.71 -6.58
CA PRO A 44 1.70 3.15 -6.52
C PRO A 44 0.45 4.00 -6.37
N GLU A 45 0.22 4.50 -5.17
CA GLU A 45 -0.95 5.33 -4.89
C GLU A 45 -0.88 6.65 -5.65
N ALA A 46 -1.85 7.53 -5.40
CA ALA A 46 -1.90 8.82 -6.06
C ALA A 46 -2.24 9.93 -5.06
N GLU A 47 -3.13 9.61 -4.12
CA GLU A 47 -3.54 10.57 -3.11
C GLU A 47 -2.89 10.25 -1.76
N GLU A 48 -1.56 10.39 -1.71
CA GLU A 48 -0.82 10.11 -0.49
C GLU A 48 -1.12 11.14 0.59
N THR A 49 -1.26 10.68 1.83
CA THR A 49 -1.55 11.57 2.95
C THR A 49 -0.96 11.01 4.25
N CYS A 50 -1.02 11.82 5.30
CA CYS A 50 -0.52 11.42 6.61
C CYS A 50 -1.48 11.87 7.69
N PHE A 51 -1.93 10.93 8.52
CA PHE A 51 -2.88 11.25 9.59
C PHE A 51 -2.18 11.42 10.93
N ASP A 52 -2.53 12.49 11.64
CA ASP A 52 -1.95 12.75 12.95
C ASP A 52 -2.97 12.45 14.03
N LYS A 53 -2.74 11.39 14.78
CA LYS A 53 -3.65 10.98 15.85
C LYS A 53 -3.45 11.87 17.08
N TYR A 54 -2.63 12.90 16.93
CA TYR A 54 -2.36 13.82 18.02
C TYR A 54 -3.34 14.98 18.00
N THR A 55 -3.88 15.27 16.83
CA THR A 55 -4.85 16.36 16.68
C THR A 55 -6.12 15.87 15.98
N GLY A 56 -6.12 14.61 15.56
CA GLY A 56 -7.27 14.04 14.90
C GLY A 56 -7.56 14.66 13.55
N ASN A 57 -6.51 15.06 12.84
CA ASN A 57 -6.67 15.68 11.53
C ASN A 57 -5.83 14.96 10.49
N THR A 58 -6.13 15.21 9.22
CA THR A 58 -5.40 14.59 8.11
C THR A 58 -4.63 15.62 7.31
N TYR A 59 -3.47 15.22 6.80
CA TYR A 59 -2.62 16.09 6.02
C TYR A 59 -2.20 15.41 4.72
N ARG A 60 -1.74 16.19 3.76
CA ARG A 60 -1.32 15.64 2.48
C ARG A 60 0.18 15.85 2.28
N VAL A 61 0.73 15.22 1.25
CA VAL A 61 2.15 15.34 0.94
C VAL A 61 2.46 16.72 0.37
N GLY A 62 3.18 17.53 1.15
CA GLY A 62 3.54 18.87 0.70
C GLY A 62 3.00 19.95 1.60
N ASP A 63 2.28 19.54 2.65
CA ASP A 63 1.70 20.50 3.59
C ASP A 63 2.43 20.45 4.92
N THR A 64 2.40 21.56 5.66
CA THR A 64 3.08 21.63 6.96
C THR A 64 2.18 22.31 7.99
N TYR A 65 2.44 21.99 9.26
CA TYR A 65 1.67 22.57 10.36
C TYR A 65 2.46 22.55 11.67
N GLU A 66 2.07 23.40 12.60
CA GLU A 66 2.74 23.49 13.88
C GLU A 66 1.81 23.02 15.01
N ARG A 67 2.23 21.98 15.73
CA ARG A 67 1.44 21.44 16.83
C ARG A 67 2.34 21.05 18.00
N PRO A 68 1.85 21.25 19.24
CA PRO A 68 2.62 20.92 20.45
C PRO A 68 2.58 19.43 20.76
N LYS A 69 3.50 18.97 21.61
CA LYS A 69 3.57 17.57 22.00
C LYS A 69 4.70 17.32 23.00
N ASP A 70 4.45 16.44 23.97
CA ASP A 70 5.45 16.10 24.98
C ASP A 70 5.93 17.34 25.74
N SER A 71 4.99 18.15 26.19
CA SER A 71 5.30 19.36 26.94
C SER A 71 6.08 20.38 26.11
N MET A 72 6.37 20.02 24.86
CA MET A 72 7.09 20.90 23.96
C MET A 72 6.23 21.24 22.75
N ILE A 73 6.86 21.75 21.69
CA ILE A 73 6.16 22.10 20.48
C ILE A 73 6.88 21.50 19.28
N TRP A 74 6.14 20.78 18.45
CA TRP A 74 6.72 20.14 17.27
C TRP A 74 6.15 20.69 15.98
N ASP A 75 7.05 21.10 15.07
CA ASP A 75 6.64 21.62 13.77
C ASP A 75 6.57 20.46 12.78
N CYS A 76 5.57 19.61 12.94
CA CYS A 76 5.39 18.44 12.09
C CYS A 76 5.09 18.82 10.64
N THR A 77 5.70 18.08 9.73
CA THR A 77 5.51 18.30 8.30
C THR A 77 5.03 17.01 7.63
N CYS A 78 4.12 17.14 6.67
CA CYS A 78 3.58 15.97 5.99
C CYS A 78 4.32 15.72 4.68
N ILE A 79 4.89 14.53 4.55
CA ILE A 79 5.63 14.16 3.35
C ILE A 79 5.11 12.85 2.77
N GLY A 80 5.95 12.18 1.97
CA GLY A 80 5.56 10.92 1.36
C GLY A 80 6.73 10.22 0.72
N ALA A 81 7.11 10.66 -0.47
CA ALA A 81 8.23 10.08 -1.21
C ALA A 81 8.07 8.57 -1.35
N GLY A 82 6.82 8.11 -1.27
CA GLY A 82 6.56 6.68 -1.38
C GLY A 82 5.09 6.35 -1.20
N ARG A 83 4.63 6.38 0.05
CA ARG A 83 3.24 6.09 0.36
C ARG A 83 2.76 6.88 1.57
N GLY A 84 3.41 8.02 1.82
CA GLY A 84 3.03 8.85 2.95
C GLY A 84 4.03 8.78 4.08
N ARG A 85 4.81 9.85 4.24
CA ARG A 85 5.82 9.91 5.29
C ARG A 85 5.53 11.06 6.24
N ILE A 86 5.00 10.73 7.42
CA ILE A 86 4.69 11.75 8.42
C ILE A 86 5.93 12.07 9.26
N SER A 87 6.48 13.25 9.04
CA SER A 87 7.68 13.69 9.74
C SER A 87 7.33 14.71 10.82
N CYS A 88 7.69 14.40 12.06
CA CYS A 88 7.42 15.31 13.17
C CYS A 88 8.74 15.80 13.75
N THR A 89 9.03 17.06 13.52
CA THR A 89 10.27 17.66 14.00
C THR A 89 10.00 18.60 15.16
N ILE A 90 11.00 18.72 16.05
CA ILE A 90 10.89 19.58 17.20
C ILE A 90 11.25 21.01 16.82
N ALA A 91 10.70 21.98 17.55
CA ALA A 91 10.98 23.38 17.28
C ALA A 91 10.54 24.26 18.44
N ASN A 92 11.25 24.13 19.54
CA ASN A 92 10.96 24.89 20.74
C ASN A 92 11.29 26.36 20.54
N ARG A 93 10.30 27.22 20.75
CA ARG A 93 10.50 28.66 20.60
C ARG A 93 11.43 29.21 21.67
N SER B 13 15.76 22.38 16.91
CA SER B 13 14.82 21.44 16.23
C SER B 13 15.27 20.00 16.39
N THR B 14 14.34 19.05 16.19
CA THR B 14 14.64 17.64 16.32
C THR B 14 13.67 16.79 15.48
N THR B 15 14.12 16.35 14.32
CA THR B 15 13.30 15.53 13.43
C THR B 15 12.90 14.22 14.08
N GLU B 16 11.66 13.78 13.81
CA GLU B 16 11.14 12.53 14.37
C GLU B 16 9.98 12.00 13.53
N VAL B 17 10.30 11.19 12.52
CA VAL B 17 9.27 10.60 11.66
C VAL B 17 9.20 9.09 11.84
N GLU B 18 7.98 8.57 11.92
CA GLU B 18 7.77 7.14 12.09
C GLU B 18 7.42 6.48 10.76
N ASP B 19 8.43 5.93 10.09
CA ASP B 19 8.22 5.29 8.80
C ASP B 19 7.68 3.87 8.98
N SER B 20 6.72 3.72 9.88
CA SER B 20 6.11 2.42 10.15
C SER B 20 4.96 2.14 9.19
N LYS B 21 5.01 2.78 8.02
CA LYS B 21 3.97 2.61 7.01
C LYS B 21 4.57 2.42 5.63
N PRO B 22 5.41 1.39 5.44
CA PRO B 22 6.06 1.10 4.16
C PRO B 22 5.12 0.38 3.20
N LYS B 23 5.70 -0.34 2.25
CA LYS B 23 4.91 -1.09 1.26
C LYS B 23 4.16 -2.23 1.95
N LEU B 24 3.05 -2.64 1.35
CA LEU B 24 2.24 -3.72 1.89
C LEU B 24 2.88 -5.09 1.60
N SER B 25 2.66 -5.58 0.39
CA SER B 25 3.19 -6.87 -0.03
C SER B 25 2.55 -8.01 0.77
N ILE B 26 1.93 -8.94 0.07
CA ILE B 26 1.26 -10.06 0.71
C ILE B 26 1.57 -11.38 -0.01
N HIS B 27 1.49 -12.48 0.74
CA HIS B 27 1.76 -13.79 0.17
C HIS B 27 0.53 -14.69 0.31
N PHE B 28 -0.59 -14.25 -0.27
CA PHE B 28 -1.83 -15.01 -0.21
C PHE B 28 -1.63 -16.43 -0.74
N ASP B 29 -1.56 -17.39 0.18
CA ASP B 29 -1.36 -18.78 -0.20
C ASP B 29 -2.49 -19.65 0.36
N ASN B 30 -2.73 -19.53 1.66
CA ASN B 30 -3.78 -20.30 2.33
C ASN B 30 -3.56 -21.79 2.14
N GLU B 31 -4.58 -22.59 2.45
CA GLU B 31 -4.50 -24.03 2.32
C GLU B 31 -4.96 -24.48 0.93
N TRP B 32 -5.28 -23.51 0.07
CA TRP B 32 -5.73 -23.80 -1.27
C TRP B 32 -7.00 -24.66 -1.26
N PRO B 33 -8.17 -24.03 -1.36
CA PRO B 33 -9.47 -24.74 -1.36
C PRO B 33 -9.54 -25.80 -2.44
N LYS B 34 -9.47 -27.06 -2.02
CA LYS B 34 -9.53 -28.19 -2.96
C LYS B 34 -10.88 -28.88 -2.88
N GLU B 35 -11.26 -29.56 -3.96
CA GLU B 35 -12.52 -30.28 -4.01
C GLU B 35 -12.41 -31.64 -3.31
N ASP B 36 -13.56 -32.19 -2.92
CA ASP B 36 -13.58 -33.49 -2.25
C ASP B 36 -14.73 -34.35 -2.77
N SER A 1 -6.87 -30.01 -8.18
CA SER A 1 -6.22 -30.80 -9.26
C SER A 1 -6.24 -30.03 -10.58
N LYS A 2 -6.48 -28.72 -10.50
CA LYS A 2 -6.53 -27.87 -11.68
C LYS A 2 -5.34 -26.91 -11.71
N PRO A 3 -4.32 -27.20 -12.54
CA PRO A 3 -3.12 -26.35 -12.66
C PRO A 3 -3.47 -24.91 -13.01
N GLY A 4 -2.87 -23.98 -12.28
CA GLY A 4 -3.14 -22.56 -12.54
C GLY A 4 -3.42 -21.79 -11.27
N CYS A 5 -2.64 -20.74 -11.03
CA CYS A 5 -2.81 -19.92 -9.84
C CYS A 5 -4.26 -19.45 -9.70
N TYR A 6 -5.00 -20.12 -8.84
CA TYR A 6 -6.40 -19.77 -8.61
C TYR A 6 -6.58 -19.10 -7.25
N ASP A 7 -7.13 -17.90 -7.26
CA ASP A 7 -7.36 -17.14 -6.04
C ASP A 7 -8.59 -17.66 -5.31
N ASN A 8 -8.77 -17.24 -4.06
CA ASN A 8 -9.91 -17.66 -3.26
C ASN A 8 -11.24 -17.20 -3.84
N GLY A 9 -11.19 -16.66 -5.07
CA GLY A 9 -12.42 -16.20 -5.70
C GLY A 9 -12.38 -16.35 -7.21
N LYS A 10 -11.36 -15.80 -7.85
CA LYS A 10 -11.21 -15.87 -9.30
C LYS A 10 -9.91 -16.56 -9.69
N HIS A 11 -9.87 -17.08 -10.91
CA HIS A 11 -8.68 -17.75 -11.42
C HIS A 11 -8.00 -16.92 -12.50
N TYR A 12 -6.67 -16.87 -12.45
CA TYR A 12 -5.90 -16.09 -13.42
C TYR A 12 -4.81 -16.95 -14.05
N GLN A 13 -4.36 -16.55 -15.24
CA GLN A 13 -3.32 -17.26 -15.96
C GLN A 13 -2.00 -17.26 -15.22
N ILE A 14 -1.09 -18.12 -15.65
CA ILE A 14 0.23 -18.22 -15.03
C ILE A 14 1.02 -16.94 -15.25
N ASN A 15 1.69 -16.49 -14.20
CA ASN A 15 2.49 -15.27 -14.26
C ASN A 15 1.62 -14.06 -14.58
N GLN A 16 0.30 -14.23 -14.48
CA GLN A 16 -0.62 -13.13 -14.74
C GLN A 16 -0.73 -12.22 -13.53
N GLN A 17 -1.24 -11.01 -13.73
CA GLN A 17 -1.40 -10.07 -12.63
C GLN A 17 -2.80 -9.48 -12.60
N TRP A 18 -3.24 -9.08 -11.41
CA TRP A 18 -4.57 -8.50 -11.25
C TRP A 18 -4.60 -7.56 -10.04
N GLU A 19 -5.50 -6.59 -10.09
CA GLU A 19 -5.63 -5.61 -9.01
C GLU A 19 -6.69 -6.05 -7.99
N ARG A 20 -6.32 -5.98 -6.72
CA ARG A 20 -7.22 -6.35 -5.63
C ARG A 20 -6.92 -5.50 -4.40
N THR A 21 -7.87 -5.45 -3.47
CA THR A 21 -7.71 -4.66 -2.26
C THR A 21 -7.80 -5.54 -1.01
N TYR A 22 -7.03 -5.18 0.01
CA TYR A 22 -7.01 -5.92 1.26
C TYR A 22 -7.20 -4.96 2.44
N LEU A 23 -8.37 -5.08 3.09
CA LEU A 23 -8.71 -4.25 4.24
C LEU A 23 -8.97 -2.79 3.84
N GLY A 24 -8.36 -2.35 2.74
CA GLY A 24 -8.55 -0.99 2.28
C GLY A 24 -7.47 -0.52 1.33
N ASN A 25 -6.42 -1.31 1.17
CA ASN A 25 -5.32 -0.95 0.28
C ASN A 25 -5.31 -1.82 -0.95
N ALA A 26 -5.16 -1.19 -2.11
CA ALA A 26 -5.11 -1.91 -3.38
C ALA A 26 -3.71 -2.42 -3.66
N LEU A 27 -3.55 -3.74 -3.68
CA LEU A 27 -2.25 -4.35 -3.92
C LEU A 27 -2.22 -5.06 -5.27
N VAL A 28 -1.16 -4.82 -6.04
CA VAL A 28 -1.01 -5.46 -7.34
C VAL A 28 -0.33 -6.82 -7.16
N CYS A 29 -1.12 -7.88 -7.27
CA CYS A 29 -0.61 -9.24 -7.09
C CYS A 29 -0.16 -9.88 -8.40
N THR A 30 0.78 -10.79 -8.28
CA THR A 30 1.31 -11.52 -9.43
C THR A 30 0.79 -12.95 -9.42
N CYS A 31 1.43 -13.83 -10.18
CA CYS A 31 1.01 -15.23 -10.24
C CYS A 31 2.18 -16.17 -10.47
N TYR A 32 2.10 -17.36 -9.90
CA TYR A 32 3.15 -18.36 -10.04
C TYR A 32 2.58 -19.67 -10.58
N GLY A 33 1.29 -19.89 -10.32
CA GLY A 33 0.64 -21.10 -10.79
C GLY A 33 1.03 -22.33 -9.99
N GLY A 34 0.08 -22.85 -9.21
CA GLY A 34 0.34 -24.02 -8.40
C GLY A 34 0.24 -23.75 -6.91
N SER A 35 1.00 -24.50 -6.13
CA SER A 35 1.00 -24.34 -4.67
C SER A 35 1.83 -23.13 -4.26
N ARG A 36 2.44 -22.47 -5.23
CA ARG A 36 3.27 -21.31 -4.95
C ARG A 36 2.41 -20.09 -4.64
N GLY A 37 1.10 -20.22 -4.83
CA GLY A 37 0.19 -19.12 -4.56
C GLY A 37 0.53 -17.87 -5.34
N PHE A 38 0.16 -16.73 -4.80
CA PHE A 38 0.43 -15.44 -5.44
C PHE A 38 0.81 -14.39 -4.39
N ASN A 39 1.78 -13.55 -4.74
CA ASN A 39 2.24 -12.50 -3.84
C ASN A 39 1.67 -11.14 -4.23
N CYS A 40 1.15 -10.42 -3.25
CA CYS A 40 0.58 -9.10 -3.50
C CYS A 40 1.52 -8.00 -3.01
N GLU A 41 1.52 -6.87 -3.70
CA GLU A 41 2.36 -5.74 -3.32
C GLU A 41 1.62 -4.42 -3.54
N SER A 42 1.61 -3.57 -2.52
CA SER A 42 0.93 -2.29 -2.60
C SER A 42 1.14 -1.64 -3.97
N LYS A 43 0.04 -1.18 -4.57
CA LYS A 43 0.11 -0.57 -5.90
C LYS A 43 0.32 0.94 -5.79
N PRO A 44 0.94 1.55 -6.82
CA PRO A 44 1.22 2.98 -6.85
C PRO A 44 0.02 3.81 -7.29
N GLU A 45 -0.08 5.01 -6.73
CA GLU A 45 -1.19 5.91 -7.06
C GLU A 45 -1.07 6.42 -8.48
N ALA A 46 -1.95 7.36 -8.85
CA ALA A 46 -1.95 7.93 -10.19
C ALA A 46 -2.86 9.16 -10.26
N GLU A 47 -3.84 9.20 -9.37
CA GLU A 47 -4.79 10.30 -9.33
C GLU A 47 -4.21 11.52 -8.64
N GLU A 48 -2.94 11.81 -8.91
CA GLU A 48 -2.27 12.96 -8.32
C GLU A 48 -2.48 13.03 -6.81
N THR A 49 -2.27 14.22 -6.26
CA THR A 49 -2.42 14.47 -4.83
C THR A 49 -1.62 13.49 -3.98
N CYS A 50 -1.67 13.71 -2.67
CA CYS A 50 -0.97 12.88 -1.70
C CYS A 50 -1.52 13.20 -0.31
N PHE A 51 -1.76 12.17 0.49
CA PHE A 51 -2.32 12.37 1.83
C PHE A 51 -1.25 12.36 2.92
N ASP A 52 -1.50 13.17 3.94
CA ASP A 52 -0.60 13.26 5.09
C ASP A 52 -1.27 12.64 6.30
N LYS A 53 -0.73 11.54 6.78
CA LYS A 53 -1.29 10.85 7.94
C LYS A 53 -0.76 11.44 9.23
N TYR A 54 -0.07 12.57 9.12
CA TYR A 54 0.49 13.24 10.29
C TYR A 54 -0.50 14.25 10.85
N THR A 55 -1.20 14.95 9.95
CA THR A 55 -2.18 15.95 10.34
C THR A 55 -3.54 15.65 9.71
N GLY A 56 -3.54 14.77 8.72
CA GLY A 56 -4.78 14.40 8.05
C GLY A 56 -5.14 15.35 6.93
N ASN A 57 -4.14 15.92 6.27
CA ASN A 57 -4.38 16.84 5.17
C ASN A 57 -3.83 16.29 3.85
N THR A 58 -4.54 16.56 2.77
CA THR A 58 -4.14 16.10 1.44
C THR A 58 -3.69 17.27 0.57
N TYR A 59 -2.62 17.05 -0.18
CA TYR A 59 -2.10 18.09 -1.08
C TYR A 59 -2.06 17.53 -2.50
N ARG A 60 -2.05 18.40 -3.50
CA ARG A 60 -2.03 17.96 -4.89
C ARG A 60 -0.62 17.96 -5.45
N VAL A 61 -0.30 16.96 -6.28
CA VAL A 61 1.02 16.85 -6.88
C VAL A 61 1.42 18.17 -7.54
N GLY A 62 2.40 18.84 -6.94
CA GLY A 62 2.87 20.11 -7.46
C GLY A 62 2.69 21.24 -6.47
N ASP A 63 1.96 20.97 -5.40
CA ASP A 63 1.71 21.98 -4.37
C ASP A 63 2.63 21.75 -3.18
N THR A 64 2.47 22.59 -2.16
CA THR A 64 3.29 22.49 -0.95
C THR A 64 2.45 22.32 0.30
N TYR A 65 3.12 21.95 1.38
CA TYR A 65 2.47 21.75 2.67
C TYR A 65 3.49 21.88 3.80
N GLU A 66 3.14 22.63 4.83
CA GLU A 66 4.04 22.83 5.96
C GLU A 66 3.34 22.63 7.30
N ARG A 67 3.83 21.65 8.06
CA ARG A 67 3.29 21.36 9.38
C ARG A 67 4.41 20.99 10.34
N PRO A 68 4.23 21.22 11.65
CA PRO A 68 5.24 20.90 12.66
C PRO A 68 5.55 19.40 12.70
N LYS A 69 6.77 19.07 13.12
CA LYS A 69 7.19 17.68 13.21
C LYS A 69 8.58 17.57 13.85
N ASP A 70 8.70 16.71 14.86
CA ASP A 70 9.97 16.51 15.56
C ASP A 70 10.47 17.79 16.21
N SER A 71 9.58 18.43 16.99
CA SER A 71 9.93 19.66 17.70
C SER A 71 10.25 20.82 16.74
N MET A 72 10.19 20.54 15.45
CA MET A 72 10.46 21.56 14.44
C MET A 72 9.26 21.73 13.52
N ILE A 73 9.49 22.31 12.35
CA ILE A 73 8.44 22.52 11.38
C ILE A 73 8.96 22.19 9.98
N TRP A 74 8.27 21.31 9.28
CA TRP A 74 8.68 20.88 7.95
C TRP A 74 7.69 21.31 6.88
N ASP A 75 8.22 21.83 5.78
CA ASP A 75 7.40 22.25 4.64
C ASP A 75 7.45 21.16 3.59
N CYS A 76 6.85 20.02 3.89
CA CYS A 76 6.84 18.88 2.98
C CYS A 76 6.02 19.14 1.72
N THR A 77 6.72 19.31 0.61
CA THR A 77 6.10 19.56 -0.68
C THR A 77 5.66 18.24 -1.32
N CYS A 78 4.59 18.29 -2.12
CA CYS A 78 4.11 17.09 -2.80
C CYS A 78 4.68 17.06 -4.21
N ILE A 79 5.42 16.00 -4.51
CA ILE A 79 6.04 15.86 -5.82
C ILE A 79 5.47 14.69 -6.61
N GLY A 80 5.27 13.56 -5.94
CA GLY A 80 4.74 12.40 -6.63
C GLY A 80 5.65 11.97 -7.76
N ALA A 81 5.32 12.41 -8.97
CA ALA A 81 6.12 12.09 -10.15
C ALA A 81 6.56 10.64 -10.18
N GLY A 82 5.78 9.76 -9.56
CA GLY A 82 6.12 8.36 -9.54
C GLY A 82 5.10 7.51 -8.79
N ARG A 83 5.42 7.16 -7.55
CA ARG A 83 4.53 6.34 -6.73
C ARG A 83 4.35 6.92 -5.34
N GLY A 84 4.91 8.11 -5.12
CA GLY A 84 4.79 8.76 -3.82
C GLY A 84 6.05 9.46 -3.40
N ARG A 85 6.62 10.25 -4.29
CA ARG A 85 7.83 11.00 -4.00
C ARG A 85 7.51 12.26 -3.23
N ILE A 86 6.94 12.10 -2.04
CA ILE A 86 6.59 13.23 -1.20
C ILE A 86 7.84 13.78 -0.53
N SER A 87 8.26 14.97 -0.97
CA SER A 87 9.46 15.60 -0.44
C SER A 87 9.14 16.41 0.82
N CYS A 88 9.73 16.01 1.93
CA CYS A 88 9.54 16.71 3.19
C CYS A 88 10.81 17.45 3.58
N THR A 89 10.80 18.75 3.40
CA THR A 89 11.97 19.57 3.71
C THR A 89 11.74 20.40 4.97
N ILE A 90 12.82 20.63 5.70
CA ILE A 90 12.76 21.42 6.92
C ILE A 90 12.67 22.90 6.59
N ALA A 91 12.07 23.67 7.48
CA ALA A 91 11.93 25.10 7.26
C ALA A 91 11.55 25.82 8.54
N ASN A 92 12.48 25.85 9.46
CA ASN A 92 12.28 26.50 10.75
C ASN A 92 12.13 28.02 10.58
N ARG A 93 10.90 28.49 10.69
CA ARG A 93 10.63 29.92 10.55
C ARG A 93 10.41 30.58 11.92
N SER B 13 16.63 25.35 5.96
CA SER B 13 15.83 24.24 5.38
C SER B 13 16.66 22.95 5.33
N THR B 14 15.96 21.82 5.22
CA THR B 14 16.62 20.52 5.18
C THR B 14 15.76 19.48 4.44
N THR B 15 16.06 19.26 3.17
CA THR B 15 15.31 18.31 2.35
C THR B 15 15.34 16.89 2.94
N GLU B 16 14.16 16.28 3.02
CA GLU B 16 14.03 14.92 3.56
C GLU B 16 12.76 14.25 3.04
N VAL B 17 12.80 13.77 1.79
CA VAL B 17 11.63 13.11 1.21
C VAL B 17 11.45 11.71 1.77
N GLU B 18 10.25 11.16 1.60
CA GLU B 18 9.94 9.82 2.09
C GLU B 18 8.73 9.25 1.35
N ASP B 19 8.40 7.99 1.64
CA ASP B 19 7.27 7.33 1.00
C ASP B 19 6.03 7.42 1.88
N SER B 20 5.06 8.22 1.44
CA SER B 20 3.82 8.40 2.18
C SER B 20 2.97 7.13 2.13
N LYS B 21 3.20 6.32 1.11
CA LYS B 21 2.46 5.07 0.94
C LYS B 21 3.39 3.86 1.02
N PRO B 22 3.55 3.28 2.22
CA PRO B 22 4.42 2.11 2.43
C PRO B 22 4.08 0.97 1.48
N LYS B 23 5.10 0.49 0.76
CA LYS B 23 4.90 -0.60 -0.19
C LYS B 23 4.61 -1.91 0.53
N LEU B 24 3.34 -2.15 0.82
CA LEU B 24 2.93 -3.36 1.51
C LEU B 24 3.24 -4.59 0.68
N SER B 25 3.00 -5.77 1.27
CA SER B 25 3.26 -7.03 0.58
C SER B 25 2.56 -8.18 1.29
N ILE B 26 1.58 -8.78 0.61
CA ILE B 26 0.83 -9.89 1.18
C ILE B 26 1.20 -11.21 0.51
N HIS B 27 0.43 -12.25 0.80
CA HIS B 27 0.66 -13.57 0.22
C HIS B 27 -0.55 -14.47 0.44
N PHE B 28 -1.68 -14.06 -0.13
CA PHE B 28 -2.92 -14.82 0.00
C PHE B 28 -2.80 -16.18 -0.67
N ASP B 29 -3.27 -17.22 0.02
CA ASP B 29 -3.21 -18.58 -0.50
C ASP B 29 -4.27 -19.45 0.15
N ASN B 30 -4.04 -19.82 1.40
CA ASN B 30 -4.97 -20.66 2.15
C ASN B 30 -5.26 -21.95 1.40
N GLU B 31 -4.26 -22.43 0.66
CA GLU B 31 -4.40 -23.66 -0.11
C GLU B 31 -5.58 -23.58 -1.08
N TRP B 32 -6.00 -24.73 -1.60
CA TRP B 32 -7.11 -24.78 -2.53
C TRP B 32 -8.44 -24.93 -1.79
N PRO B 33 -9.32 -23.91 -1.89
CA PRO B 33 -10.63 -23.94 -1.23
C PRO B 33 -11.61 -24.88 -1.91
N LYS B 34 -11.13 -25.60 -2.92
CA LYS B 34 -11.97 -26.54 -3.67
C LYS B 34 -13.18 -25.83 -4.27
N GLU B 35 -14.12 -26.62 -4.78
CA GLU B 35 -15.33 -26.08 -5.40
C GLU B 35 -16.58 -26.54 -4.65
N ASP B 36 -17.69 -25.87 -4.91
CA ASP B 36 -18.95 -26.22 -4.26
C ASP B 36 -19.67 -27.33 -5.02
N SER A 1 -4.75 -30.28 -12.30
CA SER A 1 -4.88 -30.58 -13.76
C SER A 1 -4.80 -29.31 -14.59
N LYS A 2 -5.09 -28.18 -13.96
CA LYS A 2 -5.05 -26.89 -14.64
C LYS A 2 -4.09 -25.93 -13.96
N PRO A 3 -2.94 -25.66 -14.58
CA PRO A 3 -1.92 -24.75 -14.02
C PRO A 3 -2.40 -23.30 -13.98
N GLY A 4 -1.81 -22.52 -13.09
CA GLY A 4 -2.19 -21.12 -12.97
C GLY A 4 -2.87 -20.82 -11.64
N CYS A 5 -2.08 -20.45 -10.65
CA CYS A 5 -2.59 -20.13 -9.30
C CYS A 5 -4.00 -19.54 -9.37
N TYR A 6 -4.87 -20.03 -8.50
CA TYR A 6 -6.25 -19.57 -8.45
C TYR A 6 -6.46 -18.66 -7.25
N ASP A 7 -6.97 -17.45 -7.50
CA ASP A 7 -7.21 -16.48 -6.44
C ASP A 7 -8.49 -16.82 -5.69
N ASN A 8 -8.69 -16.18 -4.54
CA ASN A 8 -9.87 -16.42 -3.72
C ASN A 8 -11.16 -16.09 -4.46
N GLY A 9 -11.06 -15.73 -5.73
CA GLY A 9 -12.26 -15.39 -6.49
C GLY A 9 -12.15 -15.73 -7.97
N LYS A 10 -11.07 -15.29 -8.60
CA LYS A 10 -10.87 -15.53 -10.03
C LYS A 10 -9.55 -16.25 -10.30
N HIS A 11 -9.47 -16.89 -11.47
CA HIS A 11 -8.26 -17.60 -11.87
C HIS A 11 -7.54 -16.87 -13.00
N TYR A 12 -6.23 -16.72 -12.87
CA TYR A 12 -5.44 -16.02 -13.87
C TYR A 12 -4.24 -16.87 -14.32
N GLN A 13 -3.64 -16.48 -15.45
CA GLN A 13 -2.50 -17.19 -16.01
C GLN A 13 -1.47 -17.54 -14.94
N ILE A 14 -0.58 -18.48 -15.27
CA ILE A 14 0.45 -18.93 -14.34
C ILE A 14 1.35 -17.78 -13.85
N ASN A 15 1.24 -16.61 -14.47
CA ASN A 15 2.05 -15.48 -14.08
C ASN A 15 1.36 -14.16 -14.43
N GLN A 16 0.04 -14.14 -14.34
CA GLN A 16 -0.73 -12.93 -14.65
C GLN A 16 -0.83 -12.05 -13.42
N GLN A 17 -1.39 -10.85 -13.61
CA GLN A 17 -1.55 -9.92 -12.51
C GLN A 17 -2.99 -9.44 -12.40
N TRP A 18 -3.38 -9.04 -11.20
CA TRP A 18 -4.74 -8.55 -10.96
C TRP A 18 -4.76 -7.62 -9.76
N GLU A 19 -5.78 -6.76 -9.70
CA GLU A 19 -5.93 -5.81 -8.60
C GLU A 19 -6.66 -6.42 -7.42
N ARG A 20 -6.14 -6.15 -6.22
CA ARG A 20 -6.74 -6.65 -4.99
C ARG A 20 -6.46 -5.70 -3.84
N THR A 21 -7.22 -5.82 -2.77
CA THR A 21 -7.05 -4.95 -1.61
C THR A 21 -6.86 -5.77 -0.33
N TYR A 22 -6.01 -5.27 0.55
CA TYR A 22 -5.73 -5.95 1.81
C TYR A 22 -5.81 -4.96 2.99
N LEU A 23 -6.84 -5.13 3.81
CA LEU A 23 -7.07 -4.29 4.98
C LEU A 23 -7.53 -2.88 4.59
N GLY A 24 -7.02 -2.36 3.48
CA GLY A 24 -7.40 -1.04 3.03
C GLY A 24 -6.53 -0.52 1.90
N ASN A 25 -5.51 -1.29 1.52
CA ASN A 25 -4.62 -0.89 0.44
C ASN A 25 -4.79 -1.80 -0.77
N ALA A 26 -4.83 -1.19 -1.95
CA ALA A 26 -4.97 -1.95 -3.18
C ALA A 26 -3.62 -2.38 -3.72
N LEU A 27 -3.33 -3.67 -3.61
CA LEU A 27 -2.07 -4.23 -4.08
C LEU A 27 -2.32 -5.18 -5.25
N VAL A 28 -1.45 -5.13 -6.26
CA VAL A 28 -1.59 -6.02 -7.41
C VAL A 28 -0.88 -7.34 -7.12
N CYS A 29 -1.62 -8.43 -7.20
CA CYS A 29 -1.06 -9.75 -6.93
C CYS A 29 -0.56 -10.41 -8.20
N THR A 30 0.45 -11.26 -8.03
CA THR A 30 1.03 -11.99 -9.16
C THR A 30 0.70 -13.48 -9.05
N CYS A 31 0.71 -14.17 -10.18
CA CYS A 31 0.40 -15.60 -10.19
C CYS A 31 1.67 -16.43 -10.34
N TYR A 32 1.66 -17.62 -9.73
CA TYR A 32 2.81 -18.52 -9.79
C TYR A 32 2.35 -19.95 -10.09
N GLY A 33 1.19 -20.32 -9.57
CA GLY A 33 0.65 -21.65 -9.81
C GLY A 33 1.20 -22.68 -8.84
N GLY A 34 0.33 -23.26 -8.03
CA GLY A 34 0.75 -24.27 -7.08
C GLY A 34 0.75 -23.77 -5.65
N SER A 35 1.61 -24.37 -4.83
CA SER A 35 1.73 -23.99 -3.43
C SER A 35 2.43 -22.65 -3.26
N ARG A 36 2.83 -22.05 -4.38
CA ARG A 36 3.52 -20.76 -4.36
C ARG A 36 2.53 -19.63 -4.07
N GLY A 37 1.25 -19.91 -4.23
CA GLY A 37 0.23 -18.90 -3.98
C GLY A 37 0.43 -17.67 -4.82
N PHE A 38 -0.12 -16.54 -4.36
CA PHE A 38 -0.01 -15.28 -5.07
C PHE A 38 0.48 -14.18 -4.13
N ASN A 39 1.45 -13.40 -4.60
CA ASN A 39 2.00 -12.30 -3.81
C ASN A 39 1.46 -10.96 -4.27
N CYS A 40 0.96 -10.16 -3.34
CA CYS A 40 0.41 -8.85 -3.68
C CYS A 40 1.43 -7.75 -3.43
N GLU A 41 1.35 -6.69 -4.23
CA GLU A 41 2.27 -5.57 -4.10
C GLU A 41 1.52 -4.25 -4.32
N SER A 42 1.46 -3.43 -3.27
CA SER A 42 0.78 -2.14 -3.34
C SER A 42 1.01 -1.46 -4.69
N LYS A 43 -0.08 -1.00 -5.29
CA LYS A 43 0.00 -0.33 -6.58
C LYS A 43 0.15 1.18 -6.42
N PRO A 44 0.87 1.83 -7.35
CA PRO A 44 1.08 3.29 -7.30
C PRO A 44 -0.18 4.07 -7.66
N GLU A 45 -0.59 4.95 -6.76
CA GLU A 45 -1.77 5.77 -6.98
C GLU A 45 -1.42 7.05 -7.70
N ALA A 46 -2.01 8.14 -7.23
CA ALA A 46 -1.79 9.45 -7.82
C ALA A 46 -1.98 10.56 -6.78
N GLU A 47 -2.84 10.29 -5.80
CA GLU A 47 -3.12 11.24 -4.74
C GLU A 47 -2.27 10.96 -3.50
N GLU A 48 -0.96 11.03 -3.67
CA GLU A 48 -0.04 10.79 -2.56
C GLU A 48 -0.26 11.78 -1.43
N THR A 49 -0.33 11.27 -0.20
CA THR A 49 -0.54 12.12 0.97
C THR A 49 0.34 11.68 2.14
N CYS A 50 0.38 12.52 3.17
CA CYS A 50 1.16 12.24 4.37
C CYS A 50 0.29 12.43 5.61
N PHE A 51 0.22 11.41 6.46
CA PHE A 51 -0.60 11.47 7.65
C PHE A 51 0.24 11.81 8.89
N ASP A 52 -0.41 12.41 9.87
CA ASP A 52 0.25 12.76 11.13
C ASP A 52 -0.58 12.30 12.31
N LYS A 53 -0.10 11.27 12.98
CA LYS A 53 -0.81 10.72 14.14
C LYS A 53 -0.70 11.67 15.33
N TYR A 54 -0.03 12.80 15.12
CA TYR A 54 0.16 13.79 16.17
C TYR A 54 -0.98 14.80 16.16
N THR A 55 -1.45 15.14 14.96
CA THR A 55 -2.54 16.11 14.81
C THR A 55 -3.82 15.40 14.37
N GLY A 56 -3.69 14.13 14.02
CA GLY A 56 -4.84 13.37 13.58
C GLY A 56 -5.42 13.87 12.26
N ASN A 57 -4.58 14.52 11.47
CA ASN A 57 -5.00 15.06 10.18
C ASN A 57 -4.10 14.55 9.05
N THR A 58 -4.57 14.73 7.82
CA THR A 58 -3.81 14.30 6.64
C THR A 58 -3.39 15.50 5.80
N TYR A 59 -2.33 15.32 5.05
CA TYR A 59 -1.81 16.37 4.18
C TYR A 59 -1.48 15.81 2.82
N ARG A 60 -1.26 16.67 1.84
CA ARG A 60 -0.93 16.22 0.50
C ARG A 60 0.50 16.62 0.13
N VAL A 61 0.99 16.06 -0.97
CA VAL A 61 2.35 16.36 -1.42
C VAL A 61 2.47 17.80 -1.93
N GLY A 62 3.17 18.63 -1.15
CA GLY A 62 3.35 20.03 -1.54
C GLY A 62 2.84 20.99 -0.49
N ASP A 63 2.58 20.48 0.71
CA ASP A 63 2.09 21.31 1.80
C ASP A 63 3.06 21.30 2.98
N THR A 64 3.02 22.35 3.79
CA THR A 64 3.89 22.46 4.96
C THR A 64 3.07 22.80 6.20
N TYR A 65 3.51 22.30 7.35
CA TYR A 65 2.81 22.55 8.61
C TYR A 65 3.79 22.69 9.77
N GLU A 66 3.40 23.51 10.76
CA GLU A 66 4.23 23.74 11.92
C GLU A 66 3.60 23.08 13.16
N ARG A 67 4.33 22.16 13.77
CA ARG A 67 3.85 21.46 14.96
C ARG A 67 4.96 21.33 15.99
N PRO A 68 4.61 21.36 17.29
CA PRO A 68 5.57 21.25 18.37
C PRO A 68 5.91 19.80 18.71
N LYS A 69 7.10 19.58 19.25
CA LYS A 69 7.53 18.23 19.60
C LYS A 69 8.70 18.27 20.58
N ASP A 70 8.53 17.60 21.72
CA ASP A 70 9.55 17.52 22.76
C ASP A 70 9.63 18.82 23.55
N SER A 71 9.99 19.89 22.86
CA SER A 71 10.11 21.20 23.48
C SER A 71 10.46 22.27 22.45
N MET A 72 10.49 21.87 21.18
CA MET A 72 10.82 22.79 20.10
C MET A 72 9.76 22.75 19.01
N ILE A 73 9.80 23.73 18.11
CA ILE A 73 8.84 23.80 17.02
C ILE A 73 9.42 23.12 15.77
N TRP A 74 8.63 22.24 15.18
CA TRP A 74 9.06 21.50 13.99
C TRP A 74 8.19 21.86 12.78
N ASP A 75 8.82 22.29 11.70
CA ASP A 75 8.11 22.62 10.48
C ASP A 75 8.03 21.37 9.60
N CYS A 76 7.12 20.48 9.94
CA CYS A 76 6.94 19.22 9.22
C CYS A 76 6.53 19.45 7.76
N THR A 77 7.52 19.44 6.87
CA THR A 77 7.26 19.61 5.45
C THR A 77 6.72 18.31 4.84
N CYS A 78 5.65 18.41 4.07
CA CYS A 78 5.05 17.24 3.45
C CYS A 78 5.55 17.04 2.02
N ILE A 79 6.17 15.89 1.78
CA ILE A 79 6.71 15.57 0.46
C ILE A 79 5.90 14.45 -0.19
N GLY A 80 6.53 13.71 -1.10
CA GLY A 80 5.83 12.63 -1.77
C GLY A 80 6.53 12.18 -3.04
N ALA A 81 7.13 13.14 -3.73
CA ALA A 81 7.83 12.87 -4.99
C ALA A 81 8.64 11.58 -4.90
N GLY A 82 9.32 11.38 -3.77
CA GLY A 82 10.12 10.18 -3.59
C GLY A 82 9.26 8.94 -3.50
N ARG A 83 8.65 8.72 -2.34
CA ARG A 83 7.79 7.56 -2.13
C ARG A 83 7.10 7.64 -0.77
N GLY A 84 6.14 8.56 -0.65
CA GLY A 84 5.40 8.73 0.58
C GLY A 84 6.32 8.86 1.79
N ARG A 85 6.69 10.10 2.12
CA ARG A 85 7.57 10.35 3.25
C ARG A 85 7.34 11.75 3.83
N ILE A 86 6.69 11.81 4.99
CA ILE A 86 6.44 13.08 5.65
C ILE A 86 7.70 13.58 6.34
N SER A 87 8.27 14.66 5.81
CA SER A 87 9.49 15.22 6.37
C SER A 87 9.20 16.20 7.50
N CYS A 88 9.80 15.95 8.65
CA CYS A 88 9.62 16.83 9.80
C CYS A 88 10.94 17.46 10.17
N THR A 89 11.08 18.73 9.85
CA THR A 89 12.30 19.48 10.13
C THR A 89 12.12 20.40 11.32
N ILE A 90 13.21 20.67 12.03
CA ILE A 90 13.17 21.55 13.18
C ILE A 90 13.22 23.00 12.73
N ALA A 91 12.69 23.89 13.56
CA ALA A 91 12.68 25.31 13.24
C ALA A 91 12.30 26.15 14.44
N ASN A 92 13.21 26.17 15.40
CA ASN A 92 13.02 26.92 16.64
C ASN A 92 13.05 28.43 16.36
N ARG A 93 11.90 29.08 16.49
CA ARG A 93 11.80 30.51 16.25
C ARG A 93 12.18 31.29 17.50
N SER B 13 17.33 24.72 12.23
CA SER B 13 16.47 23.77 11.48
C SER B 13 17.16 22.40 11.36
N THR B 14 16.44 21.33 11.72
CA THR B 14 16.99 19.98 11.66
C THR B 14 16.01 19.02 11.00
N THR B 15 16.29 18.64 9.75
CA THR B 15 15.42 17.72 9.01
C THR B 15 15.29 16.38 9.73
N GLU B 16 14.07 15.85 9.76
CA GLU B 16 13.80 14.57 10.42
C GLU B 16 12.55 13.90 9.85
N VAL B 17 12.75 13.04 8.85
CA VAL B 17 11.62 12.33 8.23
C VAL B 17 11.73 10.83 8.48
N GLU B 18 10.64 10.22 8.92
CA GLU B 18 10.61 8.79 9.19
C GLU B 18 10.14 8.02 7.96
N ASP B 19 8.84 8.11 7.69
CA ASP B 19 8.26 7.44 6.53
C ASP B 19 6.78 7.79 6.39
N SER B 20 6.08 7.10 5.49
CA SER B 20 4.66 7.35 5.27
C SER B 20 4.04 6.24 4.42
N LYS B 21 4.75 5.82 3.38
CA LYS B 21 4.27 4.76 2.50
C LYS B 21 5.42 3.88 2.01
N PRO B 22 5.94 3.00 2.88
CA PRO B 22 7.04 2.10 2.54
C PRO B 22 6.57 0.90 1.72
N LYS B 23 5.75 1.15 0.71
CA LYS B 23 5.23 0.09 -0.15
C LYS B 23 4.47 -0.94 0.66
N LEU B 24 4.19 -2.10 0.05
CA LEU B 24 3.47 -3.16 0.72
C LEU B 24 3.51 -4.46 -0.11
N SER B 25 3.72 -5.58 0.58
CA SER B 25 3.76 -6.87 -0.08
C SER B 25 3.12 -7.94 0.81
N ILE B 26 2.35 -8.83 0.19
CA ILE B 26 1.68 -9.90 0.92
C ILE B 26 1.88 -11.25 0.25
N HIS B 27 1.92 -12.31 1.07
CA HIS B 27 2.10 -13.66 0.56
C HIS B 27 0.89 -14.52 0.89
N PHE B 28 -0.27 -14.14 0.38
CA PHE B 28 -1.51 -14.87 0.62
C PHE B 28 -1.36 -16.33 0.24
N ASP B 29 -1.33 -17.21 1.23
CA ASP B 29 -1.20 -18.64 1.00
C ASP B 29 -1.52 -19.43 2.26
N ASN B 30 -2.75 -19.93 2.34
CA ASN B 30 -3.19 -20.70 3.49
C ASN B 30 -3.81 -22.02 3.06
N GLU B 31 -5.06 -21.95 2.57
CA GLU B 31 -5.76 -23.15 2.13
C GLU B 31 -5.92 -23.16 0.61
N TRP B 32 -6.34 -24.30 0.07
CA TRP B 32 -6.53 -24.43 -1.37
C TRP B 32 -7.72 -25.34 -1.68
N PRO B 33 -8.86 -24.75 -2.06
CA PRO B 33 -10.07 -25.52 -2.38
C PRO B 33 -9.92 -26.34 -3.65
N LYS B 34 -9.73 -27.66 -3.49
CA LYS B 34 -9.56 -28.55 -4.62
C LYS B 34 -10.70 -29.55 -4.68
N GLU B 35 -10.66 -30.43 -5.69
CA GLU B 35 -11.69 -31.44 -5.86
C GLU B 35 -11.46 -32.63 -4.94
N ASP B 36 -12.47 -32.97 -4.14
CA ASP B 36 -12.38 -34.08 -3.21
C ASP B 36 -13.65 -34.93 -3.23
N SER A 1 -1.42 -31.10 -8.86
CA SER A 1 -1.76 -29.65 -8.82
C SER A 1 -2.04 -29.11 -10.22
N LYS A 2 -2.52 -27.87 -10.28
CA LYS A 2 -2.84 -27.23 -11.56
C LYS A 2 -2.04 -25.95 -11.74
N PRO A 3 -1.69 -25.60 -12.99
CA PRO A 3 -0.92 -24.39 -13.29
C PRO A 3 -1.73 -23.12 -13.02
N GLY A 4 -1.02 -22.05 -12.66
CA GLY A 4 -1.68 -20.79 -12.38
C GLY A 4 -1.92 -20.59 -10.89
N CYS A 5 -2.72 -19.57 -10.55
CA CYS A 5 -3.03 -19.28 -9.16
C CYS A 5 -4.54 -19.28 -8.95
N TYR A 6 -4.96 -19.51 -7.71
CA TYR A 6 -6.37 -19.54 -7.39
C TYR A 6 -6.79 -18.33 -6.57
N ASP A 7 -7.52 -17.43 -7.22
CA ASP A 7 -8.01 -16.22 -6.56
C ASP A 7 -9.40 -16.47 -6.00
N ASN A 8 -9.88 -15.55 -5.16
CA ASN A 8 -11.19 -15.68 -4.54
C ASN A 8 -12.27 -16.06 -5.55
N GLY A 9 -12.43 -17.37 -5.77
CA GLY A 9 -13.43 -17.85 -6.71
C GLY A 9 -13.07 -17.61 -8.16
N LYS A 10 -12.00 -16.87 -8.40
CA LYS A 10 -11.57 -16.57 -9.76
C LYS A 10 -10.17 -17.13 -10.04
N HIS A 11 -9.90 -17.45 -11.30
CA HIS A 11 -8.60 -18.00 -11.69
C HIS A 11 -7.82 -17.01 -12.54
N TYR A 12 -6.52 -16.94 -12.30
CA TYR A 12 -5.65 -16.02 -13.05
C TYR A 12 -4.45 -16.77 -13.64
N GLN A 13 -3.76 -16.13 -14.58
CA GLN A 13 -2.61 -16.73 -15.23
C GLN A 13 -1.33 -16.47 -14.45
N ILE A 14 -0.31 -17.28 -14.69
CA ILE A 14 0.98 -17.15 -14.03
C ILE A 14 1.70 -15.90 -14.52
N ASN A 15 2.36 -15.20 -13.60
CA ASN A 15 3.09 -13.98 -13.92
C ASN A 15 2.13 -12.84 -14.26
N GLN A 16 0.85 -13.18 -14.43
CA GLN A 16 -0.16 -12.18 -14.74
C GLN A 16 -0.54 -11.42 -13.48
N GLN A 17 -0.57 -10.09 -13.57
CA GLN A 17 -0.91 -9.27 -12.42
C GLN A 17 -2.34 -8.73 -12.53
N TRP A 18 -2.93 -8.45 -11.38
CA TRP A 18 -4.28 -7.92 -11.33
C TRP A 18 -4.49 -7.10 -10.06
N GLU A 19 -5.50 -6.22 -10.08
CA GLU A 19 -5.79 -5.37 -8.94
C GLU A 19 -6.72 -6.06 -7.93
N ARG A 20 -6.29 -6.09 -6.68
CA ARG A 20 -7.06 -6.71 -5.61
C ARG A 20 -6.68 -6.10 -4.26
N THR A 21 -7.69 -5.78 -3.46
CA THR A 21 -7.47 -5.18 -2.15
C THR A 21 -7.42 -6.23 -1.05
N TYR A 22 -6.63 -5.96 -0.02
CA TYR A 22 -6.49 -6.87 1.11
C TYR A 22 -6.69 -6.11 2.43
N LEU A 23 -7.83 -6.35 3.07
CA LEU A 23 -8.16 -5.71 4.34
C LEU A 23 -8.54 -4.23 4.15
N GLY A 24 -7.76 -3.53 3.33
CA GLY A 24 -8.04 -2.11 3.10
C GLY A 24 -7.05 -1.46 2.15
N ASN A 25 -6.08 -2.23 1.67
CA ASN A 25 -5.08 -1.71 0.75
C ASN A 25 -5.17 -2.40 -0.60
N ALA A 26 -5.06 -1.62 -1.66
CA ALA A 26 -5.14 -2.16 -3.01
C ALA A 26 -3.76 -2.62 -3.49
N LEU A 27 -3.59 -3.93 -3.59
CA LEU A 27 -2.32 -4.51 -4.05
C LEU A 27 -2.52 -5.18 -5.40
N VAL A 28 -1.40 -5.47 -6.08
CA VAL A 28 -1.46 -6.14 -7.37
C VAL A 28 -0.63 -7.42 -7.35
N CYS A 29 -1.32 -8.55 -7.29
CA CYS A 29 -0.65 -9.84 -7.25
C CYS A 29 -0.04 -10.17 -8.62
N THR A 30 1.08 -10.89 -8.60
CA THR A 30 1.77 -11.26 -9.84
C THR A 30 1.49 -12.72 -10.22
N CYS A 31 1.18 -13.54 -9.22
CA CYS A 31 0.89 -14.95 -9.44
C CYS A 31 2.16 -15.71 -9.81
N TYR A 32 2.44 -16.79 -9.08
CA TYR A 32 3.63 -17.61 -9.33
C TYR A 32 3.25 -18.91 -10.02
N GLY A 33 2.05 -19.41 -9.72
CA GLY A 33 1.59 -20.65 -10.31
C GLY A 33 2.08 -21.88 -9.57
N GLY A 34 1.15 -22.71 -9.12
CA GLY A 34 1.51 -23.92 -8.40
C GLY A 34 1.37 -23.75 -6.90
N SER A 35 2.14 -24.55 -6.15
CA SER A 35 2.10 -24.50 -4.69
C SER A 35 2.84 -23.28 -4.17
N ARG A 36 3.42 -22.50 -5.08
CA ARG A 36 4.17 -21.31 -4.72
C ARG A 36 3.23 -20.18 -4.33
N GLY A 37 1.95 -20.31 -4.67
CA GLY A 37 0.98 -19.29 -4.36
C GLY A 37 1.25 -18.00 -5.11
N PHE A 38 0.42 -16.99 -4.87
CA PHE A 38 0.57 -15.70 -5.54
C PHE A 38 0.84 -14.59 -4.52
N ASN A 39 1.82 -13.75 -4.83
CA ASN A 39 2.19 -12.65 -3.94
C ASN A 39 1.65 -11.32 -4.46
N CYS A 40 1.13 -10.49 -3.56
CA CYS A 40 0.59 -9.19 -3.93
C CYS A 40 1.56 -8.08 -3.53
N GLU A 41 1.44 -6.93 -4.20
CA GLU A 41 2.30 -5.79 -3.91
C GLU A 41 1.53 -4.49 -4.01
N SER A 42 1.53 -3.71 -2.93
CA SER A 42 0.81 -2.44 -2.89
C SER A 42 1.01 -1.68 -4.20
N LYS A 43 -0.08 -1.15 -4.75
CA LYS A 43 -0.01 -0.41 -6.01
C LYS A 43 0.09 1.10 -5.74
N PRO A 44 0.73 1.85 -6.65
CA PRO A 44 0.89 3.31 -6.51
C PRO A 44 -0.44 4.01 -6.29
N GLU A 45 -0.45 4.96 -5.36
CA GLU A 45 -1.66 5.72 -5.05
C GLU A 45 -1.95 6.75 -6.14
N ALA A 46 -3.01 7.53 -5.92
CA ALA A 46 -3.41 8.56 -6.86
C ALA A 46 -4.39 9.54 -6.23
N GLU A 47 -5.61 9.06 -6.02
CA GLU A 47 -6.65 9.89 -5.41
C GLU A 47 -7.02 9.35 -4.03
N GLU A 48 -6.04 8.76 -3.35
CA GLU A 48 -6.25 8.20 -2.02
C GLU A 48 -6.75 9.26 -1.05
N THR A 49 -7.12 8.81 0.16
CA THR A 49 -7.62 9.71 1.18
C THR A 49 -7.40 9.14 2.58
N CYS A 50 -7.63 9.96 3.59
CA CYS A 50 -7.47 9.55 4.98
C CYS A 50 -8.76 9.83 5.75
N PHE A 51 -9.35 8.77 6.31
CA PHE A 51 -10.59 8.91 7.06
C PHE A 51 -10.32 8.97 8.57
N ASP A 52 -11.26 9.56 9.31
CA ASP A 52 -11.15 9.67 10.75
C ASP A 52 -12.44 9.21 11.43
N LYS A 53 -12.39 8.02 12.01
CA LYS A 53 -13.55 7.46 12.69
C LYS A 53 -13.82 8.18 14.01
N TYR A 54 -13.02 9.20 14.29
CA TYR A 54 -13.17 9.98 15.51
C TYR A 54 -14.12 11.15 15.31
N THR A 55 -14.18 11.65 14.09
CA THR A 55 -15.05 12.77 13.76
C THR A 55 -16.02 12.39 12.64
N GLY A 56 -15.84 11.21 12.07
CA GLY A 56 -16.70 10.75 11.00
C GLY A 56 -16.55 11.56 9.73
N ASN A 57 -15.39 12.19 9.56
CA ASN A 57 -15.13 13.00 8.37
C ASN A 57 -13.99 12.41 7.55
N THR A 58 -13.90 12.83 6.30
CA THR A 58 -12.86 12.34 5.39
C THR A 58 -11.91 13.46 5.00
N TYR A 59 -10.65 13.10 4.81
CA TYR A 59 -9.62 14.04 4.43
C TYR A 59 -8.82 13.48 3.27
N ARG A 60 -8.03 14.32 2.61
CA ARG A 60 -7.23 13.86 1.47
C ARG A 60 -5.78 13.65 1.89
N VAL A 61 -5.09 12.75 1.20
CA VAL A 61 -3.70 12.46 1.50
C VAL A 61 -2.84 13.70 1.34
N GLY A 62 -2.31 14.19 2.46
CA GLY A 62 -1.48 15.38 2.44
C GLY A 62 -2.14 16.55 3.11
N ASP A 63 -3.19 16.27 3.89
CA ASP A 63 -3.91 17.31 4.60
C ASP A 63 -3.76 17.14 6.10
N THR A 64 -4.11 18.18 6.86
CA THR A 64 -4.01 18.13 8.31
C THR A 64 -5.22 18.76 8.98
N TYR A 65 -5.44 18.40 10.24
CA TYR A 65 -6.55 18.93 11.01
C TYR A 65 -6.27 18.83 12.51
N GLU A 66 -6.99 19.64 13.29
CA GLU A 66 -6.83 19.65 14.73
C GLU A 66 -8.08 19.10 15.42
N ARG A 67 -7.90 18.02 16.18
CA ARG A 67 -9.01 17.40 16.89
C ARG A 67 -8.58 16.96 18.30
N PRO A 68 -9.50 17.04 19.27
CA PRO A 68 -9.21 16.64 20.66
C PRO A 68 -9.30 15.13 20.85
N LYS A 69 -8.55 14.61 21.82
CA LYS A 69 -8.55 13.18 22.11
C LYS A 69 -8.12 12.91 23.55
N ASP A 70 -9.01 12.25 24.29
CA ASP A 70 -8.77 11.91 25.70
C ASP A 70 -8.93 13.12 26.60
N SER A 71 -8.11 14.12 26.36
CA SER A 71 -8.14 15.35 27.15
C SER A 71 -7.12 16.36 26.65
N MET A 72 -6.50 16.05 25.51
CA MET A 72 -5.50 16.92 24.91
C MET A 72 -5.81 17.18 23.45
N ILE A 73 -5.20 18.22 22.90
CA ILE A 73 -5.41 18.57 21.49
C ILE A 73 -4.39 17.86 20.62
N TRP A 74 -4.88 17.10 19.64
CA TRP A 74 -4.02 16.35 18.74
C TRP A 74 -4.11 16.86 17.32
N ASP A 75 -2.96 17.11 16.71
CA ASP A 75 -2.92 17.57 15.32
C ASP A 75 -2.78 16.36 14.40
N CYS A 76 -3.81 15.53 14.37
CA CYS A 76 -3.82 14.31 13.58
C CYS A 76 -3.57 14.57 12.10
N THR A 77 -2.35 14.28 11.66
CA THR A 77 -1.97 14.44 10.27
C THR A 77 -2.51 13.29 9.43
N CYS A 78 -3.07 13.61 8.28
CA CYS A 78 -3.63 12.58 7.40
C CYS A 78 -2.60 12.17 6.36
N ILE A 79 -2.35 10.87 6.27
CA ILE A 79 -1.40 10.32 5.33
C ILE A 79 -2.12 9.51 4.26
N GLY A 80 -1.38 8.69 3.53
CA GLY A 80 -1.99 7.86 2.51
C GLY A 80 -2.64 6.65 3.12
N ALA A 81 -3.49 6.89 4.12
CA ALA A 81 -4.19 5.83 4.83
C ALA A 81 -4.80 4.81 3.88
N GLY A 82 -5.05 5.22 2.64
CA GLY A 82 -5.63 4.32 1.66
C GLY A 82 -4.84 3.03 1.53
N ARG A 83 -3.62 3.05 2.06
CA ARG A 83 -2.75 1.89 2.02
C ARG A 83 -1.86 1.85 3.26
N GLY A 84 -1.51 3.03 3.78
CA GLY A 84 -0.67 3.11 4.95
C GLY A 84 -1.45 3.33 6.24
N ARG A 85 -1.74 4.61 6.56
CA ARG A 85 -2.48 4.93 7.78
C ARG A 85 -2.66 6.43 7.98
N ILE A 86 -3.15 6.79 9.16
CA ILE A 86 -3.36 8.19 9.55
C ILE A 86 -2.41 8.54 10.69
N SER A 87 -1.60 9.57 10.49
CA SER A 87 -0.64 9.99 11.49
C SER A 87 -1.28 10.94 12.50
N CYS A 88 -1.30 10.53 13.76
CA CYS A 88 -1.88 11.36 14.81
C CYS A 88 -0.79 11.79 15.79
N THR A 89 -0.51 13.09 15.81
CA THR A 89 0.50 13.63 16.70
C THR A 89 -0.11 14.61 17.68
N ILE A 90 0.50 14.72 18.84
CA ILE A 90 0.03 15.62 19.88
C ILE A 90 0.53 17.02 19.62
N ALA A 91 -0.18 18.01 20.15
CA ALA A 91 0.21 19.41 19.95
C ALA A 91 -0.51 20.31 20.93
N ASN A 92 -0.15 20.16 22.19
CA ASN A 92 -0.74 20.94 23.27
C ASN A 92 0.19 22.10 23.67
N ARG A 93 -0.17 23.30 23.22
CA ARG A 93 0.63 24.49 23.53
C ARG A 93 0.25 25.05 24.89
N SER B 13 4.75 18.36 21.16
CA SER B 13 4.10 17.40 20.23
C SER B 13 4.43 15.95 20.60
N THR B 14 3.60 15.02 20.13
CA THR B 14 3.80 13.60 20.42
C THR B 14 3.08 12.72 19.41
N THR B 15 3.83 12.21 18.43
CA THR B 15 3.26 11.35 17.39
C THR B 15 2.54 10.15 17.98
N GLU B 16 1.77 9.46 17.14
CA GLU B 16 1.01 8.29 17.57
C GLU B 16 0.53 7.46 16.38
N VAL B 17 1.01 7.80 15.19
CA VAL B 17 0.61 7.09 13.97
C VAL B 17 0.79 5.58 14.14
N GLU B 18 -0.09 4.81 13.51
CA GLU B 18 -0.03 3.35 13.59
C GLU B 18 1.31 2.83 13.08
N ASP B 19 1.48 2.79 11.76
CA ASP B 19 2.70 2.29 11.16
C ASP B 19 3.20 3.24 10.07
N SER B 20 4.14 2.76 9.26
CA SER B 20 4.70 3.56 8.18
C SER B 20 5.36 2.68 7.12
N LYS B 21 4.54 2.09 6.26
CA LYS B 21 5.05 1.22 5.20
C LYS B 21 4.72 1.79 3.82
N PRO B 22 5.74 1.93 2.95
CA PRO B 22 5.56 2.45 1.59
C PRO B 22 4.89 1.45 0.66
N LYS B 23 5.15 0.17 0.90
CA LYS B 23 4.58 -0.89 0.08
C LYS B 23 3.85 -1.91 0.95
N LEU B 24 3.46 -3.03 0.34
CA LEU B 24 2.74 -4.08 1.06
C LEU B 24 2.71 -5.37 0.25
N SER B 25 3.52 -6.34 0.68
CA SER B 25 3.58 -7.63 0.00
C SER B 25 2.83 -8.70 0.81
N ILE B 26 2.08 -9.54 0.11
CA ILE B 26 1.32 -10.59 0.76
C ILE B 26 1.49 -11.94 0.07
N HIS B 27 1.86 -12.96 0.84
CA HIS B 27 2.05 -14.29 0.29
C HIS B 27 0.76 -15.10 0.38
N PHE B 28 -0.28 -14.60 -0.28
CA PHE B 28 -1.59 -15.26 -0.28
C PHE B 28 -1.45 -16.72 -0.70
N ASP B 29 -1.86 -17.64 0.17
CA ASP B 29 -1.79 -19.06 -0.12
C ASP B 29 -3.12 -19.74 0.18
N ASN B 30 -3.87 -20.03 -0.88
CA ASN B 30 -5.16 -20.68 -0.74
C ASN B 30 -5.06 -22.18 -0.99
N GLU B 31 -6.16 -22.89 -0.81
CA GLU B 31 -6.19 -24.34 -1.03
C GLU B 31 -6.25 -24.67 -2.52
N TRP B 32 -5.89 -25.89 -2.86
CA TRP B 32 -5.90 -26.33 -4.25
C TRP B 32 -6.67 -27.64 -4.41
N PRO B 33 -7.64 -27.69 -5.35
CA PRO B 33 -8.45 -28.89 -5.58
C PRO B 33 -7.59 -30.10 -5.91
N LYS B 34 -7.59 -31.08 -5.01
CA LYS B 34 -6.82 -32.30 -5.21
C LYS B 34 -7.72 -33.53 -5.15
N GLU B 35 -7.83 -34.24 -6.28
CA GLU B 35 -8.65 -35.43 -6.36
C GLU B 35 -7.79 -36.69 -6.30
N ASP B 36 -8.39 -37.79 -5.86
CA ASP B 36 -7.69 -39.07 -5.77
C ASP B 36 -7.83 -39.87 -7.05
N SER A 1 -0.45 -28.92 -17.06
CA SER A 1 -1.85 -29.02 -16.55
C SER A 1 -2.07 -28.11 -15.35
N LYS A 2 -1.26 -27.07 -15.25
CA LYS A 2 -1.38 -26.11 -14.15
C LYS A 2 -1.79 -24.74 -14.67
N PRO A 3 -3.04 -24.33 -14.42
CA PRO A 3 -3.56 -23.02 -14.86
C PRO A 3 -2.70 -21.87 -14.36
N GLY A 4 -2.29 -21.94 -13.10
CA GLY A 4 -1.46 -20.89 -12.53
C GLY A 4 -1.76 -20.66 -11.06
N CYS A 5 -2.60 -19.67 -10.78
CA CYS A 5 -2.97 -19.35 -9.41
C CYS A 5 -4.49 -19.18 -9.29
N TYR A 6 -4.99 -19.24 -8.06
CA TYR A 6 -6.43 -19.10 -7.83
C TYR A 6 -6.76 -17.93 -6.92
N ASP A 7 -7.30 -16.87 -7.50
CA ASP A 7 -7.70 -15.69 -6.74
C ASP A 7 -9.09 -15.91 -6.17
N ASN A 8 -9.51 -15.03 -5.26
CA ASN A 8 -10.82 -15.13 -4.62
C ASN A 8 -11.94 -15.42 -5.63
N GLY A 9 -12.11 -16.69 -5.96
CA GLY A 9 -13.14 -17.10 -6.90
C GLY A 9 -12.76 -16.88 -8.35
N LYS A 10 -11.71 -16.10 -8.58
CA LYS A 10 -11.25 -15.82 -9.94
C LYS A 10 -9.95 -16.57 -10.24
N HIS A 11 -9.87 -17.15 -11.43
CA HIS A 11 -8.68 -17.90 -11.83
C HIS A 11 -7.81 -17.11 -12.79
N TYR A 12 -6.51 -17.10 -12.54
CA TYR A 12 -5.55 -16.39 -13.38
C TYR A 12 -4.41 -17.33 -13.80
N GLN A 13 -3.65 -16.92 -14.82
CA GLN A 13 -2.55 -17.73 -15.31
C GLN A 13 -1.23 -17.34 -14.66
N ILE A 14 -0.19 -18.08 -15.01
CA ILE A 14 1.14 -17.84 -14.47
C ILE A 14 1.67 -16.48 -14.90
N ASN A 15 2.37 -15.82 -13.98
CA ASN A 15 2.96 -14.50 -14.24
C ASN A 15 1.88 -13.44 -14.46
N GLN A 16 0.61 -13.84 -14.43
CA GLN A 16 -0.47 -12.89 -14.63
C GLN A 16 -0.69 -12.07 -13.35
N GLN A 17 -1.00 -10.78 -13.52
CA GLN A 17 -1.24 -9.91 -12.38
C GLN A 17 -2.65 -9.32 -12.45
N TRP A 18 -3.15 -8.92 -11.29
CA TRP A 18 -4.48 -8.32 -11.18
C TRP A 18 -4.60 -7.49 -9.92
N GLU A 19 -5.69 -6.73 -9.80
CA GLU A 19 -5.91 -5.89 -8.63
C GLU A 19 -6.59 -6.65 -7.51
N ARG A 20 -6.06 -6.51 -6.29
CA ARG A 20 -6.61 -7.18 -5.13
C ARG A 20 -6.27 -6.40 -3.86
N THR A 21 -7.31 -5.98 -3.14
CA THR A 21 -7.14 -5.21 -1.92
C THR A 21 -7.01 -6.14 -0.71
N TYR A 22 -6.22 -5.71 0.27
CA TYR A 22 -6.01 -6.48 1.48
C TYR A 22 -6.07 -5.57 2.71
N LEU A 23 -7.08 -5.80 3.56
CA LEU A 23 -7.28 -5.02 4.77
C LEU A 23 -7.82 -3.62 4.46
N GLY A 24 -7.15 -2.91 3.57
CA GLY A 24 -7.59 -1.57 3.20
C GLY A 24 -6.74 -0.94 2.12
N ASN A 25 -5.82 -1.73 1.54
CA ASN A 25 -4.96 -1.24 0.49
C ASN A 25 -5.09 -2.09 -0.76
N ALA A 26 -5.04 -1.45 -1.92
CA ALA A 26 -5.16 -2.16 -3.18
C ALA A 26 -3.78 -2.58 -3.71
N LEU A 27 -3.49 -3.87 -3.60
CA LEU A 27 -2.21 -4.41 -4.05
C LEU A 27 -2.39 -5.30 -5.28
N VAL A 28 -1.52 -5.15 -6.26
CA VAL A 28 -1.59 -5.98 -7.46
C VAL A 28 -0.83 -7.28 -7.23
N CYS A 29 -1.55 -8.38 -7.23
CA CYS A 29 -0.94 -9.69 -7.01
C CYS A 29 -0.38 -10.27 -8.29
N THR A 30 0.61 -11.14 -8.16
CA THR A 30 1.23 -11.80 -9.29
C THR A 30 0.82 -13.26 -9.33
N CYS A 31 1.66 -14.11 -9.95
CA CYS A 31 1.35 -15.53 -10.03
C CYS A 31 2.61 -16.34 -10.34
N TYR A 32 2.80 -17.42 -9.58
CA TYR A 32 3.96 -18.30 -9.77
C TYR A 32 3.52 -19.62 -10.39
N GLY A 33 2.30 -20.04 -10.08
CA GLY A 33 1.78 -21.28 -10.62
C GLY A 33 2.17 -22.48 -9.79
N GLY A 34 1.23 -22.99 -9.02
CA GLY A 34 1.51 -24.15 -8.19
C GLY A 34 1.20 -23.91 -6.73
N SER A 35 2.09 -24.39 -5.86
CA SER A 35 1.91 -24.25 -4.42
C SER A 35 2.61 -22.98 -3.91
N ARG A 36 3.26 -22.26 -4.81
CA ARG A 36 3.97 -21.04 -4.44
C ARG A 36 3.00 -19.90 -4.18
N GLY A 37 1.74 -20.10 -4.53
CA GLY A 37 0.75 -19.06 -4.33
C GLY A 37 1.07 -17.77 -5.06
N PHE A 38 0.37 -16.70 -4.73
CA PHE A 38 0.59 -15.41 -5.37
C PHE A 38 0.90 -14.34 -4.33
N ASN A 39 1.78 -13.40 -4.68
CA ASN A 39 2.15 -12.32 -3.78
C ASN A 39 1.60 -10.99 -4.27
N CYS A 40 0.98 -10.23 -3.38
CA CYS A 40 0.42 -8.93 -3.73
C CYS A 40 1.42 -7.81 -3.45
N GLU A 41 1.29 -6.71 -4.18
CA GLU A 41 2.17 -5.57 -4.01
C GLU A 41 1.40 -4.26 -4.13
N SER A 42 1.45 -3.44 -3.08
CA SER A 42 0.76 -2.16 -3.07
C SER A 42 0.95 -1.43 -4.39
N LYS A 43 -0.12 -0.84 -4.91
CA LYS A 43 -0.06 -0.11 -6.17
C LYS A 43 0.23 1.37 -5.93
N PRO A 44 0.95 2.03 -6.87
CA PRO A 44 1.29 3.44 -6.75
C PRO A 44 0.12 4.35 -7.09
N GLU A 45 -0.90 4.34 -6.23
CA GLU A 45 -2.08 5.17 -6.44
C GLU A 45 -1.77 6.63 -6.19
N ALA A 46 -2.81 7.45 -6.06
CA ALA A 46 -2.64 8.87 -5.82
C ALA A 46 -3.81 9.44 -5.02
N GLU A 47 -4.96 8.81 -5.14
CA GLU A 47 -6.16 9.26 -4.43
C GLU A 47 -6.16 8.76 -2.99
N GLU A 48 -4.97 8.60 -2.41
CA GLU A 48 -4.85 8.13 -1.04
C GLU A 48 -5.42 9.15 -0.06
N THR A 49 -5.80 8.68 1.12
CA THR A 49 -6.36 9.55 2.15
C THR A 49 -6.26 8.89 3.53
N CYS A 50 -6.68 9.63 4.55
CA CYS A 50 -6.66 9.13 5.93
C CYS A 50 -7.84 9.68 6.71
N PHE A 51 -8.55 8.80 7.40
CA PHE A 51 -9.71 9.21 8.19
C PHE A 51 -9.39 9.29 9.68
N ASP A 52 -9.96 10.29 10.33
CA ASP A 52 -9.76 10.48 11.77
C ASP A 52 -11.05 10.20 12.52
N LYS A 53 -11.06 9.10 13.27
CA LYS A 53 -12.24 8.71 14.04
C LYS A 53 -12.37 9.54 15.30
N TYR A 54 -11.49 10.54 15.44
CA TYR A 54 -11.50 11.41 16.60
C TYR A 54 -12.40 12.62 16.37
N THR A 55 -12.62 12.95 15.10
CA THR A 55 -13.47 14.08 14.73
C THR A 55 -14.42 13.73 13.60
N GLY A 56 -14.18 12.56 12.99
CA GLY A 56 -15.01 12.12 11.89
C GLY A 56 -14.75 12.86 10.59
N ASN A 57 -13.52 13.31 10.41
CA ASN A 57 -13.14 14.04 9.20
C ASN A 57 -12.10 13.27 8.40
N THR A 58 -12.09 13.50 7.08
CA THR A 58 -11.15 12.83 6.19
C THR A 58 -10.14 13.82 5.62
N TYR A 59 -8.92 13.36 5.46
CA TYR A 59 -7.84 14.18 4.91
C TYR A 59 -7.13 13.43 3.80
N ARG A 60 -6.35 14.14 3.01
CA ARG A 60 -5.61 13.52 1.92
C ARG A 60 -4.13 13.40 2.27
N VAL A 61 -3.44 12.51 1.58
CA VAL A 61 -2.02 12.30 1.82
C VAL A 61 -1.21 13.53 1.41
N GLY A 62 -0.55 14.14 2.39
CA GLY A 62 0.25 15.32 2.12
C GLY A 62 -0.29 16.55 2.84
N ASP A 63 -1.31 16.35 3.65
CA ASP A 63 -1.92 17.44 4.40
C ASP A 63 -1.68 17.26 5.89
N THR A 64 -2.03 18.28 6.67
CA THR A 64 -1.85 18.24 8.11
C THR A 64 -3.05 18.83 8.85
N TYR A 65 -3.22 18.41 10.10
CA TYR A 65 -4.32 18.91 10.92
C TYR A 65 -4.01 18.74 12.40
N GLU A 66 -4.69 19.52 13.23
CA GLU A 66 -4.49 19.47 14.66
C GLU A 66 -5.79 19.11 15.39
N ARG A 67 -5.77 18.00 16.11
CA ARG A 67 -6.94 17.54 16.85
C ARG A 67 -6.57 17.25 18.30
N PRO A 68 -7.17 17.99 19.26
CA PRO A 68 -6.90 17.80 20.69
C PRO A 68 -7.11 16.35 21.12
N LYS A 69 -6.43 15.94 22.19
CA LYS A 69 -6.55 14.58 22.69
C LYS A 69 -5.85 14.43 24.05
N ASP A 70 -6.54 13.80 25.00
CA ASP A 70 -5.99 13.60 26.34
C ASP A 70 -5.57 14.91 26.97
N SER A 71 -6.51 15.84 27.10
CA SER A 71 -6.24 17.14 27.69
C SER A 71 -5.11 17.87 26.97
N MET A 72 -4.71 17.33 25.83
CA MET A 72 -3.64 17.92 25.04
C MET A 72 -4.13 18.25 23.63
N ILE A 73 -3.18 18.51 22.73
CA ILE A 73 -3.50 18.83 21.35
C ILE A 73 -2.43 18.25 20.44
N TRP A 74 -2.86 17.50 19.44
CA TRP A 74 -1.94 16.85 18.50
C TRP A 74 -2.05 17.44 17.10
N ASP A 75 -0.90 17.77 16.51
CA ASP A 75 -0.87 18.29 15.15
C ASP A 75 -0.64 17.13 14.19
N CYS A 76 -1.57 16.18 14.22
CA CYS A 76 -1.50 14.98 13.39
C CYS A 76 -1.20 15.28 11.93
N THR A 77 -0.27 14.50 11.39
CA THR A 77 0.14 14.61 9.99
C THR A 77 -0.42 13.45 9.19
N CYS A 78 -0.98 13.74 8.03
CA CYS A 78 -1.54 12.70 7.18
C CYS A 78 -0.52 12.26 6.14
N ILE A 79 -0.18 10.98 6.19
CA ILE A 79 0.81 10.42 5.28
C ILE A 79 0.11 9.65 4.16
N GLY A 80 0.86 8.80 3.46
CA GLY A 80 0.29 8.01 2.40
C GLY A 80 -0.46 6.82 2.95
N ALA A 81 -1.36 7.09 3.89
CA ALA A 81 -2.15 6.06 4.54
C ALA A 81 -2.76 5.08 3.54
N GLY A 82 -2.87 5.52 2.28
CA GLY A 82 -3.44 4.66 1.26
C GLY A 82 -2.72 3.33 1.18
N ARG A 83 -1.55 3.25 1.79
CA ARG A 83 -0.77 2.02 1.81
C ARG A 83 0.18 2.00 3.01
N GLY A 84 0.48 3.19 3.54
CA GLY A 84 1.37 3.29 4.68
C GLY A 84 0.64 3.53 5.99
N ARG A 85 0.31 4.80 6.26
CA ARG A 85 -0.39 5.15 7.50
C ARG A 85 -0.58 6.66 7.66
N ILE A 86 -0.92 7.05 8.88
CA ILE A 86 -1.12 8.44 9.26
C ILE A 86 -0.28 8.75 10.50
N SER A 87 0.64 9.70 10.38
CA SER A 87 1.51 10.05 11.49
C SER A 87 0.86 11.07 12.42
N CYS A 88 0.81 10.75 13.71
CA CYS A 88 0.22 11.64 14.69
C CYS A 88 1.29 12.11 15.67
N THR A 89 1.48 13.42 15.76
CA THR A 89 2.48 13.98 16.65
C THR A 89 1.88 15.02 17.59
N ILE A 90 2.48 15.17 18.76
CA ILE A 90 2.02 16.12 19.76
C ILE A 90 2.58 17.50 19.47
N ALA A 91 1.88 18.54 19.94
CA ALA A 91 2.32 19.91 19.72
C ALA A 91 1.62 20.86 20.67
N ASN A 92 1.93 20.71 21.94
CA ASN A 92 1.35 21.56 22.98
C ASN A 92 1.83 22.99 22.86
N ARG A 93 0.89 23.91 22.68
CA ARG A 93 1.21 25.33 22.54
C ARG A 93 1.07 26.05 23.87
N SER B 13 6.41 18.93 21.47
CA SER B 13 6.14 17.97 20.37
C SER B 13 6.45 16.54 20.79
N THR B 14 5.67 15.58 20.27
CA THR B 14 5.86 14.17 20.61
C THR B 14 5.25 13.27 19.53
N THR B 15 6.10 12.77 18.64
CA THR B 15 5.64 11.91 17.55
C THR B 15 4.96 10.64 18.08
N GLU B 16 3.99 10.14 17.32
CA GLU B 16 3.26 8.94 17.70
C GLU B 16 2.59 8.32 16.47
N VAL B 17 3.36 8.17 15.40
CA VAL B 17 2.83 7.59 14.16
C VAL B 17 2.57 6.10 14.32
N GLU B 18 1.79 5.55 13.39
CA GLU B 18 1.46 4.13 13.42
C GLU B 18 2.64 3.31 12.89
N ASP B 19 3.25 3.80 11.81
CA ASP B 19 4.39 3.14 11.20
C ASP B 19 4.93 3.94 10.02
N SER B 20 5.73 3.27 9.18
CA SER B 20 6.31 3.92 8.01
C SER B 20 6.93 2.87 7.08
N LYS B 21 6.13 1.92 6.64
CA LYS B 21 6.60 0.87 5.75
C LYS B 21 6.11 1.09 4.32
N PRO B 22 7.01 1.50 3.41
CA PRO B 22 6.66 1.75 2.01
C PRO B 22 6.10 0.51 1.32
N LYS B 23 5.19 0.73 0.37
CA LYS B 23 4.57 -0.38 -0.37
C LYS B 23 3.91 -1.38 0.58
N LEU B 24 3.55 -2.54 0.05
CA LEU B 24 2.91 -3.58 0.85
C LEU B 24 2.86 -4.91 0.08
N SER B 25 3.67 -5.87 0.53
CA SER B 25 3.70 -7.17 -0.11
C SER B 25 3.01 -8.22 0.76
N ILE B 26 2.23 -9.09 0.14
CA ILE B 26 1.51 -10.14 0.86
C ILE B 26 1.64 -11.49 0.18
N HIS B 27 2.22 -12.45 0.88
CA HIS B 27 2.39 -13.79 0.34
C HIS B 27 1.12 -14.61 0.55
N PHE B 28 0.03 -14.18 -0.08
CA PHE B 28 -1.25 -14.87 0.03
C PHE B 28 -1.11 -16.34 -0.35
N ASP B 29 -1.81 -17.20 0.40
CA ASP B 29 -1.77 -18.63 0.14
C ASP B 29 -2.56 -18.99 -1.12
N ASN B 30 -2.74 -20.28 -1.35
CA ASN B 30 -3.48 -20.76 -2.51
C ASN B 30 -4.11 -22.12 -2.24
N GLU B 31 -5.12 -22.47 -3.04
CA GLU B 31 -5.80 -23.75 -2.89
C GLU B 31 -6.49 -24.15 -4.18
N TRP B 32 -6.41 -25.43 -4.52
CA TRP B 32 -7.04 -25.95 -5.74
C TRP B 32 -8.39 -26.58 -5.43
N PRO B 33 -9.50 -25.91 -5.83
CA PRO B 33 -10.85 -26.41 -5.59
C PRO B 33 -11.08 -27.78 -6.22
N LYS B 34 -10.91 -28.83 -5.42
CA LYS B 34 -11.10 -30.19 -5.90
C LYS B 34 -12.03 -30.97 -4.98
N GLU B 35 -12.68 -32.00 -5.54
CA GLU B 35 -13.60 -32.82 -4.76
C GLU B 35 -13.21 -34.30 -4.84
N ASP B 36 -12.28 -34.70 -3.98
CA ASP B 36 -11.81 -36.08 -3.95
C ASP B 36 -11.50 -36.51 -2.53
N SER A 1 -3.07 -28.46 -19.05
CA SER A 1 -3.72 -29.44 -18.13
C SER A 1 -3.54 -29.02 -16.68
N LYS A 2 -2.52 -28.19 -16.42
CA LYS A 2 -2.25 -27.72 -15.07
C LYS A 2 -2.37 -26.19 -14.99
N PRO A 3 -3.34 -25.68 -14.22
CA PRO A 3 -3.56 -24.24 -14.08
C PRO A 3 -2.44 -23.56 -13.28
N GLY A 4 -2.38 -22.23 -13.34
CA GLY A 4 -1.36 -21.50 -12.63
C GLY A 4 -1.78 -21.15 -11.21
N CYS A 5 -2.47 -20.03 -11.06
CA CYS A 5 -2.94 -19.59 -9.76
C CYS A 5 -4.46 -19.57 -9.72
N TYR A 6 -5.03 -19.76 -8.53
CA TYR A 6 -6.48 -19.78 -8.38
C TYR A 6 -6.92 -18.88 -7.22
N ASP A 7 -7.52 -17.75 -7.57
CA ASP A 7 -8.01 -16.79 -6.59
C ASP A 7 -9.36 -17.24 -6.04
N ASN A 8 -9.80 -16.59 -4.95
CA ASN A 8 -11.07 -16.93 -4.32
C ASN A 8 -12.21 -17.04 -5.33
N GLY A 9 -12.39 -18.25 -5.86
CA GLY A 9 -13.45 -18.49 -6.83
C GLY A 9 -13.09 -18.11 -8.24
N LYS A 10 -12.15 -17.18 -8.39
CA LYS A 10 -11.72 -16.73 -9.71
C LYS A 10 -10.32 -17.26 -10.04
N HIS A 11 -10.10 -17.62 -11.30
CA HIS A 11 -8.80 -18.14 -11.73
C HIS A 11 -8.07 -17.14 -12.63
N TYR A 12 -6.76 -17.04 -12.44
CA TYR A 12 -5.94 -16.13 -13.23
C TYR A 12 -4.81 -16.88 -13.93
N GLN A 13 -4.20 -16.24 -14.93
CA GLN A 13 -3.12 -16.86 -15.69
C GLN A 13 -1.82 -16.89 -14.89
N ILE A 14 -0.89 -17.71 -15.36
CA ILE A 14 0.41 -17.84 -14.70
C ILE A 14 1.23 -16.58 -14.89
N ASN A 15 1.90 -16.15 -13.81
CA ASN A 15 2.73 -14.95 -13.85
C ASN A 15 1.88 -13.72 -14.17
N GLN A 16 0.57 -13.89 -14.24
CA GLN A 16 -0.33 -12.79 -14.52
C GLN A 16 -0.52 -11.93 -13.28
N GLN A 17 -0.91 -10.67 -13.48
CA GLN A 17 -1.13 -9.76 -12.37
C GLN A 17 -2.53 -9.16 -12.43
N TRP A 18 -3.02 -8.74 -11.27
CA TRP A 18 -4.34 -8.12 -11.18
C TRP A 18 -4.44 -7.27 -9.92
N GLU A 19 -5.48 -6.44 -9.85
CA GLU A 19 -5.68 -5.56 -8.71
C GLU A 19 -6.47 -6.26 -7.60
N ARG A 20 -5.97 -6.13 -6.38
CA ARG A 20 -6.62 -6.73 -5.22
C ARG A 20 -6.35 -5.90 -3.97
N THR A 21 -7.43 -5.42 -3.35
CA THR A 21 -7.32 -4.60 -2.15
C THR A 21 -7.45 -5.45 -0.89
N TYR A 22 -6.76 -5.04 0.18
CA TYR A 22 -6.81 -5.76 1.44
C TYR A 22 -7.02 -4.78 2.60
N LEU A 23 -8.22 -4.82 3.18
CA LEU A 23 -8.57 -3.97 4.31
C LEU A 23 -8.82 -2.52 3.88
N GLY A 24 -7.93 -1.99 3.05
CA GLY A 24 -8.09 -0.61 2.59
C GLY A 24 -7.01 -0.17 1.61
N ASN A 25 -6.12 -1.10 1.26
CA ASN A 25 -5.05 -0.78 0.33
C ASN A 25 -5.12 -1.66 -0.92
N ALA A 26 -4.96 -1.05 -2.08
CA ALA A 26 -5.02 -1.79 -3.33
C ALA A 26 -3.64 -2.30 -3.72
N LEU A 27 -3.43 -3.61 -3.56
CA LEU A 27 -2.16 -4.24 -3.88
C LEU A 27 -2.30 -5.14 -5.11
N VAL A 28 -1.40 -4.97 -6.08
CA VAL A 28 -1.43 -5.80 -7.27
C VAL A 28 -0.64 -7.09 -7.03
N CYS A 29 -1.29 -8.22 -7.24
CA CYS A 29 -0.65 -9.52 -7.01
C CYS A 29 -0.18 -10.13 -8.31
N THR A 30 0.81 -11.02 -8.21
CA THR A 30 1.36 -11.71 -9.37
C THR A 30 0.88 -13.16 -9.37
N CYS A 31 1.65 -14.05 -9.99
CA CYS A 31 1.27 -15.45 -10.04
C CYS A 31 2.50 -16.35 -10.22
N TYR A 32 2.55 -17.43 -9.44
CA TYR A 32 3.66 -18.37 -9.50
C TYR A 32 3.21 -19.70 -10.11
N GLY A 33 1.97 -20.08 -9.82
CA GLY A 33 1.44 -21.32 -10.35
C GLY A 33 1.74 -22.52 -9.46
N GLY A 34 0.72 -22.97 -8.73
CA GLY A 34 0.90 -24.11 -7.85
C GLY A 34 0.54 -23.81 -6.41
N SER A 35 1.32 -24.36 -5.48
CA SER A 35 1.07 -24.16 -4.05
C SER A 35 1.86 -22.97 -3.53
N ARG A 36 2.63 -22.33 -4.40
CA ARG A 36 3.43 -21.17 -4.01
C ARG A 36 2.56 -19.94 -3.82
N GLY A 37 1.31 -20.02 -4.24
CA GLY A 37 0.39 -18.90 -4.11
C GLY A 37 0.88 -17.67 -4.85
N PHE A 38 0.18 -16.55 -4.68
CA PHE A 38 0.55 -15.32 -5.35
C PHE A 38 0.92 -14.24 -4.33
N ASN A 39 1.88 -13.39 -4.71
CA ASN A 39 2.33 -12.30 -3.83
C ASN A 39 1.76 -10.96 -4.30
N CYS A 40 1.17 -10.22 -3.38
CA CYS A 40 0.60 -8.92 -3.70
C CYS A 40 1.55 -7.79 -3.29
N GLU A 41 1.45 -6.66 -3.98
CA GLU A 41 2.29 -5.51 -3.69
C GLU A 41 1.49 -4.21 -3.84
N SER A 42 1.55 -3.35 -2.83
CA SER A 42 0.83 -2.08 -2.86
C SER A 42 0.99 -1.40 -4.22
N LYS A 43 -0.07 -0.73 -4.66
CA LYS A 43 -0.05 -0.03 -5.95
C LYS A 43 0.17 1.46 -5.74
N PRO A 44 0.71 2.16 -6.75
CA PRO A 44 0.97 3.60 -6.66
C PRO A 44 -0.31 4.44 -6.79
N GLU A 45 -0.85 4.87 -5.65
CA GLU A 45 -2.07 5.67 -5.63
C GLU A 45 -1.93 6.94 -6.47
N ALA A 46 -2.97 7.77 -6.40
CA ALA A 46 -2.98 9.02 -7.15
C ALA A 46 -3.16 10.21 -6.20
N GLU A 47 -4.33 10.27 -5.57
CA GLU A 47 -4.65 11.35 -4.64
C GLU A 47 -4.90 10.81 -3.24
N GLU A 48 -3.84 10.37 -2.58
CA GLU A 48 -3.93 9.81 -1.23
C GLU A 48 -4.49 10.85 -0.26
N THR A 49 -4.97 10.37 0.89
CA THR A 49 -5.52 11.25 1.91
C THR A 49 -5.56 10.53 3.27
N CYS A 50 -6.06 11.23 4.29
CA CYS A 50 -6.17 10.67 5.62
C CYS A 50 -7.37 11.26 6.36
N PHE A 51 -8.22 10.40 6.91
CA PHE A 51 -9.40 10.85 7.63
C PHE A 51 -9.18 10.84 9.13
N ASP A 52 -9.71 11.85 9.80
CA ASP A 52 -9.59 11.96 11.26
C ASP A 52 -10.93 11.65 11.91
N LYS A 53 -11.01 10.51 12.57
CA LYS A 53 -12.25 10.09 13.24
C LYS A 53 -12.41 10.82 14.57
N TYR A 54 -11.52 11.78 14.82
CA TYR A 54 -11.57 12.56 16.04
C TYR A 54 -12.44 13.80 15.87
N THR A 55 -12.41 14.36 14.66
CA THR A 55 -13.20 15.54 14.35
C THR A 55 -14.20 15.23 13.25
N GLY A 56 -13.75 14.50 12.25
CA GLY A 56 -14.61 14.12 11.14
C GLY A 56 -14.24 14.83 9.86
N ASN A 57 -12.98 15.23 9.74
CA ASN A 57 -12.49 15.92 8.56
C ASN A 57 -11.43 15.10 7.83
N THR A 58 -11.27 15.35 6.54
CA THR A 58 -10.30 14.64 5.73
C THR A 58 -9.18 15.57 5.25
N TYR A 59 -7.97 15.05 5.22
CA TYR A 59 -6.80 15.82 4.78
C TYR A 59 -6.06 15.07 3.70
N ARG A 60 -5.22 15.77 2.96
CA ARG A 60 -4.44 15.15 1.89
C ARG A 60 -2.99 14.93 2.31
N VAL A 61 -2.35 13.95 1.69
CA VAL A 61 -0.95 13.65 1.99
C VAL A 61 -0.04 14.80 1.58
N GLY A 62 0.63 15.39 2.56
CA GLY A 62 1.53 16.49 2.29
C GLY A 62 1.08 17.78 2.98
N ASP A 63 0.22 17.64 3.97
CA ASP A 63 -0.28 18.80 4.72
C ASP A 63 -0.25 18.53 6.21
N THR A 64 -0.71 19.51 6.98
CA THR A 64 -0.73 19.38 8.43
C THR A 64 -1.96 20.05 9.03
N TYR A 65 -2.29 19.67 10.25
CA TYR A 65 -3.45 20.22 10.95
C TYR A 65 -3.29 20.10 12.46
N GLU A 66 -4.01 20.94 13.20
CA GLU A 66 -3.96 20.92 14.65
C GLU A 66 -5.25 20.37 15.25
N ARG A 67 -5.12 19.29 16.02
CA ARG A 67 -6.27 18.66 16.65
C ARG A 67 -5.96 18.25 18.09
N PRO A 68 -6.75 18.76 19.06
CA PRO A 68 -6.55 18.44 20.48
C PRO A 68 -6.90 17.00 20.80
N LYS A 69 -6.40 16.50 21.93
CA LYS A 69 -6.68 15.13 22.36
C LYS A 69 -5.99 14.82 23.68
N ASP A 70 -6.63 14.00 24.51
CA ASP A 70 -6.09 13.62 25.80
C ASP A 70 -5.79 14.85 26.67
N SER A 71 -6.78 15.73 26.80
CA SER A 71 -6.64 16.96 27.59
C SER A 71 -5.51 17.84 27.07
N MET A 72 -4.87 17.41 25.99
CA MET A 72 -3.78 18.15 25.38
C MET A 72 -4.16 18.61 23.99
N ILE A 73 -3.15 18.98 23.20
CA ILE A 73 -3.35 19.40 21.84
C ILE A 73 -2.27 18.76 20.96
N TRP A 74 -2.69 17.92 20.03
CA TRP A 74 -1.75 17.23 19.15
C TRP A 74 -1.71 17.85 17.76
N ASP A 75 -0.51 18.19 17.30
CA ASP A 75 -0.34 18.76 15.97
C ASP A 75 -0.19 17.62 14.97
N CYS A 76 -1.28 16.89 14.78
CA CYS A 76 -1.30 15.73 13.88
C CYS A 76 -0.87 16.09 12.46
N THR A 77 0.07 15.31 11.95
CA THR A 77 0.59 15.46 10.61
C THR A 77 0.03 14.36 9.71
N CYS A 78 -0.35 14.71 8.49
CA CYS A 78 -0.88 13.72 7.56
C CYS A 78 0.22 13.18 6.68
N ILE A 79 0.45 11.89 6.77
CA ILE A 79 1.48 11.22 6.00
C ILE A 79 0.87 10.39 4.88
N GLY A 80 1.72 9.83 4.01
CA GLY A 80 1.23 9.02 2.92
C GLY A 80 0.50 7.79 3.43
N ALA A 81 -0.74 7.98 3.83
CA ALA A 81 -1.55 6.89 4.35
C ALA A 81 -1.78 5.81 3.31
N GLY A 82 -1.47 6.11 2.05
CA GLY A 82 -1.64 5.15 0.99
C GLY A 82 -0.78 3.92 1.22
N ARG A 83 0.15 4.03 2.17
CA ARG A 83 1.05 2.94 2.51
C ARG A 83 1.58 3.11 3.94
N GLY A 84 2.04 4.32 4.25
CA GLY A 84 2.58 4.60 5.56
C GLY A 84 1.50 4.73 6.63
N ARG A 85 0.90 5.93 6.73
CA ARG A 85 -0.16 6.20 7.71
C ARG A 85 -0.34 7.70 7.96
N ILE A 86 -0.78 8.03 9.18
CA ILE A 86 -0.98 9.42 9.61
C ILE A 86 -0.22 9.64 10.92
N SER A 87 0.80 10.48 10.86
CA SER A 87 1.62 10.74 12.05
C SER A 87 1.02 11.82 12.92
N CYS A 88 0.90 11.52 14.22
CA CYS A 88 0.34 12.46 15.17
C CYS A 88 1.34 12.74 16.29
N THR A 89 1.61 14.01 16.54
CA THR A 89 2.56 14.40 17.57
C THR A 89 1.93 15.40 18.54
N ILE A 90 2.43 15.41 19.77
CA ILE A 90 1.93 16.32 20.80
C ILE A 90 2.54 17.70 20.62
N ALA A 91 1.84 18.72 21.08
CA ALA A 91 2.33 20.08 20.96
C ALA A 91 1.48 21.04 21.77
N ASN A 92 1.58 20.92 23.08
CA ASN A 92 0.82 21.77 23.99
C ASN A 92 1.40 23.19 24.03
N ARG A 93 0.68 24.13 23.42
CA ARG A 93 1.13 25.52 23.39
C ARG A 93 1.13 26.13 24.78
N SER B 13 6.16 18.35 23.14
CA SER B 13 5.95 17.64 21.85
C SER B 13 6.24 16.14 22.00
N THR B 14 5.24 15.30 21.70
CA THR B 14 5.38 13.86 21.81
C THR B 14 4.91 13.17 20.52
N THR B 15 5.87 12.72 19.71
CA THR B 15 5.52 12.05 18.45
C THR B 15 4.80 10.73 18.70
N GLU B 16 3.97 10.34 17.74
CA GLU B 16 3.21 9.10 17.84
C GLU B 16 2.99 8.50 16.45
N VAL B 17 4.09 8.25 15.75
CA VAL B 17 4.03 7.69 14.40
C VAL B 17 4.12 6.16 14.42
N GLU B 18 3.47 5.54 13.45
CA GLU B 18 3.48 4.09 13.32
C GLU B 18 4.31 3.68 12.12
N ASP B 19 5.30 4.51 11.79
CA ASP B 19 6.19 4.28 10.66
C ASP B 19 5.47 4.48 9.33
N SER B 20 6.21 4.92 8.33
CA SER B 20 5.65 5.14 7.01
C SER B 20 6.07 4.04 6.04
N LYS B 21 5.59 2.83 6.29
CA LYS B 21 5.92 1.68 5.46
C LYS B 21 5.62 1.96 3.99
N PRO B 22 6.61 1.76 3.10
CA PRO B 22 6.45 2.00 1.66
C PRO B 22 5.44 1.03 1.03
N LYS B 23 5.72 0.63 -0.21
CA LYS B 23 4.84 -0.29 -0.93
C LYS B 23 4.62 -1.57 -0.13
N LEU B 24 3.40 -1.73 0.37
CA LEU B 24 3.03 -2.90 1.15
C LEU B 24 3.34 -4.19 0.40
N SER B 25 3.33 -5.30 1.12
CA SER B 25 3.60 -6.61 0.53
C SER B 25 2.82 -7.70 1.25
N ILE B 26 2.05 -8.47 0.49
CA ILE B 26 1.23 -9.54 1.06
C ILE B 26 1.61 -10.89 0.47
N HIS B 27 0.87 -11.93 0.88
CA HIS B 27 1.10 -13.28 0.40
C HIS B 27 -0.12 -14.15 0.64
N PHE B 28 -1.23 -13.80 0.00
CA PHE B 28 -2.48 -14.54 0.15
C PHE B 28 -2.31 -15.99 -0.29
N ASP B 29 -2.33 -16.90 0.68
CA ASP B 29 -2.18 -18.32 0.40
C ASP B 29 -3.28 -19.13 1.08
N ASN B 30 -4.42 -19.26 0.40
CA ASN B 30 -5.56 -20.00 0.95
C ASN B 30 -5.21 -21.48 1.12
N GLU B 31 -6.16 -22.24 1.63
CA GLU B 31 -5.96 -23.67 1.85
C GLU B 31 -5.92 -24.42 0.52
N TRP B 32 -6.33 -23.74 -0.54
CA TRP B 32 -6.36 -24.33 -1.89
C TRP B 32 -7.36 -25.49 -1.96
N PRO B 33 -7.88 -25.78 -3.16
CA PRO B 33 -8.86 -26.85 -3.36
C PRO B 33 -8.28 -28.22 -3.01
N LYS B 34 -9.12 -29.25 -3.11
CA LYS B 34 -8.70 -30.62 -2.81
C LYS B 34 -8.20 -30.74 -1.37
N GLU B 35 -7.62 -31.88 -1.04
CA GLU B 35 -7.11 -32.12 0.31
C GLU B 35 -5.59 -31.97 0.34
N ASP B 36 -5.04 -31.85 1.55
CA ASP B 36 -3.60 -31.70 1.72
C ASP B 36 -2.87 -32.97 1.30
N SER A 1 -2.77 -26.69 -21.72
CA SER A 1 -2.69 -27.93 -20.89
C SER A 1 -1.61 -27.81 -19.82
N LYS A 2 -1.26 -26.57 -19.47
CA LYS A 2 -0.24 -26.32 -18.46
C LYS A 2 -0.87 -25.72 -17.20
N PRO A 3 -0.39 -26.12 -16.02
CA PRO A 3 -0.90 -25.62 -14.74
C PRO A 3 -0.81 -24.10 -14.63
N GLY A 4 -1.67 -23.52 -13.79
CA GLY A 4 -1.68 -22.08 -13.61
C GLY A 4 -1.87 -21.68 -12.17
N CYS A 5 -2.65 -20.63 -11.94
CA CYS A 5 -2.92 -20.14 -10.59
C CYS A 5 -4.41 -19.87 -10.41
N TYR A 6 -4.83 -19.73 -9.16
CA TYR A 6 -6.23 -19.47 -8.86
C TYR A 6 -6.37 -18.30 -7.87
N ASP A 7 -7.09 -17.27 -8.30
CA ASP A 7 -7.31 -16.09 -7.48
C ASP A 7 -8.51 -16.30 -6.56
N ASN A 8 -8.67 -15.42 -5.58
CA ASN A 8 -9.76 -15.50 -4.61
C ASN A 8 -11.11 -15.76 -5.27
N GLY A 9 -11.46 -17.04 -5.40
CA GLY A 9 -12.74 -17.42 -5.98
C GLY A 9 -12.73 -17.57 -7.49
N LYS A 10 -11.69 -17.07 -8.14
CA LYS A 10 -11.60 -17.17 -9.60
C LYS A 10 -10.28 -17.81 -10.04
N HIS A 11 -10.25 -18.33 -11.26
CA HIS A 11 -9.05 -18.96 -11.79
C HIS A 11 -8.35 -18.05 -12.79
N TYR A 12 -7.11 -17.67 -12.48
CA TYR A 12 -6.34 -16.78 -13.35
C TYR A 12 -5.20 -17.54 -14.03
N GLN A 13 -4.62 -16.93 -15.06
CA GLN A 13 -3.54 -17.55 -15.81
C GLN A 13 -2.21 -17.43 -15.08
N ILE A 14 -1.19 -18.07 -15.63
CA ILE A 14 0.14 -18.04 -15.03
C ILE A 14 0.75 -16.65 -15.17
N ASN A 15 1.40 -16.19 -14.11
CA ASN A 15 2.02 -14.87 -14.11
C ASN A 15 0.97 -13.78 -14.35
N GLN A 16 -0.30 -14.15 -14.26
CA GLN A 16 -1.38 -13.19 -14.43
C GLN A 16 -1.46 -12.26 -13.23
N GLN A 17 -1.53 -10.96 -13.50
CA GLN A 17 -1.60 -9.97 -12.42
C GLN A 17 -3.00 -9.38 -12.32
N TRP A 18 -3.34 -8.90 -11.12
CA TRP A 18 -4.64 -8.29 -10.88
C TRP A 18 -4.61 -7.39 -9.65
N GLU A 19 -5.37 -6.31 -9.71
CA GLU A 19 -5.43 -5.36 -8.60
C GLU A 19 -6.48 -5.76 -7.57
N ARG A 20 -6.04 -6.03 -6.35
CA ARG A 20 -6.93 -6.41 -5.27
C ARG A 20 -6.59 -5.61 -4.00
N THR A 21 -7.61 -5.17 -3.28
CA THR A 21 -7.42 -4.39 -2.08
C THR A 21 -7.40 -5.26 -0.83
N TYR A 22 -6.54 -4.88 0.12
CA TYR A 22 -6.41 -5.61 1.37
C TYR A 22 -6.45 -4.64 2.55
N LEU A 23 -7.51 -4.71 3.35
CA LEU A 23 -7.69 -3.85 4.51
C LEU A 23 -8.05 -2.43 4.10
N GLY A 24 -7.35 -1.91 3.09
CA GLY A 24 -7.61 -0.56 2.62
C GLY A 24 -6.61 -0.11 1.58
N ASN A 25 -5.67 -0.99 1.23
CA ASN A 25 -4.66 -0.66 0.24
C ASN A 25 -4.73 -1.60 -0.95
N ALA A 26 -4.81 -1.03 -2.15
CA ALA A 26 -4.88 -1.82 -3.36
C ALA A 26 -3.49 -2.25 -3.80
N LEU A 27 -3.23 -3.55 -3.72
CA LEU A 27 -1.94 -4.10 -4.10
C LEU A 27 -2.04 -4.93 -5.38
N VAL A 28 -1.00 -4.89 -6.20
CA VAL A 28 -0.97 -5.65 -7.44
C VAL A 28 -0.45 -7.05 -7.18
N CYS A 29 -1.36 -8.02 -7.16
CA CYS A 29 -1.00 -9.41 -6.90
C CYS A 29 -0.42 -10.08 -8.15
N THR A 30 0.57 -10.94 -7.93
CA THR A 30 1.20 -11.66 -9.03
C THR A 30 1.24 -13.16 -8.75
N CYS A 31 0.53 -13.92 -9.58
CA CYS A 31 0.48 -15.37 -9.41
C CYS A 31 1.76 -16.02 -9.92
N TYR A 32 2.01 -17.25 -9.46
CA TYR A 32 3.21 -17.99 -9.86
C TYR A 32 2.85 -19.35 -10.45
N GLY A 33 2.02 -20.09 -9.73
CA GLY A 33 1.61 -21.40 -10.19
C GLY A 33 0.70 -22.12 -9.21
N GLY A 34 0.12 -21.36 -8.28
CA GLY A 34 -0.76 -21.95 -7.29
C GLY A 34 -0.01 -22.60 -6.15
N SER A 35 0.89 -23.52 -6.48
CA SER A 35 1.67 -24.22 -5.47
C SER A 35 2.55 -23.26 -4.69
N ARG A 36 2.85 -22.11 -5.31
CA ARG A 36 3.68 -21.09 -4.66
C ARG A 36 2.86 -19.87 -4.30
N GLY A 37 1.54 -19.96 -4.46
CA GLY A 37 0.67 -18.85 -4.14
C GLY A 37 1.06 -17.58 -4.89
N PHE A 38 0.45 -16.46 -4.53
CA PHE A 38 0.74 -15.19 -5.19
C PHE A 38 1.11 -14.13 -4.16
N ASN A 39 2.04 -13.26 -4.53
CA ASN A 39 2.49 -12.19 -3.64
C ASN A 39 1.86 -10.86 -4.04
N CYS A 40 1.27 -10.17 -3.07
CA CYS A 40 0.65 -8.88 -3.31
C CYS A 40 1.52 -7.75 -2.80
N GLU A 41 1.60 -6.66 -3.55
CA GLU A 41 2.39 -5.50 -3.15
C GLU A 41 1.68 -4.21 -3.55
N SER A 42 1.75 -3.21 -2.67
CA SER A 42 1.11 -1.93 -2.91
C SER A 42 1.19 -1.54 -4.39
N LYS A 43 0.05 -1.13 -4.95
CA LYS A 43 -0.01 -0.75 -6.35
C LYS A 43 0.21 0.75 -6.55
N PRO A 44 0.66 1.14 -7.75
CA PRO A 44 0.92 2.54 -8.10
C PRO A 44 -0.29 3.19 -8.75
N GLU A 45 -0.77 4.28 -8.15
CA GLU A 45 -1.91 5.01 -8.67
C GLU A 45 -1.48 6.09 -9.64
N ALA A 46 -2.11 7.24 -9.52
CA ALA A 46 -1.82 8.39 -10.38
C ALA A 46 -1.97 9.68 -9.61
N GLU A 47 -3.22 10.08 -9.37
CA GLU A 47 -3.52 11.30 -8.64
C GLU A 47 -3.46 11.05 -7.14
N GLU A 48 -2.31 10.59 -6.67
CA GLU A 48 -2.12 10.29 -5.25
C GLU A 48 -2.30 11.55 -4.41
N THR A 49 -2.80 11.36 -3.19
CA THR A 49 -3.02 12.47 -2.27
C THR A 49 -2.87 12.01 -0.82
N CYS A 50 -3.15 12.93 0.11
CA CYS A 50 -3.06 12.64 1.52
C CYS A 50 -4.13 13.42 2.29
N PHE A 51 -4.98 12.70 3.01
CA PHE A 51 -6.06 13.34 3.76
C PHE A 51 -5.69 13.51 5.23
N ASP A 52 -6.17 14.61 5.81
CA ASP A 52 -5.92 14.90 7.21
C ASP A 52 -7.22 14.82 8.00
N LYS A 53 -7.30 13.85 8.90
CA LYS A 53 -8.49 13.66 9.70
C LYS A 53 -8.48 14.58 10.92
N TYR A 54 -7.45 15.43 10.98
CA TYR A 54 -7.29 16.37 12.08
C TYR A 54 -8.00 17.69 11.76
N THR A 55 -7.94 18.09 10.49
CA THR A 55 -8.57 19.33 10.04
C THR A 55 -9.68 19.05 9.03
N GLY A 56 -9.59 17.89 8.39
CA GLY A 56 -10.59 17.50 7.41
C GLY A 56 -10.31 18.05 6.02
N ASN A 57 -9.03 18.27 5.73
CA ASN A 57 -8.63 18.78 4.42
C ASN A 57 -7.73 17.79 3.69
N THR A 58 -7.81 17.82 2.36
CA THR A 58 -7.01 16.92 1.53
C THR A 58 -5.91 17.69 0.80
N TYR A 59 -4.74 17.07 0.71
CA TYR A 59 -3.60 17.68 0.03
C TYR A 59 -3.05 16.72 -1.02
N ARG A 60 -2.29 17.25 -1.97
CA ARG A 60 -1.72 16.43 -3.03
C ARG A 60 -0.25 16.14 -2.75
N VAL A 61 0.25 15.04 -3.33
CA VAL A 61 1.64 14.65 -3.16
C VAL A 61 2.59 15.75 -3.65
N GLY A 62 3.31 16.37 -2.72
CA GLY A 62 4.23 17.43 -3.09
C GLY A 62 3.86 18.76 -2.49
N ASP A 63 2.95 18.74 -1.51
CA ASP A 63 2.51 19.97 -0.85
C ASP A 63 2.84 19.91 0.64
N THR A 64 2.60 21.02 1.33
CA THR A 64 2.88 21.11 2.76
C THR A 64 1.77 21.86 3.49
N TYR A 65 1.65 21.63 4.80
CA TYR A 65 0.64 22.28 5.61
C TYR A 65 1.07 22.36 7.07
N GLU A 66 0.50 23.31 7.80
CA GLU A 66 0.81 23.50 9.21
C GLU A 66 -0.37 23.09 10.08
N ARG A 67 -0.15 22.12 10.95
CA ARG A 67 -1.20 21.65 11.85
C ARG A 67 -0.63 21.34 13.24
N PRO A 68 -1.23 21.92 14.29
CA PRO A 68 -0.79 21.70 15.68
C PRO A 68 -1.17 20.31 16.18
N LYS A 69 -0.66 19.94 17.36
CA LYS A 69 -0.97 18.63 17.93
C LYS A 69 -0.45 18.50 19.37
N ASP A 70 -1.33 18.02 20.26
CA ASP A 70 -1.00 17.81 21.67
C ASP A 70 -0.93 19.13 22.42
N SER A 71 0.00 19.97 22.02
CA SER A 71 0.19 21.27 22.65
C SER A 71 1.21 22.10 21.86
N MET A 72 1.70 21.52 20.78
CA MET A 72 2.66 22.18 19.92
C MET A 72 2.09 22.34 18.52
N ILE A 73 2.95 22.66 17.57
CA ILE A 73 2.54 22.83 16.18
C ILE A 73 3.44 22.00 15.27
N TRP A 74 2.84 21.15 14.47
CA TRP A 74 3.60 20.29 13.56
C TRP A 74 3.47 20.74 12.12
N ASP A 75 4.61 20.96 11.47
CA ASP A 75 4.62 21.38 10.07
C ASP A 75 4.73 20.14 9.18
N CYS A 76 3.74 19.27 9.28
CA CYS A 76 3.70 18.04 8.52
C CYS A 76 3.72 18.31 7.02
N THR A 77 4.46 17.47 6.29
CA THR A 77 4.57 17.58 4.84
C THR A 77 3.86 16.43 4.16
N CYS A 78 3.29 16.69 2.99
CA CYS A 78 2.58 15.66 2.24
C CYS A 78 3.49 15.02 1.21
N ILE A 79 3.69 13.71 1.33
CA ILE A 79 4.55 12.98 0.41
C ILE A 79 3.79 11.82 -0.24
N GLY A 80 4.53 10.89 -0.85
CA GLY A 80 3.90 9.75 -1.50
C GLY A 80 4.91 8.74 -1.97
N ALA A 81 5.88 9.20 -2.76
CA ALA A 81 6.92 8.33 -3.29
C ALA A 81 6.32 7.15 -4.05
N GLY A 82 5.41 7.47 -4.98
CA GLY A 82 4.77 6.43 -5.77
C GLY A 82 3.86 5.55 -4.94
N ARG A 83 3.57 5.99 -3.73
CA ARG A 83 2.69 5.24 -2.83
C ARG A 83 1.62 6.14 -2.23
N GLY A 84 2.00 6.91 -1.22
CA GLY A 84 1.06 7.81 -0.58
C GLY A 84 1.24 7.87 0.93
N ARG A 85 2.29 8.56 1.36
CA ARG A 85 2.57 8.69 2.79
C ARG A 85 2.50 10.15 3.24
N ILE A 86 2.41 10.36 4.54
CA ILE A 86 2.34 11.70 5.10
C ILE A 86 3.37 11.88 6.21
N SER A 87 4.36 12.73 5.97
CA SER A 87 5.41 12.97 6.95
C SER A 87 4.99 14.08 7.91
N CYS A 88 5.18 13.83 9.21
CA CYS A 88 4.81 14.80 10.22
C CYS A 88 6.03 15.21 11.05
N THR A 89 6.38 16.49 10.97
CA THR A 89 7.53 17.02 11.71
C THR A 89 7.10 18.15 12.64
N ILE A 90 7.83 18.30 13.74
CA ILE A 90 7.53 19.34 14.71
C ILE A 90 8.17 20.66 14.29
N ALA A 91 7.57 21.77 14.70
CA ALA A 91 8.09 23.08 14.35
C ALA A 91 7.48 24.16 15.23
N ASN A 92 7.83 24.10 16.51
CA ASN A 92 7.32 25.06 17.48
C ASN A 92 7.94 26.43 17.26
N ARG A 93 7.11 27.40 16.91
CA ARG A 93 7.57 28.77 16.67
C ARG A 93 7.94 29.45 17.98
N SER B 13 12.56 21.91 15.68
CA SER B 13 11.81 20.92 14.85
C SER B 13 12.05 19.50 15.38
N THR B 14 11.16 18.59 14.99
CA THR B 14 11.26 17.19 15.42
C THR B 14 10.41 16.28 14.53
N THR B 15 11.07 15.63 13.57
CA THR B 15 10.38 14.74 12.64
C THR B 15 9.68 13.60 13.37
N GLU B 16 8.76 12.94 12.67
CA GLU B 16 8.01 11.83 13.24
C GLU B 16 7.55 10.87 12.15
N VAL B 17 6.76 11.38 11.21
CA VAL B 17 6.24 10.57 10.10
C VAL B 17 5.38 9.44 10.60
N GLU B 18 4.07 9.55 10.39
CA GLU B 18 3.13 8.52 10.82
C GLU B 18 2.99 7.43 9.74
N ASP B 19 3.54 7.70 8.57
CA ASP B 19 3.49 6.76 7.45
C ASP B 19 2.05 6.40 7.11
N SER B 20 1.47 7.13 6.16
CA SER B 20 0.09 6.88 5.73
C SER B 20 -0.08 5.46 5.23
N LYS B 21 0.25 5.24 3.95
CA LYS B 21 0.12 3.92 3.34
C LYS B 21 1.36 3.58 2.52
N PRO B 22 2.49 3.29 3.19
CA PRO B 22 3.74 2.94 2.52
C PRO B 22 3.64 1.63 1.75
N LYS B 23 4.78 1.11 1.31
CA LYS B 23 4.82 -0.15 0.57
C LYS B 23 4.30 -1.30 1.43
N LEU B 24 4.08 -2.46 0.80
CA LEU B 24 3.59 -3.62 1.52
C LEU B 24 3.84 -4.90 0.75
N SER B 25 3.71 -6.04 1.45
CA SER B 25 3.91 -7.34 0.83
C SER B 25 3.02 -8.37 1.50
N ILE B 26 2.33 -9.18 0.70
CA ILE B 26 1.42 -10.19 1.24
C ILE B 26 1.62 -11.54 0.56
N HIS B 27 0.80 -12.50 0.96
CA HIS B 27 0.83 -13.85 0.42
C HIS B 27 -0.35 -14.64 1.00
N PHE B 28 -1.55 -14.23 0.63
CA PHE B 28 -2.78 -14.86 1.11
C PHE B 28 -2.76 -16.37 0.89
N ASP B 29 -3.53 -17.08 1.72
CA ASP B 29 -3.62 -18.54 1.64
C ASP B 29 -5.06 -19.00 1.80
N ASN B 30 -5.41 -20.10 1.14
CA ASN B 30 -6.76 -20.65 1.21
C ASN B 30 -6.88 -21.99 0.49
N GLU B 31 -6.42 -23.05 1.13
CA GLU B 31 -6.48 -24.39 0.55
C GLU B 31 -5.84 -24.44 -0.82
N TRP B 32 -4.90 -23.54 -1.07
CA TRP B 32 -4.21 -23.52 -2.35
C TRP B 32 -3.14 -22.43 -2.43
N PRO B 33 -3.52 -21.18 -2.22
CA PRO B 33 -2.61 -20.04 -2.25
C PRO B 33 -1.40 -20.24 -1.35
N LYS B 34 -1.44 -21.28 -0.52
CA LYS B 34 -0.34 -21.59 0.39
C LYS B 34 0.46 -22.78 -0.11
N GLU B 35 1.19 -23.42 0.82
CA GLU B 35 2.00 -24.59 0.49
C GLU B 35 3.11 -24.23 -0.50
N ASP B 36 3.92 -25.22 -0.86
CA ASP B 36 5.02 -25.02 -1.79
C ASP B 36 4.80 -25.82 -3.08
N SER A 1 2.84 -32.13 -12.28
CA SER A 1 2.82 -30.67 -11.99
C SER A 1 2.48 -29.86 -13.24
N LYS A 2 1.47 -29.01 -13.14
CA LYS A 2 1.04 -28.18 -14.25
C LYS A 2 0.88 -26.72 -13.82
N PRO A 3 1.40 -25.78 -14.63
CA PRO A 3 1.31 -24.34 -14.32
C PRO A 3 -0.13 -23.88 -14.11
N GLY A 4 -0.28 -22.74 -13.46
CA GLY A 4 -1.61 -22.20 -13.21
C GLY A 4 -1.82 -21.86 -11.74
N CYS A 5 -2.55 -20.77 -11.49
CA CYS A 5 -2.82 -20.34 -10.13
C CYS A 5 -4.28 -19.93 -9.98
N TYR A 6 -4.73 -19.78 -8.75
CA TYR A 6 -6.11 -19.40 -8.47
C TYR A 6 -6.19 -18.36 -7.37
N ASP A 7 -6.80 -17.22 -7.69
CA ASP A 7 -6.96 -16.12 -6.73
C ASP A 7 -8.20 -16.33 -5.88
N ASN A 8 -8.35 -15.52 -4.83
CA ASN A 8 -9.49 -15.64 -3.91
C ASN A 8 -10.82 -15.78 -4.66
N GLY A 9 -11.18 -17.04 -4.93
CA GLY A 9 -12.43 -17.33 -5.61
C GLY A 9 -12.37 -17.11 -7.11
N LYS A 10 -11.41 -16.32 -7.57
CA LYS A 10 -11.27 -16.03 -9.00
C LYS A 10 -10.02 -16.69 -9.56
N HIS A 11 -10.12 -17.22 -10.77
CA HIS A 11 -8.98 -17.89 -11.41
C HIS A 11 -8.30 -16.95 -12.41
N TYR A 12 -6.98 -16.93 -12.39
CA TYR A 12 -6.20 -16.08 -13.29
C TYR A 12 -5.13 -16.89 -14.02
N GLN A 13 -4.59 -16.31 -15.09
CA GLN A 13 -3.58 -16.96 -15.90
C GLN A 13 -2.23 -17.02 -15.18
N ILE A 14 -1.36 -17.90 -15.64
CA ILE A 14 -0.03 -18.07 -15.06
C ILE A 14 0.82 -16.85 -15.34
N ASN A 15 1.59 -16.44 -14.32
CA ASN A 15 2.46 -15.28 -14.45
C ASN A 15 1.65 -14.01 -14.70
N GLN A 16 0.33 -14.13 -14.63
CA GLN A 16 -0.54 -12.99 -14.85
C GLN A 16 -0.74 -12.21 -13.56
N GLN A 17 -1.06 -10.93 -13.68
CA GLN A 17 -1.27 -10.08 -12.51
C GLN A 17 -2.66 -9.48 -12.53
N TRP A 18 -3.13 -9.06 -11.35
CA TRP A 18 -4.44 -8.45 -11.22
C TRP A 18 -4.51 -7.58 -9.96
N GLU A 19 -5.29 -6.51 -10.04
CA GLU A 19 -5.42 -5.58 -8.93
C GLU A 19 -6.52 -6.03 -7.96
N ARG A 20 -6.20 -5.96 -6.67
CA ARG A 20 -7.14 -6.34 -5.62
C ARG A 20 -6.79 -5.61 -4.32
N THR A 21 -7.81 -5.29 -3.53
CA THR A 21 -7.59 -4.58 -2.28
C THR A 21 -7.69 -5.50 -1.07
N TYR A 22 -6.88 -5.19 -0.06
CA TYR A 22 -6.85 -5.97 1.17
C TYR A 22 -6.92 -5.04 2.39
N LEU A 23 -8.00 -5.16 3.15
CA LEU A 23 -8.22 -4.33 4.34
C LEU A 23 -8.63 -2.92 3.96
N GLY A 24 -7.88 -2.31 3.05
CA GLY A 24 -8.19 -0.96 2.62
C GLY A 24 -7.18 -0.41 1.62
N ASN A 25 -6.23 -1.25 1.21
CA ASN A 25 -5.21 -0.85 0.25
C ASN A 25 -5.25 -1.73 -0.99
N ALA A 26 -5.15 -1.11 -2.15
CA ALA A 26 -5.16 -1.84 -3.41
C ALA A 26 -3.76 -2.33 -3.75
N LEU A 27 -3.56 -3.65 -3.65
CA LEU A 27 -2.27 -4.25 -3.95
C LEU A 27 -2.37 -5.14 -5.19
N VAL A 28 -1.39 -5.04 -6.07
CA VAL A 28 -1.37 -5.87 -7.28
C VAL A 28 -0.71 -7.21 -6.98
N CYS A 29 -1.35 -8.30 -7.39
CA CYS A 29 -0.82 -9.62 -7.12
C CYS A 29 -0.24 -10.25 -8.38
N THR A 30 0.71 -11.16 -8.18
CA THR A 30 1.35 -11.87 -9.28
C THR A 30 0.81 -13.29 -9.36
N CYS A 31 1.46 -14.15 -10.14
CA CYS A 31 1.02 -15.53 -10.27
C CYS A 31 2.19 -16.46 -10.58
N TYR A 32 2.36 -17.47 -9.73
CA TYR A 32 3.44 -18.44 -9.91
C TYR A 32 2.88 -19.86 -9.89
N GLY A 33 1.63 -20.00 -9.49
CA GLY A 33 1.00 -21.29 -9.44
C GLY A 33 0.49 -21.63 -8.05
N GLY A 34 -0.36 -22.65 -7.97
CA GLY A 34 -0.91 -23.06 -6.68
C GLY A 34 0.13 -23.70 -5.79
N SER A 35 1.34 -23.85 -6.30
CA SER A 35 2.42 -24.47 -5.55
C SER A 35 3.29 -23.40 -4.89
N ARG A 36 3.32 -22.21 -5.47
CA ARG A 36 4.12 -21.11 -4.93
C ARG A 36 3.24 -19.96 -4.47
N GLY A 37 1.92 -20.11 -4.63
CA GLY A 37 1.01 -19.06 -4.23
C GLY A 37 1.24 -17.77 -4.99
N PHE A 38 0.50 -16.73 -4.65
CA PHE A 38 0.65 -15.44 -5.32
C PHE A 38 0.98 -14.35 -4.31
N ASN A 39 1.93 -13.50 -4.66
CA ASN A 39 2.35 -12.42 -3.78
C ASN A 39 1.77 -11.08 -4.25
N CYS A 40 1.15 -10.36 -3.33
CA CYS A 40 0.56 -9.06 -3.63
C CYS A 40 1.40 -7.94 -3.03
N GLU A 41 1.40 -6.78 -3.69
CA GLU A 41 2.15 -5.64 -3.21
C GLU A 41 1.37 -4.36 -3.45
N SER A 42 1.36 -3.48 -2.45
CA SER A 42 0.64 -2.21 -2.55
C SER A 42 0.88 -1.56 -3.90
N LYS A 43 -0.17 -0.92 -4.44
CA LYS A 43 -0.07 -0.26 -5.74
C LYS A 43 0.31 1.21 -5.58
N PRO A 44 1.10 1.75 -6.52
CA PRO A 44 1.54 3.16 -6.48
C PRO A 44 0.41 4.12 -6.83
N GLU A 45 0.55 5.37 -6.38
CA GLU A 45 -0.46 6.39 -6.65
C GLU A 45 -0.37 6.88 -8.10
N ALA A 46 -0.97 8.03 -8.37
CA ALA A 46 -0.95 8.61 -9.71
C ALA A 46 0.43 9.14 -10.06
N GLU A 47 0.87 10.16 -9.33
CA GLU A 47 2.18 10.76 -9.55
C GLU A 47 3.07 10.58 -8.32
N GLU A 48 3.40 11.69 -7.65
CA GLU A 48 4.25 11.64 -6.48
C GLU A 48 3.87 12.75 -5.49
N THR A 49 3.31 12.37 -4.36
CA THR A 49 2.91 13.33 -3.34
C THR A 49 3.01 12.71 -1.94
N CYS A 50 2.64 13.49 -0.93
CA CYS A 50 2.67 13.03 0.45
C CYS A 50 1.60 13.75 1.27
N PHE A 51 0.79 12.98 1.98
CA PHE A 51 -0.28 13.54 2.80
C PHE A 51 0.12 13.63 4.27
N ASP A 52 -0.34 14.68 4.92
CA ASP A 52 -0.06 14.89 6.33
C ASP A 52 -1.34 14.73 7.14
N LYS A 53 -1.39 13.70 7.96
CA LYS A 53 -2.56 13.44 8.78
C LYS A 53 -2.56 14.31 10.03
N TYR A 54 -1.56 15.20 10.11
CA TYR A 54 -1.43 16.10 11.24
C TYR A 54 -2.18 17.40 10.99
N THR A 55 -2.16 17.85 9.73
CA THR A 55 -2.84 19.08 9.35
C THR A 55 -3.93 18.81 8.33
N GLY A 56 -3.87 17.64 7.71
CA GLY A 56 -4.86 17.26 6.72
C GLY A 56 -4.62 17.89 5.37
N ASN A 57 -3.37 18.22 5.08
CA ASN A 57 -3.01 18.82 3.81
C ASN A 57 -2.08 17.92 3.00
N THR A 58 -2.13 18.05 1.69
CA THR A 58 -1.30 17.25 0.79
C THR A 58 -0.22 18.10 0.13
N TYR A 59 0.96 17.52 -0.02
CA TYR A 59 2.09 18.21 -0.65
C TYR A 59 2.65 17.35 -1.77
N ARG A 60 3.40 17.95 -2.67
CA ARG A 60 3.99 17.23 -3.78
C ARG A 60 5.46 16.92 -3.52
N VAL A 61 5.94 15.86 -4.18
CA VAL A 61 7.33 15.42 -4.05
C VAL A 61 8.31 16.59 -4.19
N GLY A 62 7.85 17.71 -4.72
CA GLY A 62 8.73 18.86 -4.88
C GLY A 62 8.24 20.07 -4.09
N ASP A 63 7.88 19.85 -2.83
CA ASP A 63 7.41 20.92 -1.98
C ASP A 63 7.87 20.73 -0.53
N THR A 64 7.72 21.77 0.27
CA THR A 64 8.11 21.73 1.68
C THR A 64 7.07 22.41 2.56
N TYR A 65 7.05 22.04 3.84
CA TYR A 65 6.10 22.63 4.77
C TYR A 65 6.62 22.60 6.21
N GLU A 66 6.10 23.50 7.04
CA GLU A 66 6.50 23.59 8.42
C GLU A 66 5.38 23.12 9.34
N ARG A 67 5.65 22.09 10.14
CA ARG A 67 4.65 21.56 11.06
C ARG A 67 5.28 21.19 12.41
N PRO A 68 4.83 21.84 13.49
CA PRO A 68 5.35 21.59 14.84
C PRO A 68 5.09 20.16 15.30
N LYS A 69 5.77 19.73 16.36
CA LYS A 69 5.61 18.39 16.89
C LYS A 69 6.45 18.20 18.15
N ASP A 70 5.87 17.52 19.15
CA ASP A 70 6.56 17.24 20.40
C ASP A 70 7.11 18.52 21.04
N SER A 71 6.26 19.53 21.16
CA SER A 71 6.64 20.81 21.76
C SER A 71 7.66 21.56 20.92
N MET A 72 8.09 20.97 19.81
CA MET A 72 9.05 21.61 18.92
C MET A 72 8.39 21.95 17.59
N ILE A 73 9.22 22.19 16.58
CA ILE A 73 8.74 22.50 15.25
C ILE A 73 9.59 21.77 14.22
N TRP A 74 8.94 20.96 13.39
CA TRP A 74 9.65 20.17 12.39
C TRP A 74 9.44 20.75 10.98
N ASP A 75 10.54 21.06 10.32
CA ASP A 75 10.48 21.58 8.95
C ASP A 75 10.50 20.40 7.98
N CYS A 76 9.43 19.62 8.00
CA CYS A 76 9.32 18.43 7.16
C CYS A 76 9.37 18.78 5.67
N THR A 77 10.11 17.96 4.94
CA THR A 77 10.26 18.11 3.50
C THR A 77 9.63 16.92 2.78
N CYS A 78 8.96 17.17 1.67
CA CYS A 78 8.33 16.11 0.90
C CYS A 78 9.22 15.64 -0.22
N ILE A 79 9.52 14.34 -0.24
CA ILE A 79 10.38 13.76 -1.26
C ILE A 79 9.56 12.87 -2.20
N GLY A 80 10.24 12.00 -2.94
CA GLY A 80 9.55 11.12 -3.86
C GLY A 80 10.47 10.52 -4.90
N ALA A 81 11.50 11.27 -5.26
CA ALA A 81 12.47 10.84 -6.26
C ALA A 81 12.78 9.35 -6.14
N GLY A 82 13.00 8.90 -4.91
CA GLY A 82 13.29 7.50 -4.68
C GLY A 82 12.12 6.60 -5.02
N ARG A 83 10.96 6.93 -4.46
CA ARG A 83 9.74 6.15 -4.69
C ARG A 83 8.53 6.86 -4.09
N GLY A 84 8.69 7.36 -2.87
CA GLY A 84 7.61 8.05 -2.20
C GLY A 84 7.81 8.09 -0.70
N ARG A 85 8.78 8.88 -0.25
CA ARG A 85 9.07 9.00 1.18
C ARG A 85 8.93 10.44 1.64
N ILE A 86 8.60 10.61 2.92
CA ILE A 86 8.45 11.94 3.51
C ILE A 86 9.47 12.16 4.62
N SER A 87 10.45 13.02 4.33
CA SER A 87 11.51 13.31 5.30
C SER A 87 11.07 14.43 6.24
N CYS A 88 11.17 14.17 7.54
CA CYS A 88 10.80 15.16 8.55
C CYS A 88 12.02 15.59 9.35
N THR A 89 12.42 16.85 9.18
CA THR A 89 13.58 17.38 9.89
C THR A 89 13.15 18.34 10.99
N ILE A 90 13.93 18.38 12.07
CA ILE A 90 13.64 19.25 13.20
C ILE A 90 14.19 20.65 12.94
N ALA A 91 13.57 21.65 13.55
CA ALA A 91 14.00 23.02 13.38
C ALA A 91 13.32 23.94 14.37
N ASN A 92 13.69 23.78 15.64
CA ASN A 92 13.14 24.58 16.71
C ASN A 92 13.59 26.04 16.60
N ARG A 93 12.66 26.90 16.19
CA ARG A 93 12.96 28.32 16.05
C ARG A 93 12.24 29.15 17.11
N SER B 13 18.87 21.32 14.20
CA SER B 13 17.92 20.85 13.15
C SER B 13 17.98 19.33 12.97
N THR B 14 17.85 18.62 14.09
CA THR B 14 17.89 17.15 14.09
C THR B 14 16.98 16.58 12.99
N THR B 15 17.61 16.02 11.95
CA THR B 15 16.85 15.44 10.84
C THR B 15 16.15 14.15 11.25
N GLU B 16 15.27 13.68 10.38
CA GLU B 16 14.52 12.46 10.61
C GLU B 16 13.73 12.07 9.36
N VAL B 17 13.56 10.77 9.14
CA VAL B 17 12.83 10.29 7.97
C VAL B 17 11.85 9.18 8.33
N GLU B 18 10.57 9.44 8.10
CA GLU B 18 9.53 8.46 8.38
C GLU B 18 9.01 7.87 7.07
N ASP B 19 9.84 7.06 6.42
CA ASP B 19 9.49 6.43 5.15
C ASP B 19 8.03 5.97 5.15
N SER B 20 7.18 6.71 4.44
CA SER B 20 5.77 6.39 4.34
C SER B 20 5.45 5.69 3.03
N LYS B 21 4.22 5.19 2.91
CA LYS B 21 3.77 4.49 1.71
C LYS B 21 4.73 3.37 1.33
N PRO B 22 4.96 2.41 2.25
CA PRO B 22 5.86 1.29 2.01
C PRO B 22 5.22 0.21 1.12
N LYS B 23 6.02 -0.78 0.73
CA LYS B 23 5.52 -1.86 -0.11
C LYS B 23 4.68 -2.84 0.71
N LEU B 24 3.40 -2.52 0.86
CA LEU B 24 2.49 -3.37 1.62
C LEU B 24 2.26 -4.71 0.94
N SER B 25 3.00 -5.72 1.39
CA SER B 25 2.89 -7.07 0.84
C SER B 25 1.81 -7.84 1.59
N ILE B 26 1.36 -8.96 1.03
CA ILE B 26 0.33 -9.76 1.67
C ILE B 26 0.67 -11.25 1.64
N HIS B 27 0.87 -11.78 0.44
CA HIS B 27 1.15 -13.20 0.28
C HIS B 27 -0.01 -14.02 0.83
N PHE B 28 -1.18 -13.84 0.22
CA PHE B 28 -2.39 -14.53 0.63
C PHE B 28 -2.18 -16.03 0.68
N ASP B 29 -2.45 -16.63 1.85
CA ASP B 29 -2.29 -18.06 2.03
C ASP B 29 -3.59 -18.72 2.51
N ASN B 30 -3.77 -19.98 2.17
CA ASN B 30 -4.97 -20.73 2.55
C ASN B 30 -4.87 -22.18 2.08
N GLU B 31 -6.01 -22.76 1.70
CA GLU B 31 -6.06 -24.13 1.22
C GLU B 31 -5.54 -24.22 -0.20
N TRP B 32 -4.84 -23.18 -0.63
CA TRP B 32 -4.28 -23.16 -1.98
C TRP B 32 -3.45 -21.91 -2.23
N PRO B 33 -4.05 -20.74 -2.01
CA PRO B 33 -3.39 -19.44 -2.20
C PRO B 33 -1.98 -19.41 -1.62
N LYS B 34 -1.73 -20.29 -0.65
CA LYS B 34 -0.41 -20.38 -0.02
C LYS B 34 0.59 -21.09 -0.91
N GLU B 35 1.72 -21.48 -0.33
CA GLU B 35 2.76 -22.18 -1.08
C GLU B 35 2.66 -23.69 -0.86
N ASP B 36 3.71 -24.41 -1.27
CA ASP B 36 3.74 -25.86 -1.12
C ASP B 36 5.16 -26.39 -1.29
N SER A 1 2.30 -29.65 -7.04
CA SER A 1 2.51 -28.49 -7.93
C SER A 1 1.75 -28.65 -9.24
N LYS A 2 0.78 -27.78 -9.46
CA LYS A 2 -0.03 -27.83 -10.68
C LYS A 2 0.07 -26.51 -11.45
N PRO A 3 0.04 -26.58 -12.79
CA PRO A 3 0.13 -25.38 -13.64
C PRO A 3 -1.12 -24.52 -13.54
N GLY A 4 -1.01 -23.42 -12.81
CA GLY A 4 -2.15 -22.52 -12.66
C GLY A 4 -2.23 -21.95 -11.25
N CYS A 5 -2.86 -20.78 -11.12
CA CYS A 5 -3.02 -20.13 -9.83
C CYS A 5 -4.43 -19.59 -9.66
N TYR A 6 -5.23 -20.28 -8.86
CA TYR A 6 -6.61 -19.88 -8.63
C TYR A 6 -6.72 -19.06 -7.33
N ASP A 7 -7.17 -17.82 -7.48
CA ASP A 7 -7.32 -16.93 -6.34
C ASP A 7 -8.61 -17.26 -5.58
N ASN A 8 -8.75 -16.70 -4.38
CA ASN A 8 -9.94 -16.94 -3.56
C ASN A 8 -11.22 -16.44 -4.23
N GLY A 9 -11.13 -16.09 -5.51
CA GLY A 9 -12.28 -15.61 -6.23
C GLY A 9 -12.24 -15.94 -7.71
N LYS A 10 -11.22 -15.46 -8.40
CA LYS A 10 -11.07 -15.71 -9.83
C LYS A 10 -9.74 -16.40 -10.14
N HIS A 11 -9.71 -17.15 -11.24
CA HIS A 11 -8.51 -17.86 -11.63
C HIS A 11 -7.75 -17.08 -12.72
N TYR A 12 -6.44 -16.92 -12.52
CA TYR A 12 -5.61 -16.20 -13.48
C TYR A 12 -4.47 -17.07 -13.97
N GLN A 13 -3.85 -16.66 -15.07
CA GLN A 13 -2.74 -17.40 -15.66
C GLN A 13 -1.49 -17.27 -14.81
N ILE A 14 -0.51 -18.14 -15.06
CA ILE A 14 0.73 -18.10 -14.31
C ILE A 14 1.49 -16.82 -14.59
N ASN A 15 2.02 -16.20 -13.53
CA ASN A 15 2.77 -14.96 -13.65
C ASN A 15 1.88 -13.81 -14.09
N GLN A 16 0.57 -14.05 -14.14
CA GLN A 16 -0.38 -13.01 -14.54
C GLN A 16 -0.46 -11.93 -13.45
N GLN A 17 -1.19 -10.85 -13.74
CA GLN A 17 -1.34 -9.77 -12.77
C GLN A 17 -2.79 -9.36 -12.63
N TRP A 18 -3.15 -8.90 -11.44
CA TRP A 18 -4.52 -8.45 -11.17
C TRP A 18 -4.56 -7.60 -9.90
N GLU A 19 -5.66 -6.87 -9.72
CA GLU A 19 -5.82 -6.01 -8.55
C GLU A 19 -6.42 -6.78 -7.37
N ARG A 20 -5.96 -6.46 -6.17
CA ARG A 20 -6.44 -7.11 -4.97
C ARG A 20 -6.25 -6.21 -3.75
N THR A 21 -7.35 -5.89 -3.06
CA THR A 21 -7.30 -5.03 -1.89
C THR A 21 -7.05 -5.84 -0.62
N TYR A 22 -6.35 -5.22 0.33
CA TYR A 22 -6.03 -5.86 1.60
C TYR A 22 -6.25 -4.90 2.76
N LEU A 23 -7.35 -5.10 3.48
CA LEU A 23 -7.71 -4.27 4.63
C LEU A 23 -8.19 -2.88 4.21
N GLY A 24 -7.54 -2.30 3.21
CA GLY A 24 -7.94 -0.98 2.74
C GLY A 24 -7.02 -0.44 1.66
N ASN A 25 -6.04 -1.23 1.25
CA ASN A 25 -5.11 -0.82 0.21
C ASN A 25 -5.19 -1.73 -0.99
N ALA A 26 -5.09 -1.16 -2.19
CA ALA A 26 -5.15 -1.94 -3.41
C ALA A 26 -3.75 -2.27 -3.89
N LEU A 27 -3.43 -3.56 -3.84
CA LEU A 27 -2.12 -4.03 -4.25
C LEU A 27 -2.19 -4.87 -5.51
N VAL A 28 -1.14 -4.81 -6.33
CA VAL A 28 -1.08 -5.57 -7.57
C VAL A 28 -0.52 -6.97 -7.29
N CYS A 29 -1.40 -7.96 -7.30
CA CYS A 29 -1.00 -9.33 -7.02
C CYS A 29 -0.42 -10.02 -8.26
N THR A 30 0.59 -10.85 -8.02
CA THR A 30 1.26 -11.59 -9.08
C THR A 30 0.91 -13.07 -8.99
N CYS A 31 0.92 -13.76 -10.12
CA CYS A 31 0.60 -15.18 -10.15
C CYS A 31 1.86 -16.05 -10.12
N TYR A 32 1.79 -17.16 -9.39
CA TYR A 32 2.91 -18.08 -9.28
C TYR A 32 2.54 -19.44 -9.85
N GLY A 33 1.32 -19.87 -9.59
CA GLY A 33 0.85 -21.16 -10.07
C GLY A 33 1.21 -22.30 -9.15
N GLY A 34 0.22 -22.77 -8.38
CA GLY A 34 0.48 -23.88 -7.47
C GLY A 34 0.32 -23.50 -6.02
N SER A 35 0.98 -24.25 -5.14
CA SER A 35 0.93 -24.00 -3.71
C SER A 35 1.72 -22.74 -3.33
N ARG A 36 2.35 -22.13 -4.33
CA ARG A 36 3.14 -20.93 -4.10
C ARG A 36 2.24 -19.72 -3.89
N GLY A 37 0.96 -19.88 -4.19
CA GLY A 37 0.01 -18.80 -4.02
C GLY A 37 0.40 -17.56 -4.81
N PHE A 38 -0.24 -16.44 -4.51
CA PHE A 38 0.05 -15.18 -5.21
C PHE A 38 0.61 -14.14 -4.25
N ASN A 39 1.49 -13.29 -4.76
CA ASN A 39 2.10 -12.24 -3.96
C ASN A 39 1.46 -10.88 -4.26
N CYS A 40 1.04 -10.17 -3.23
CA CYS A 40 0.41 -8.87 -3.41
C CYS A 40 1.33 -7.75 -2.92
N GLU A 41 1.48 -6.73 -3.76
CA GLU A 41 2.32 -5.58 -3.42
C GLU A 41 1.61 -4.29 -3.80
N SER A 42 1.62 -3.31 -2.89
CA SER A 42 0.97 -2.02 -3.12
C SER A 42 1.10 -1.59 -4.58
N LYS A 43 0.05 -0.97 -5.10
CA LYS A 43 0.06 -0.51 -6.49
C LYS A 43 0.57 0.92 -6.59
N PRO A 44 1.10 1.30 -7.77
CA PRO A 44 1.64 2.65 -8.00
C PRO A 44 0.58 3.73 -7.83
N GLU A 45 0.99 4.99 -7.99
CA GLU A 45 0.10 6.12 -7.84
C GLU A 45 -1.09 6.07 -8.78
N ALA A 46 -1.61 7.26 -9.07
CA ALA A 46 -2.77 7.38 -9.96
C ALA A 46 -2.80 8.75 -10.63
N GLU A 47 -2.20 9.75 -9.99
CA GLU A 47 -2.17 11.09 -10.53
C GLU A 47 -0.84 11.37 -11.23
N GLU A 48 0.24 10.90 -10.65
CA GLU A 48 1.58 11.11 -11.22
C GLU A 48 1.70 10.47 -12.60
N THR A 49 2.65 10.96 -13.38
CA THR A 49 2.87 10.47 -14.74
C THR A 49 4.36 10.24 -15.00
N CYS A 50 4.69 9.86 -16.23
CA CYS A 50 6.07 9.61 -16.63
C CYS A 50 6.25 9.96 -18.11
N PHE A 51 7.29 10.73 -18.42
CA PHE A 51 7.53 11.15 -19.80
C PHE A 51 8.72 10.43 -20.43
N ASP A 52 8.56 10.08 -21.69
CA ASP A 52 9.62 9.44 -22.47
C ASP A 52 10.05 10.40 -23.55
N LYS A 53 11.35 10.67 -23.63
CA LYS A 53 11.87 11.61 -24.62
C LYS A 53 12.31 10.87 -25.88
N TYR A 54 11.90 9.63 -26.00
CA TYR A 54 12.23 8.81 -27.16
C TYR A 54 11.17 8.96 -28.24
N THR A 55 9.92 9.16 -27.81
CA THR A 55 8.80 9.33 -28.72
C THR A 55 8.07 10.64 -28.44
N GLY A 56 8.48 11.32 -27.37
CA GLY A 56 7.87 12.58 -27.00
C GLY A 56 6.44 12.43 -26.51
N ASN A 57 6.15 11.30 -25.88
CA ASN A 57 4.81 11.04 -25.36
C ASN A 57 4.83 10.86 -23.85
N THR A 58 3.69 11.10 -23.21
CA THR A 58 3.57 10.97 -21.77
C THR A 58 2.64 9.82 -21.40
N TYR A 59 3.00 9.11 -20.32
CA TYR A 59 2.22 8.00 -19.83
C TYR A 59 1.87 8.22 -18.36
N ARG A 60 0.84 7.54 -17.88
CA ARG A 60 0.44 7.70 -16.50
C ARG A 60 1.04 6.61 -15.62
N VAL A 61 1.47 7.01 -14.42
CA VAL A 61 2.09 6.12 -13.45
C VAL A 61 1.56 4.67 -13.52
N GLY A 62 0.31 4.50 -13.92
CA GLY A 62 -0.26 3.16 -14.01
C GLY A 62 -0.65 2.79 -15.42
N ASP A 63 0.27 2.97 -16.36
CA ASP A 63 0.01 2.65 -17.75
C ASP A 63 1.24 2.00 -18.39
N THR A 64 1.03 1.35 -19.53
CA THR A 64 2.12 0.68 -20.24
C THR A 64 2.32 1.26 -21.64
N TYR A 65 3.49 1.01 -22.21
CA TYR A 65 3.80 1.50 -23.56
C TYR A 65 4.92 0.69 -24.20
N GLU A 66 4.73 0.33 -25.46
CA GLU A 66 5.73 -0.44 -26.19
C GLU A 66 6.38 0.41 -27.28
N ARG A 67 7.70 0.58 -27.18
CA ARG A 67 8.44 1.37 -28.15
C ARG A 67 9.76 0.69 -28.49
N PRO A 68 10.18 0.76 -29.78
CA PRO A 68 11.44 0.15 -30.23
C PRO A 68 12.66 0.93 -29.73
N LYS A 69 13.79 0.23 -29.65
CA LYS A 69 15.03 0.85 -29.18
C LYS A 69 16.21 -0.10 -29.38
N ASP A 70 17.28 0.41 -29.99
CA ASP A 70 18.49 -0.38 -30.22
C ASP A 70 18.19 -1.62 -31.06
N SER A 71 17.50 -1.43 -32.18
CA SER A 71 17.16 -2.52 -33.08
C SER A 71 16.19 -3.52 -32.44
N MET A 72 15.83 -3.28 -31.18
CA MET A 72 14.91 -4.16 -30.47
C MET A 72 13.61 -3.41 -30.15
N ILE A 73 12.81 -3.98 -29.27
CA ILE A 73 11.55 -3.37 -28.89
C ILE A 73 11.26 -3.65 -27.41
N TRP A 74 10.97 -2.59 -26.66
CA TRP A 74 10.69 -2.71 -25.23
C TRP A 74 9.21 -2.49 -24.94
N ASP A 75 8.62 -3.38 -24.13
CA ASP A 75 7.23 -3.26 -23.75
C ASP A 75 7.09 -2.36 -22.53
N CYS A 76 8.02 -1.40 -22.44
CA CYS A 76 8.12 -0.44 -21.35
C CYS A 76 6.86 -0.35 -20.50
N THR A 77 7.08 -0.33 -19.18
CA THR A 77 6.00 -0.21 -18.21
C THR A 77 6.22 1.00 -17.31
N CYS A 78 5.17 1.78 -17.11
CA CYS A 78 5.28 2.97 -16.27
C CYS A 78 4.82 2.65 -14.86
N ILE A 79 5.72 2.87 -13.90
CA ILE A 79 5.43 2.59 -12.50
C ILE A 79 5.17 3.89 -11.74
N GLY A 80 4.93 3.77 -10.44
CA GLY A 80 4.68 4.95 -9.63
C GLY A 80 5.97 5.64 -9.26
N ALA A 81 6.63 6.23 -10.26
CA ALA A 81 7.89 6.91 -10.07
C ALA A 81 7.88 7.83 -8.86
N GLY A 82 6.69 8.30 -8.48
CA GLY A 82 6.57 9.17 -7.33
C GLY A 82 6.86 8.43 -6.04
N ARG A 83 7.27 7.18 -6.17
CA ARG A 83 7.59 6.33 -5.04
C ARG A 83 8.29 5.07 -5.51
N GLY A 84 8.52 4.98 -6.82
CA GLY A 84 9.18 3.82 -7.39
C GLY A 84 10.09 4.20 -8.54
N ARG A 85 9.55 4.15 -9.77
CA ARG A 85 10.33 4.48 -10.97
C ARG A 85 9.57 4.14 -12.26
N ILE A 86 10.33 3.92 -13.32
CA ILE A 86 9.78 3.54 -14.62
C ILE A 86 10.44 2.24 -15.07
N SER A 87 9.68 1.15 -15.03
CA SER A 87 10.22 -0.16 -15.39
C SER A 87 10.11 -0.41 -16.89
N CYS A 88 11.25 -0.53 -17.55
CA CYS A 88 11.27 -0.80 -18.98
C CYS A 88 12.02 -2.09 -19.28
N THR A 89 11.28 -3.12 -19.63
CA THR A 89 11.86 -4.42 -19.94
C THR A 89 11.81 -4.70 -21.44
N ILE A 90 12.77 -5.50 -21.91
CA ILE A 90 12.83 -5.84 -23.32
C ILE A 90 11.86 -6.97 -23.64
N ALA A 91 11.42 -7.05 -24.89
CA ALA A 91 10.50 -8.09 -25.30
C ALA A 91 10.43 -8.21 -26.81
N ASN A 92 11.53 -8.65 -27.39
CA ASN A 92 11.62 -8.82 -28.83
C ASN A 92 10.94 -10.10 -29.28
N ARG A 93 9.82 -9.96 -29.97
CA ARG A 93 9.07 -11.10 -30.47
C ARG A 93 9.30 -11.31 -31.96
N SER B 13 13.20 -11.46 -23.27
CA SER B 13 12.96 -10.26 -22.44
C SER B 13 14.24 -9.81 -21.72
N THR B 14 14.27 -8.55 -21.29
CA THR B 14 15.43 -8.01 -20.59
C THR B 14 15.03 -6.79 -19.74
N THR B 15 14.81 -7.03 -18.45
CA THR B 15 14.41 -5.96 -17.54
C THR B 15 15.43 -4.83 -17.51
N GLU B 16 14.96 -3.63 -17.19
CA GLU B 16 15.81 -2.45 -17.13
C GLU B 16 15.17 -1.36 -16.27
N VAL B 17 14.48 -1.76 -15.21
CA VAL B 17 13.83 -0.80 -14.32
C VAL B 17 14.86 -0.09 -13.44
N GLU B 18 14.49 1.07 -12.93
CA GLU B 18 15.39 1.83 -12.06
C GLU B 18 15.59 1.12 -10.73
N ASP B 19 14.50 0.89 -10.00
CA ASP B 19 14.56 0.21 -8.72
C ASP B 19 13.17 -0.05 -8.14
N SER B 20 13.14 -0.48 -6.89
CA SER B 20 11.88 -0.77 -6.19
C SER B 20 12.16 -1.06 -4.73
N LYS B 21 11.73 -0.15 -3.85
CA LYS B 21 11.94 -0.31 -2.42
C LYS B 21 10.61 -0.38 -1.64
N PRO B 22 9.72 0.62 -1.81
CA PRO B 22 8.43 0.64 -1.10
C PRO B 22 7.50 -0.49 -1.53
N LYS B 23 6.20 -0.20 -1.60
CA LYS B 23 5.20 -1.19 -2.00
C LYS B 23 5.08 -2.30 -0.95
N LEU B 24 3.90 -2.40 -0.36
CA LEU B 24 3.64 -3.42 0.66
C LEU B 24 3.78 -4.83 0.09
N SER B 25 5.00 -5.35 0.12
CA SER B 25 5.26 -6.69 -0.41
C SER B 25 4.64 -7.76 0.50
N ILE B 26 3.76 -8.57 -0.07
CA ILE B 26 3.09 -9.62 0.68
C ILE B 26 3.01 -10.91 -0.14
N HIS B 27 3.07 -12.05 0.53
CA HIS B 27 3.00 -13.33 -0.15
C HIS B 27 1.81 -14.15 0.36
N PHE B 28 0.62 -13.78 -0.09
CA PHE B 28 -0.61 -14.46 0.32
C PHE B 28 -0.57 -15.93 -0.09
N ASP B 29 -0.37 -16.81 0.89
CA ASP B 29 -0.31 -18.25 0.63
C ASP B 29 -1.50 -18.96 1.26
N ASN B 30 -2.39 -19.47 0.42
CA ASN B 30 -3.57 -20.17 0.90
C ASN B 30 -3.77 -21.48 0.15
N GLU B 31 -4.44 -22.43 0.80
CA GLU B 31 -4.70 -23.74 0.19
C GLU B 31 -5.95 -23.70 -0.68
N TRP B 32 -6.08 -24.68 -1.56
CA TRP B 32 -7.23 -24.77 -2.45
C TRP B 32 -8.51 -25.01 -1.66
N PRO B 33 -9.45 -24.03 -1.68
CA PRO B 33 -10.73 -24.16 -0.96
C PRO B 33 -11.51 -25.39 -1.39
N LYS B 34 -11.26 -25.85 -2.61
CA LYS B 34 -11.95 -27.02 -3.14
C LYS B 34 -11.44 -28.30 -2.49
N GLU B 35 -11.92 -29.44 -2.97
CA GLU B 35 -11.51 -30.74 -2.44
C GLU B 35 -10.09 -31.08 -2.88
N ASP B 36 -9.44 -31.96 -2.13
CA ASP B 36 -8.08 -32.37 -2.43
C ASP B 36 -7.95 -33.89 -2.45
#